data_2QDH
#
_entry.id   2QDH
#
_cell.length_a   85.053
_cell.length_b   115.946
_cell.length_c   161.657
_cell.angle_alpha   90.00
_cell.angle_beta   90.00
_cell.angle_gamma   90.00
#
_symmetry.space_group_name_H-M   'P 21 21 21'
#
loop_
_entity.id
_entity.type
_entity.pdbx_description
1 polymer 'Fructose-1,6-bisphosphate aldolase'
2 non-polymer D-MANNITOL-1,6-DIPHOSPHATE
3 water water
#
_entity_poly.entity_id   1
_entity_poly.type   'polypeptide(L)'
_entity_poly.pdbx_seq_one_letter_code
;MGSSHHHHHHSSGLVPRGSHMSRVTVLQSQLPAYNRLKTPYESELIATVKKLTTPGKGLLAADESIGSCTKRFQPIGLSN
TEEHRRQYRALMLEAEGFEQYISGVILHDETVGQKASNGQTFPEYLTARGVVPGIKTDMGLCPLLEGAEGEQMTEGLDGY
VKRASAYYKKGCRFCKWRNVYKIQNGTVSESAVRFNAETLARYAILSQMSGLVPIVEPEVMIDGKHDIDTCQRVSEHVWR
EVVAALQRHGVIWEGCLLKPNMVVPGAESGKTAAPEQVAHYTVMTLARTMPAMLPGVMFLSGGLSEVQASEYLNAINNSP
LPRPYFLSFSYARALQSSALKAWGGKESGLAAGRRAFLHRARMNSMAQLGKYKRSDDDASSSSLYVKGNTY
;
_entity_poly.pdbx_strand_id   A,B,C,D
#
loop_
_chem_comp.id
_chem_comp.type
_chem_comp.name
_chem_comp.formula
M2P non-polymer D-MANNITOL-1,6-DIPHOSPHATE 'C6 H16 O12 P2'
#
# COMPACT_ATOMS: atom_id res chain seq x y z
N MET A 21 21.02 -11.15 13.15
CA MET A 21 21.81 -11.73 14.27
C MET A 21 22.26 -10.64 15.24
N SER A 22 22.42 -9.42 14.73
CA SER A 22 22.86 -8.30 15.54
C SER A 22 21.70 -7.42 16.02
N ARG A 23 21.90 -6.76 17.16
CA ARG A 23 20.90 -5.90 17.76
C ARG A 23 21.20 -4.43 17.53
N VAL A 24 20.23 -3.59 17.87
CA VAL A 24 20.39 -2.15 17.73
C VAL A 24 19.38 -1.46 18.64
N THR A 25 19.79 -0.37 19.26
CA THR A 25 18.90 0.37 20.15
C THR A 25 18.29 1.50 19.33
N VAL A 26 16.96 1.56 19.32
CA VAL A 26 16.26 2.60 18.58
C VAL A 26 15.23 3.28 19.48
N LEU A 27 14.65 4.38 18.99
CA LEU A 27 13.62 5.07 19.74
C LEU A 27 12.34 4.28 19.47
N GLN A 28 11.46 4.20 20.48
CA GLN A 28 10.21 3.48 20.31
C GLN A 28 9.40 4.13 19.19
N SER A 29 9.49 5.44 19.11
CA SER A 29 8.78 6.22 18.12
C SER A 29 9.22 5.93 16.70
N GLN A 30 10.30 5.17 16.54
CA GLN A 30 10.79 4.83 15.21
C GLN A 30 10.22 3.51 14.73
N LEU A 31 9.58 2.77 15.63
CA LEU A 31 8.98 1.49 15.29
C LEU A 31 7.53 1.67 14.81
N PRO A 32 7.16 0.99 13.71
CA PRO A 32 5.82 1.05 13.12
C PRO A 32 4.66 0.91 14.10
N ALA A 33 4.72 -0.07 15.00
CA ALA A 33 3.63 -0.29 15.94
C ALA A 33 3.41 0.84 16.95
N TYR A 34 4.37 1.75 17.07
CA TYR A 34 4.24 2.84 18.03
C TYR A 34 4.01 4.19 17.37
N ASN A 35 3.15 4.22 16.34
CA ASN A 35 2.87 5.45 15.61
C ASN A 35 1.67 6.28 16.07
N ARG A 36 1.03 5.91 17.19
CA ARG A 36 -0.13 6.68 17.63
C ARG A 36 0.30 8.10 17.98
N LEU A 37 -0.42 9.08 17.45
CA LEU A 37 -0.08 10.46 17.72
C LEU A 37 -0.07 10.70 19.23
N LYS A 38 0.94 11.40 19.73
CA LYS A 38 1.00 11.69 21.15
C LYS A 38 0.87 13.21 21.31
N THR A 39 -0.14 13.61 22.07
CA THR A 39 -0.40 15.03 22.33
C THR A 39 -0.91 15.25 23.74
N PRO A 40 -0.55 16.40 24.35
CA PRO A 40 -0.98 16.74 25.70
C PRO A 40 -2.45 17.15 25.70
N TYR A 41 -3.00 17.31 24.51
CA TYR A 41 -4.40 17.70 24.34
C TYR A 41 -5.35 16.50 24.29
N GLU A 42 -4.83 15.28 24.41
CA GLU A 42 -5.71 14.12 24.31
C GLU A 42 -6.92 14.20 25.23
N SER A 43 -6.69 14.41 26.53
CA SER A 43 -7.78 14.49 27.49
C SER A 43 -8.83 15.51 27.09
N GLU A 44 -8.39 16.72 26.79
CA GLU A 44 -9.32 17.78 26.40
C GLU A 44 -10.01 17.45 25.07
N LEU A 45 -9.32 16.73 24.20
CA LEU A 45 -9.89 16.35 22.92
C LEU A 45 -11.07 15.42 23.15
N ILE A 46 -10.85 14.40 23.97
CA ILE A 46 -11.89 13.43 24.28
C ILE A 46 -13.05 14.14 24.99
N ALA A 47 -12.72 15.02 25.92
CA ALA A 47 -13.76 15.77 26.64
C ALA A 47 -14.61 16.52 25.63
N THR A 48 -13.97 17.05 24.59
CA THR A 48 -14.67 17.80 23.56
C THR A 48 -15.56 16.88 22.74
N VAL A 49 -15.11 15.65 22.48
CA VAL A 49 -15.92 14.72 21.72
C VAL A 49 -17.20 14.42 22.52
N LYS A 50 -17.03 14.20 23.83
CA LYS A 50 -18.16 13.93 24.72
C LYS A 50 -19.23 15.01 24.58
N LYS A 51 -18.80 16.26 24.50
CA LYS A 51 -19.74 17.38 24.35
C LYS A 51 -20.42 17.35 22.99
N LEU A 52 -19.65 17.03 21.95
CA LEU A 52 -20.19 17.00 20.60
C LEU A 52 -21.04 15.77 20.33
N THR A 53 -21.03 14.82 21.26
CA THR A 53 -21.82 13.61 21.13
C THR A 53 -22.82 13.49 22.27
N THR A 54 -23.63 14.54 22.42
CA THR A 54 -24.67 14.57 23.46
C THR A 54 -26.00 14.23 22.81
N PRO A 55 -26.66 13.16 23.28
CA PRO A 55 -27.95 12.73 22.74
C PRO A 55 -28.96 13.85 22.56
N GLY A 56 -29.58 13.88 21.38
CA GLY A 56 -30.56 14.89 21.06
C GLY A 56 -29.95 16.14 20.47
N LYS A 57 -28.62 16.21 20.41
CA LYS A 57 -27.94 17.38 19.87
C LYS A 57 -27.05 17.12 18.66
N GLY A 58 -26.98 18.12 17.78
CA GLY A 58 -26.17 18.03 16.60
C GLY A 58 -25.35 19.30 16.41
N LEU A 59 -24.70 19.44 15.25
CA LEU A 59 -23.88 20.60 14.99
C LEU A 59 -24.50 21.49 13.93
N LEU A 60 -24.20 22.77 14.00
CA LEU A 60 -24.71 23.73 13.02
C LEU A 60 -23.52 24.11 12.14
N ALA A 61 -23.62 23.81 10.85
CA ALA A 61 -22.55 24.13 9.91
C ALA A 61 -22.76 25.54 9.35
N ALA A 62 -22.02 26.50 9.90
CA ALA A 62 -22.13 27.90 9.46
C ALA A 62 -20.79 28.42 8.95
N ASP A 63 -20.00 27.53 8.35
CA ASP A 63 -18.68 27.87 7.81
C ASP A 63 -18.66 28.26 6.34
N GLU A 64 -19.80 28.69 5.80
CA GLU A 64 -19.88 29.09 4.40
C GLU A 64 -18.85 30.16 4.09
N SER A 65 -18.25 30.07 2.91
CA SER A 65 -17.24 31.05 2.49
C SER A 65 -17.95 32.28 1.95
N ILE A 66 -17.20 33.36 1.78
CA ILE A 66 -17.77 34.60 1.27
C ILE A 66 -18.42 34.32 -0.08
N GLY A 67 -17.80 33.45 -0.86
CA GLY A 67 -18.34 33.10 -2.16
C GLY A 67 -19.58 32.23 -2.05
N SER A 68 -19.74 31.56 -0.91
CA SER A 68 -20.90 30.70 -0.69
C SER A 68 -22.06 31.51 -0.11
N CYS A 69 -21.76 32.67 0.45
CA CYS A 69 -22.80 33.52 1.01
C CYS A 69 -23.50 34.27 -0.11
N THR A 70 -22.83 34.36 -1.26
CA THR A 70 -23.39 35.04 -2.42
C THR A 70 -24.66 34.34 -2.89
N LYS A 71 -24.63 33.01 -2.90
CA LYS A 71 -25.76 32.20 -3.35
C LYS A 71 -26.84 32.01 -2.28
N ARG A 72 -26.48 32.24 -1.03
CA ARG A 72 -27.44 32.10 0.07
C ARG A 72 -28.24 33.39 0.21
N PHE A 73 -27.59 34.52 -0.06
CA PHE A 73 -28.25 35.81 0.03
C PHE A 73 -28.97 36.15 -1.27
N GLN A 74 -28.71 35.36 -2.30
CA GLN A 74 -29.35 35.56 -3.59
C GLN A 74 -30.88 35.55 -3.50
N PRO A 75 -31.47 34.52 -2.87
CA PRO A 75 -32.91 34.38 -2.71
C PRO A 75 -33.62 35.57 -2.05
N ILE A 76 -33.14 35.98 -0.87
CA ILE A 76 -33.75 37.10 -0.15
C ILE A 76 -33.15 38.46 -0.50
N GLY A 77 -32.34 38.49 -1.55
CA GLY A 77 -31.70 39.74 -1.98
C GLY A 77 -30.99 40.54 -0.90
N LEU A 78 -29.88 39.99 -0.41
CA LEU A 78 -29.10 40.66 0.62
C LEU A 78 -27.66 40.85 0.12
N SER A 79 -27.13 42.07 0.23
CA SER A 79 -25.78 42.33 -0.23
C SER A 79 -24.75 41.56 0.58
N ASN A 80 -23.80 40.94 -0.10
CA ASN A 80 -22.76 40.17 0.58
C ASN A 80 -21.73 41.10 1.19
N THR A 81 -21.96 41.50 2.43
CA THR A 81 -21.05 42.40 3.14
C THR A 81 -20.64 41.75 4.45
N GLU A 82 -19.51 42.18 5.00
CA GLU A 82 -19.05 41.61 6.26
C GLU A 82 -20.14 41.73 7.32
N GLU A 83 -20.83 42.87 7.31
CA GLU A 83 -21.89 43.12 8.27
C GLU A 83 -23.09 42.19 8.06
N HIS A 84 -23.58 42.12 6.83
CA HIS A 84 -24.71 41.26 6.52
C HIS A 84 -24.41 39.80 6.83
N ARG A 85 -23.14 39.41 6.67
CA ARG A 85 -22.75 38.04 6.96
C ARG A 85 -22.72 37.85 8.48
N ARG A 86 -22.35 38.90 9.20
CA ARG A 86 -22.29 38.82 10.66
C ARG A 86 -23.69 38.57 11.21
N GLN A 87 -24.66 39.31 10.69
CA GLN A 87 -26.05 39.20 11.13
C GLN A 87 -26.63 37.85 10.73
N TYR A 88 -26.29 37.42 9.52
CA TYR A 88 -26.74 36.16 8.98
C TYR A 88 -26.44 35.01 9.95
N ARG A 89 -25.23 35.03 10.50
CA ARG A 89 -24.82 33.99 11.43
C ARG A 89 -25.33 34.29 12.85
N ALA A 90 -25.42 35.57 13.19
CA ALA A 90 -25.92 35.97 14.50
C ALA A 90 -27.36 35.48 14.62
N LEU A 91 -28.10 35.61 13.51
CA LEU A 91 -29.48 35.17 13.43
C LEU A 91 -29.65 33.83 14.13
N MET A 92 -28.75 32.90 13.84
CA MET A 92 -28.80 31.56 14.41
C MET A 92 -28.04 31.43 15.72
N LEU A 93 -26.87 32.05 15.82
CA LEU A 93 -26.06 31.95 17.02
C LEU A 93 -26.69 32.60 18.25
N GLU A 94 -27.42 33.69 18.05
CA GLU A 94 -28.07 34.37 19.16
C GLU A 94 -29.54 34.00 19.26
N ALA A 95 -29.90 32.85 18.68
CA ALA A 95 -31.27 32.36 18.73
C ALA A 95 -31.44 31.70 20.09
N GLU A 96 -32.12 32.41 21.00
CA GLU A 96 -32.34 31.92 22.36
C GLU A 96 -32.80 30.47 22.46
N GLY A 97 -32.11 29.72 23.31
CA GLY A 97 -32.46 28.33 23.53
C GLY A 97 -32.04 27.32 22.48
N PHE A 98 -31.13 27.69 21.57
CA PHE A 98 -30.72 26.73 20.54
C PHE A 98 -29.71 25.72 21.10
N GLU A 99 -29.10 26.05 22.23
CA GLU A 99 -28.12 25.18 22.87
C GLU A 99 -28.74 23.85 23.27
N GLN A 100 -30.06 23.78 23.31
CA GLN A 100 -30.72 22.54 23.69
C GLN A 100 -30.70 21.54 22.54
N TYR A 101 -30.40 22.03 21.33
CA TYR A 101 -30.36 21.19 20.14
C TYR A 101 -28.97 21.15 19.50
N ILE A 102 -28.19 22.20 19.70
CA ILE A 102 -26.86 22.29 19.11
C ILE A 102 -25.74 22.18 20.16
N SER A 103 -24.80 21.26 19.92
CA SER A 103 -23.69 21.05 20.84
C SER A 103 -22.44 21.81 20.41
N GLY A 104 -22.38 22.15 19.12
CA GLY A 104 -21.23 22.87 18.60
C GLY A 104 -21.53 23.54 17.28
N VAL A 105 -20.81 24.61 16.97
CA VAL A 105 -21.03 25.32 15.72
C VAL A 105 -19.75 25.47 14.91
N ILE A 106 -19.82 25.13 13.61
CA ILE A 106 -18.66 25.26 12.74
C ILE A 106 -18.71 26.65 12.13
N LEU A 107 -17.77 27.50 12.53
CA LEU A 107 -17.70 28.87 12.06
C LEU A 107 -16.74 29.06 10.89
N HIS A 108 -16.94 30.13 10.15
CA HIS A 108 -16.07 30.48 9.06
C HIS A 108 -14.96 31.32 9.68
N ASP A 109 -13.84 31.46 9.00
CA ASP A 109 -12.71 32.21 9.52
C ASP A 109 -13.04 33.56 10.15
N GLU A 110 -13.68 34.44 9.40
CA GLU A 110 -14.00 35.77 9.89
C GLU A 110 -14.97 35.82 11.08
N THR A 111 -15.92 34.89 11.11
CA THR A 111 -16.89 34.86 12.18
C THR A 111 -16.22 34.60 13.52
N VAL A 112 -15.07 33.94 13.48
CA VAL A 112 -14.31 33.63 14.68
C VAL A 112 -13.92 34.94 15.38
N GLY A 113 -13.67 35.97 14.57
CA GLY A 113 -13.26 37.25 15.10
C GLY A 113 -14.39 38.26 15.28
N GLN A 114 -15.54 38.00 14.68
CA GLN A 114 -16.66 38.91 14.80
C GLN A 114 -17.27 38.83 16.21
N LYS A 115 -18.00 39.87 16.58
CA LYS A 115 -18.59 39.97 17.91
C LYS A 115 -20.11 39.84 17.97
N ALA A 116 -20.60 39.31 19.09
CA ALA A 116 -22.02 39.15 19.31
C ALA A 116 -22.55 40.52 19.74
N SER A 117 -23.87 40.66 19.86
CA SER A 117 -24.44 41.96 20.23
C SER A 117 -24.10 42.42 21.65
N ASN A 118 -23.41 41.58 22.41
CA ASN A 118 -23.02 41.96 23.77
C ASN A 118 -21.54 42.34 23.86
N GLY A 119 -20.88 42.41 22.70
CA GLY A 119 -19.49 42.79 22.68
C GLY A 119 -18.44 41.69 22.73
N GLN A 120 -18.84 40.47 23.04
CA GLN A 120 -17.86 39.39 23.08
C GLN A 120 -17.90 38.56 21.80
N THR A 121 -16.75 38.02 21.44
CA THR A 121 -16.62 37.22 20.23
C THR A 121 -17.55 36.01 20.29
N PHE A 122 -18.00 35.57 19.12
CA PHE A 122 -18.89 34.41 19.04
C PHE A 122 -18.33 33.21 19.81
N PRO A 123 -17.01 32.95 19.70
CA PRO A 123 -16.46 31.82 20.44
C PRO A 123 -16.69 31.97 21.96
N GLU A 124 -16.46 33.18 22.47
CA GLU A 124 -16.65 33.47 23.90
C GLU A 124 -18.14 33.37 24.20
N TYR A 125 -18.94 33.88 23.26
CA TYR A 125 -20.39 33.88 23.39
C TYR A 125 -20.93 32.45 23.49
N LEU A 126 -20.54 31.61 22.53
CA LEU A 126 -20.98 30.23 22.50
C LEU A 126 -20.50 29.44 23.72
N THR A 127 -19.23 29.60 24.07
CA THR A 127 -18.69 28.90 25.23
C THR A 127 -19.49 29.17 26.50
N ALA A 128 -19.83 30.43 26.73
CA ALA A 128 -20.59 30.81 27.90
C ALA A 128 -22.01 30.24 27.82
N ARG A 129 -22.44 29.95 26.60
CA ARG A 129 -23.77 29.41 26.34
C ARG A 129 -23.77 27.88 26.29
N GLY A 130 -22.65 27.28 26.68
CA GLY A 130 -22.56 25.83 26.68
C GLY A 130 -22.34 25.18 25.32
N VAL A 131 -22.18 26.01 24.29
CA VAL A 131 -21.96 25.50 22.94
C VAL A 131 -20.47 25.51 22.62
N VAL A 132 -20.02 24.51 21.87
CA VAL A 132 -18.61 24.41 21.50
C VAL A 132 -18.31 25.14 20.19
N PRO A 133 -17.29 26.00 20.20
CA PRO A 133 -16.91 26.76 19.00
C PRO A 133 -16.02 25.91 18.08
N GLY A 134 -16.36 25.87 16.80
CA GLY A 134 -15.59 25.10 15.85
C GLY A 134 -15.17 25.97 14.68
N ILE A 135 -14.13 25.54 13.97
CA ILE A 135 -13.62 26.30 12.83
C ILE A 135 -13.31 25.42 11.63
N LYS A 136 -13.73 25.89 10.45
CA LYS A 136 -13.47 25.17 9.21
C LYS A 136 -12.07 25.64 8.82
N THR A 137 -11.13 24.71 8.74
CA THR A 137 -9.75 25.06 8.43
C THR A 137 -9.20 24.77 7.04
N ASP A 138 -9.97 24.13 6.17
CA ASP A 138 -9.48 23.84 4.83
C ASP A 138 -9.48 25.10 3.96
N MET A 139 -8.68 25.10 2.91
CA MET A 139 -8.60 26.26 2.03
C MET A 139 -9.30 26.08 0.70
N GLY A 140 -10.28 25.19 0.64
CA GLY A 140 -11.02 25.01 -0.59
C GLY A 140 -10.60 23.94 -1.58
N LEU A 141 -11.48 23.70 -2.55
CA LEU A 141 -11.27 22.71 -3.58
C LEU A 141 -10.44 23.25 -4.74
N CYS A 142 -9.68 22.36 -5.36
CA CYS A 142 -8.84 22.70 -6.51
C CYS A 142 -8.82 21.47 -7.39
N PRO A 143 -8.49 21.63 -8.68
CA PRO A 143 -8.45 20.47 -9.56
C PRO A 143 -7.43 19.49 -9.00
N LEU A 144 -7.74 18.21 -9.08
CA LEU A 144 -6.84 17.17 -8.59
C LEU A 144 -5.55 17.11 -9.41
N LEU A 145 -5.68 17.30 -10.73
CA LEU A 145 -4.55 17.28 -11.67
C LEU A 145 -3.94 15.88 -11.81
N GLU A 146 -4.71 14.87 -11.41
CA GLU A 146 -4.35 13.47 -11.52
C GLU A 146 -5.71 12.82 -11.66
N GLY A 147 -5.75 11.57 -12.10
CA GLY A 147 -7.03 10.91 -12.24
C GLY A 147 -7.90 11.43 -13.37
N ALA A 148 -9.19 11.58 -13.08
CA ALA A 148 -10.16 12.03 -14.08
C ALA A 148 -10.59 13.48 -13.96
N GLU A 149 -10.93 14.07 -15.10
CA GLU A 149 -11.39 15.44 -15.15
C GLU A 149 -12.62 15.58 -14.26
N GLY A 150 -12.65 16.66 -13.48
CA GLY A 150 -13.78 16.89 -12.59
C GLY A 150 -13.46 16.53 -11.16
N GLU A 151 -12.37 15.80 -10.93
CA GLU A 151 -11.98 15.41 -9.59
C GLU A 151 -11.23 16.55 -8.92
N GLN A 152 -11.45 16.68 -7.61
CA GLN A 152 -10.85 17.77 -6.85
C GLN A 152 -10.15 17.37 -5.56
N MET A 153 -9.14 18.13 -5.20
CA MET A 153 -8.40 17.91 -3.97
C MET A 153 -8.65 19.14 -3.11
N THR A 154 -8.21 19.10 -1.86
CA THR A 154 -8.40 20.26 -1.00
C THR A 154 -7.05 20.74 -0.47
N GLU A 155 -6.81 22.04 -0.55
CA GLU A 155 -5.56 22.65 -0.09
C GLU A 155 -5.74 23.15 1.35
N GLY A 156 -4.62 23.48 2.00
CA GLY A 156 -4.69 24.00 3.35
C GLY A 156 -3.73 23.45 4.38
N LEU A 157 -2.96 22.44 4.03
CA LEU A 157 -2.04 21.87 5.01
C LEU A 157 -0.81 22.72 5.31
N ASP A 158 -0.42 23.60 4.39
CA ASP A 158 0.74 24.47 4.63
C ASP A 158 0.45 25.51 5.73
N GLY A 159 1.32 25.56 6.73
CA GLY A 159 1.14 26.50 7.83
C GLY A 159 -0.09 26.22 8.68
N TYR A 160 -0.54 24.97 8.66
CA TYR A 160 -1.74 24.57 9.41
C TYR A 160 -1.65 24.74 10.92
N VAL A 161 -0.63 24.15 11.52
CA VAL A 161 -0.48 24.24 12.97
C VAL A 161 -0.53 25.68 13.46
N LYS A 162 0.04 26.60 12.67
CA LYS A 162 0.04 28.01 13.05
C LYS A 162 -1.39 28.53 13.09
N ARG A 163 -2.13 28.35 12.00
CA ARG A 163 -3.51 28.81 11.94
C ARG A 163 -4.35 28.16 13.03
N ALA A 164 -4.28 26.83 13.12
CA ALA A 164 -5.03 26.07 14.09
C ALA A 164 -4.81 26.52 15.53
N SER A 165 -3.54 26.74 15.88
CA SER A 165 -3.21 27.17 17.23
C SER A 165 -3.75 28.58 17.51
N ALA A 166 -3.93 29.36 16.45
CA ALA A 166 -4.46 30.71 16.58
C ALA A 166 -5.93 30.59 16.97
N TYR A 167 -6.66 29.72 16.28
CA TYR A 167 -8.08 29.47 16.53
C TYR A 167 -8.29 28.92 17.94
N TYR A 168 -7.41 28.01 18.34
CA TYR A 168 -7.49 27.41 19.67
C TYR A 168 -7.38 28.49 20.74
N LYS A 169 -6.46 29.42 20.54
CA LYS A 169 -6.25 30.51 21.50
C LYS A 169 -7.50 31.39 21.56
N LYS A 170 -8.25 31.43 20.48
CA LYS A 170 -9.46 32.24 20.43
C LYS A 170 -10.70 31.52 20.97
N GLY A 171 -10.52 30.29 21.45
CA GLY A 171 -11.64 29.54 22.00
C GLY A 171 -12.08 28.28 21.27
N CYS A 172 -11.77 28.18 19.97
CA CYS A 172 -12.15 27.01 19.17
C CYS A 172 -11.59 25.74 19.79
N ARG A 173 -12.36 24.65 19.71
CA ARG A 173 -11.94 23.37 20.27
C ARG A 173 -12.10 22.19 19.31
N PHE A 174 -12.65 22.46 18.14
CA PHE A 174 -12.80 21.43 17.11
C PHE A 174 -12.79 22.11 15.74
N CYS A 175 -12.51 21.35 14.69
CA CYS A 175 -12.46 21.91 13.34
C CYS A 175 -13.09 20.99 12.30
N LYS A 176 -13.20 21.49 11.07
CA LYS A 176 -13.79 20.71 9.99
C LYS A 176 -13.01 20.93 8.71
N TRP A 177 -12.83 19.87 7.94
CA TRP A 177 -12.10 19.92 6.68
C TRP A 177 -12.86 19.07 5.68
N ARG A 178 -13.14 19.62 4.52
CA ARG A 178 -13.91 18.91 3.51
C ARG A 178 -13.21 18.54 2.19
N ASN A 179 -13.24 17.25 1.88
CA ASN A 179 -12.73 16.71 0.61
C ASN A 179 -13.96 16.15 -0.08
N VAL A 180 -13.99 16.23 -1.41
CA VAL A 180 -15.13 15.70 -2.14
C VAL A 180 -14.72 14.69 -3.18
N TYR A 181 -15.65 13.79 -3.48
CA TYR A 181 -15.45 12.75 -4.47
C TYR A 181 -16.64 12.80 -5.42
N LYS A 182 -16.37 12.78 -6.71
CA LYS A 182 -17.43 12.88 -7.69
C LYS A 182 -17.67 11.60 -8.48
N ILE A 183 -18.81 10.95 -8.25
CA ILE A 183 -19.11 9.73 -8.99
C ILE A 183 -19.36 10.09 -10.46
N GLN A 184 -18.63 9.42 -11.34
CA GLN A 184 -18.76 9.64 -12.78
C GLN A 184 -18.64 8.27 -13.41
N ASN A 185 -19.62 7.91 -14.24
CA ASN A 185 -19.60 6.61 -14.90
C ASN A 185 -19.59 5.48 -13.88
N GLY A 186 -20.26 5.72 -12.75
CA GLY A 186 -20.34 4.73 -11.69
C GLY A 186 -19.07 4.50 -10.89
N THR A 187 -18.13 5.43 -10.93
CA THR A 187 -16.88 5.23 -10.20
C THR A 187 -16.06 6.52 -10.02
N VAL A 188 -14.92 6.38 -9.36
CA VAL A 188 -14.01 7.50 -9.13
C VAL A 188 -12.61 6.92 -9.33
N SER A 189 -11.63 7.76 -9.64
CA SER A 189 -10.28 7.26 -9.87
C SER A 189 -9.53 6.97 -8.58
N GLU A 190 -8.62 6.00 -8.63
CA GLU A 190 -7.82 5.65 -7.47
C GLU A 190 -6.93 6.84 -7.08
N SER A 191 -6.57 7.66 -8.05
CA SER A 191 -5.74 8.83 -7.76
C SER A 191 -6.47 9.70 -6.74
N ALA A 192 -7.76 9.88 -6.95
CA ALA A 192 -8.59 10.68 -6.04
C ALA A 192 -8.83 9.95 -4.72
N VAL A 193 -9.14 8.65 -4.80
CA VAL A 193 -9.39 7.85 -3.60
C VAL A 193 -8.20 7.87 -2.63
N ARG A 194 -7.00 7.72 -3.18
CA ARG A 194 -5.79 7.72 -2.36
C ARG A 194 -5.37 9.11 -1.87
N PHE A 195 -5.30 10.07 -2.79
CA PHE A 195 -4.85 11.41 -2.44
C PHE A 195 -5.76 12.15 -1.47
N ASN A 196 -7.06 12.10 -1.67
CA ASN A 196 -7.98 12.79 -0.78
C ASN A 196 -8.00 12.12 0.60
N ALA A 197 -7.72 10.82 0.65
CA ALA A 197 -7.71 10.11 1.93
C ALA A 197 -6.48 10.51 2.74
N GLU A 198 -5.35 10.64 2.05
CA GLU A 198 -4.10 11.03 2.69
C GLU A 198 -4.19 12.46 3.18
N THR A 199 -4.88 13.31 2.42
CA THR A 199 -5.04 14.70 2.81
C THR A 199 -5.82 14.78 4.11
N LEU A 200 -6.92 14.02 4.19
CA LEU A 200 -7.75 14.01 5.39
C LEU A 200 -7.03 13.50 6.64
N ALA A 201 -6.25 12.44 6.48
CA ALA A 201 -5.52 11.86 7.61
C ALA A 201 -4.44 12.79 8.15
N ARG A 202 -3.74 13.48 7.25
CA ARG A 202 -2.69 14.41 7.69
C ARG A 202 -3.39 15.57 8.40
N TYR A 203 -4.51 16.02 7.83
CA TYR A 203 -5.29 17.09 8.42
C TYR A 203 -5.70 16.71 9.84
N ALA A 204 -6.19 15.49 10.01
CA ALA A 204 -6.63 15.01 11.33
C ALA A 204 -5.50 15.08 12.36
N ILE A 205 -4.32 14.61 11.96
CA ILE A 205 -3.15 14.61 12.83
C ILE A 205 -2.73 16.02 13.24
N LEU A 206 -2.59 16.91 12.27
CA LEU A 206 -2.19 18.28 12.58
C LEU A 206 -3.22 18.96 13.49
N SER A 207 -4.49 18.62 13.29
CA SER A 207 -5.57 19.19 14.10
C SER A 207 -5.44 18.78 15.56
N GLN A 208 -5.29 17.49 15.81
CA GLN A 208 -5.16 16.99 17.17
C GLN A 208 -3.89 17.54 17.85
N MET A 209 -2.84 17.78 17.06
CA MET A 209 -1.61 18.31 17.60
C MET A 209 -1.81 19.77 18.01
N SER A 210 -2.81 20.43 17.41
CA SER A 210 -3.08 21.82 17.73
C SER A 210 -4.19 21.97 18.77
N GLY A 211 -4.63 20.85 19.33
CA GLY A 211 -5.69 20.89 20.34
C GLY A 211 -7.10 20.99 19.79
N LEU A 212 -7.27 20.68 18.50
CA LEU A 212 -8.59 20.73 17.90
C LEU A 212 -9.11 19.35 17.45
N VAL A 213 -10.30 19.00 17.91
CA VAL A 213 -10.91 17.73 17.53
C VAL A 213 -11.27 17.88 16.05
N PRO A 214 -10.72 17.00 15.19
CA PRO A 214 -11.01 17.10 13.76
C PRO A 214 -12.22 16.33 13.27
N ILE A 215 -13.05 17.02 12.51
CA ILE A 215 -14.21 16.42 11.90
C ILE A 215 -13.71 16.12 10.48
N VAL A 216 -13.60 14.84 10.16
CA VAL A 216 -13.13 14.41 8.85
C VAL A 216 -14.30 14.24 7.91
N GLU A 217 -14.36 15.06 6.87
CA GLU A 217 -15.45 14.99 5.93
C GLU A 217 -15.12 14.54 4.51
N PRO A 218 -15.42 13.27 4.20
CA PRO A 218 -15.16 12.74 2.86
C PRO A 218 -16.51 12.67 2.16
N GLU A 219 -16.87 13.74 1.47
CA GLU A 219 -18.16 13.78 0.81
C GLU A 219 -18.21 13.18 -0.58
N VAL A 220 -18.97 12.09 -0.72
CA VAL A 220 -19.18 11.46 -2.01
C VAL A 220 -20.46 12.18 -2.40
N MET A 221 -20.33 13.12 -3.34
CA MET A 221 -21.44 13.94 -3.76
C MET A 221 -22.63 13.26 -4.40
N ILE A 222 -23.80 13.82 -4.11
CA ILE A 222 -25.07 13.31 -4.60
C ILE A 222 -25.25 13.56 -6.11
N ASP A 223 -24.41 14.44 -6.67
CA ASP A 223 -24.47 14.79 -8.08
C ASP A 223 -24.30 13.61 -9.03
N GLY A 224 -25.21 13.49 -10.01
CA GLY A 224 -25.10 12.41 -10.98
C GLY A 224 -26.36 11.58 -11.18
N LYS A 225 -26.30 10.72 -12.19
CA LYS A 225 -27.41 9.83 -12.54
C LYS A 225 -27.38 8.51 -11.78
N HIS A 226 -26.27 8.24 -11.11
CA HIS A 226 -26.11 6.99 -10.36
C HIS A 226 -27.21 6.67 -9.37
N ASP A 227 -27.44 5.38 -9.14
CA ASP A 227 -28.46 4.91 -8.21
C ASP A 227 -27.85 4.69 -6.82
N ILE A 228 -28.70 4.37 -5.85
CA ILE A 228 -28.25 4.17 -4.48
C ILE A 228 -27.19 3.07 -4.33
N ASP A 229 -27.22 2.07 -5.21
CA ASP A 229 -26.24 0.99 -5.12
C ASP A 229 -24.85 1.46 -5.51
N THR A 230 -24.76 2.23 -6.57
CA THR A 230 -23.48 2.76 -7.03
C THR A 230 -22.92 3.68 -5.96
N CYS A 231 -23.80 4.46 -5.32
CA CYS A 231 -23.37 5.35 -4.26
C CYS A 231 -22.85 4.55 -3.06
N GLN A 232 -23.47 3.40 -2.82
CA GLN A 232 -23.09 2.51 -1.71
C GLN A 232 -21.68 1.97 -1.98
N ARG A 233 -21.50 1.39 -3.16
CA ARG A 233 -20.21 0.82 -3.54
C ARG A 233 -19.09 1.87 -3.45
N VAL A 234 -19.30 2.99 -4.12
CA VAL A 234 -18.32 4.06 -4.13
C VAL A 234 -18.04 4.59 -2.72
N SER A 235 -19.08 4.76 -1.92
CA SER A 235 -18.91 5.26 -0.57
C SER A 235 -18.11 4.29 0.28
N GLU A 236 -18.39 2.99 0.13
CA GLU A 236 -17.67 2.00 0.90
C GLU A 236 -16.19 2.08 0.53
N HIS A 237 -15.92 2.10 -0.77
CA HIS A 237 -14.58 2.17 -1.32
C HIS A 237 -13.83 3.42 -0.87
N VAL A 238 -14.49 4.57 -0.94
CA VAL A 238 -13.86 5.83 -0.53
C VAL A 238 -13.60 5.90 0.97
N TRP A 239 -14.60 5.52 1.77
CA TRP A 239 -14.44 5.60 3.22
C TRP A 239 -13.41 4.66 3.83
N ARG A 240 -13.32 3.42 3.34
CA ARG A 240 -12.34 2.49 3.90
C ARG A 240 -10.91 3.00 3.68
N GLU A 241 -10.67 3.68 2.56
CA GLU A 241 -9.35 4.23 2.28
C GLU A 241 -9.03 5.37 3.24
N VAL A 242 -10.03 6.21 3.55
CA VAL A 242 -9.86 7.31 4.49
C VAL A 242 -9.42 6.71 5.82
N VAL A 243 -10.05 5.60 6.19
CA VAL A 243 -9.73 4.89 7.42
C VAL A 243 -8.29 4.35 7.37
N ALA A 244 -7.90 3.81 6.22
CA ALA A 244 -6.55 3.27 6.04
C ALA A 244 -5.54 4.39 6.21
N ALA A 245 -5.81 5.54 5.62
CA ALA A 245 -4.91 6.68 5.72
C ALA A 245 -4.84 7.16 7.17
N LEU A 246 -5.96 7.12 7.88
CA LEU A 246 -5.98 7.55 9.27
C LEU A 246 -5.16 6.63 10.17
N GLN A 247 -5.17 5.33 9.89
CA GLN A 247 -4.40 4.36 10.68
C GLN A 247 -2.90 4.53 10.41
N ARG A 248 -2.56 4.80 9.16
CA ARG A 248 -1.17 5.00 8.76
C ARG A 248 -0.59 6.23 9.44
N HIS A 249 -1.39 7.27 9.58
CA HIS A 249 -0.96 8.50 10.21
C HIS A 249 -1.11 8.45 11.74
N GLY A 250 -1.70 7.37 12.24
CA GLY A 250 -1.87 7.19 13.69
C GLY A 250 -2.81 8.12 14.43
N VAL A 251 -3.95 8.44 13.82
CA VAL A 251 -4.93 9.33 14.43
C VAL A 251 -5.41 8.81 15.77
N ILE A 252 -5.79 9.72 16.67
CA ILE A 252 -6.32 9.31 17.96
C ILE A 252 -7.82 9.10 17.68
N TRP A 253 -8.22 7.85 17.54
CA TRP A 253 -9.62 7.56 17.22
C TRP A 253 -10.60 8.11 18.25
N GLU A 254 -10.26 7.99 19.53
CA GLU A 254 -11.13 8.47 20.60
C GLU A 254 -11.37 9.96 20.56
N GLY A 255 -10.58 10.67 19.76
CA GLY A 255 -10.71 12.11 19.66
C GLY A 255 -11.01 12.71 18.29
N CYS A 256 -11.79 12.03 17.47
CA CYS A 256 -12.14 12.57 16.16
C CYS A 256 -13.56 12.20 15.77
N LEU A 257 -14.09 12.89 14.76
CA LEU A 257 -15.44 12.64 14.28
C LEU A 257 -15.47 12.56 12.76
N LEU A 258 -16.44 11.81 12.23
CA LEU A 258 -16.58 11.65 10.79
C LEU A 258 -17.84 12.38 10.33
N LYS A 259 -17.74 13.06 9.18
CA LYS A 259 -18.86 13.81 8.62
C LYS A 259 -19.05 13.38 7.18
N PRO A 260 -19.74 12.25 6.98
CA PRO A 260 -19.98 11.74 5.63
C PRO A 260 -21.33 12.05 5.03
N ASN A 261 -21.46 11.69 3.76
CA ASN A 261 -22.71 11.86 3.05
C ASN A 261 -23.54 10.66 3.45
N MET A 262 -24.85 10.74 3.23
CA MET A 262 -25.70 9.60 3.52
C MET A 262 -25.67 8.88 2.18
N VAL A 263 -25.99 7.60 2.17
CA VAL A 263 -25.99 6.83 0.94
C VAL A 263 -27.39 6.94 0.34
N VAL A 264 -27.50 7.69 -0.75
CA VAL A 264 -28.77 7.93 -1.41
C VAL A 264 -28.54 7.98 -2.91
N PRO A 265 -29.63 7.82 -3.71
CA PRO A 265 -29.46 7.87 -5.17
C PRO A 265 -29.04 9.26 -5.63
N GLY A 266 -28.48 9.33 -6.84
CA GLY A 266 -28.04 10.60 -7.37
C GLY A 266 -29.14 11.63 -7.53
N ALA A 267 -28.77 12.90 -7.53
CA ALA A 267 -29.76 13.97 -7.67
C ALA A 267 -30.43 13.95 -9.05
N GLU A 268 -29.77 13.35 -10.03
CA GLU A 268 -30.33 13.27 -11.38
C GLU A 268 -30.66 11.84 -11.77
N SER A 269 -30.81 10.98 -10.77
CA SER A 269 -31.11 9.57 -11.03
C SER A 269 -32.58 9.39 -11.35
N GLY A 270 -33.41 10.31 -10.85
CA GLY A 270 -34.84 10.21 -11.09
C GLY A 270 -35.50 9.35 -10.02
N LYS A 271 -34.68 8.73 -9.19
CA LYS A 271 -35.20 7.88 -8.13
C LYS A 271 -35.03 8.58 -6.79
N THR A 272 -35.91 8.26 -5.85
CA THR A 272 -35.85 8.83 -4.52
C THR A 272 -35.99 7.64 -3.56
N ALA A 273 -35.12 7.57 -2.57
CA ALA A 273 -35.15 6.46 -1.63
C ALA A 273 -36.04 6.66 -0.42
N ALA A 274 -36.63 5.56 0.04
CA ALA A 274 -37.48 5.57 1.21
C ALA A 274 -36.55 5.67 2.43
N PRO A 275 -36.97 6.42 3.46
CA PRO A 275 -36.16 6.59 4.67
C PRO A 275 -35.46 5.32 5.15
N GLU A 276 -36.19 4.23 5.26
CA GLU A 276 -35.59 3.00 5.73
C GLU A 276 -34.54 2.37 4.81
N GLN A 277 -34.65 2.62 3.51
CA GLN A 277 -33.65 2.08 2.58
C GLN A 277 -32.35 2.87 2.77
N VAL A 278 -32.48 4.18 2.93
CA VAL A 278 -31.33 5.05 3.13
C VAL A 278 -30.65 4.63 4.42
N ALA A 279 -31.45 4.36 5.46
CA ALA A 279 -30.92 3.95 6.74
C ALA A 279 -30.11 2.66 6.59
N HIS A 280 -30.70 1.68 5.92
CA HIS A 280 -30.03 0.40 5.71
C HIS A 280 -28.68 0.59 5.01
N TYR A 281 -28.71 1.19 3.82
CA TYR A 281 -27.50 1.40 3.03
C TYR A 281 -26.43 2.24 3.70
N THR A 282 -26.83 3.33 4.34
CA THR A 282 -25.89 4.22 5.01
C THR A 282 -25.23 3.55 6.23
N VAL A 283 -26.04 2.96 7.11
CA VAL A 283 -25.51 2.31 8.30
C VAL A 283 -24.61 1.11 7.96
N MET A 284 -25.05 0.33 6.97
CA MET A 284 -24.30 -0.85 6.52
C MET A 284 -22.92 -0.46 6.00
N THR A 285 -22.87 0.61 5.21
CA THR A 285 -21.63 1.10 4.63
C THR A 285 -20.70 1.61 5.72
N LEU A 286 -21.25 2.33 6.70
CA LEU A 286 -20.45 2.85 7.81
C LEU A 286 -19.84 1.71 8.61
N ALA A 287 -20.66 0.71 8.92
CA ALA A 287 -20.21 -0.45 9.70
C ALA A 287 -19.16 -1.30 9.00
N ARG A 288 -19.23 -1.37 7.68
CA ARG A 288 -18.26 -2.17 6.92
C ARG A 288 -16.90 -1.48 6.80
N THR A 289 -16.86 -0.18 7.05
CA THR A 289 -15.63 0.60 6.92
C THR A 289 -15.03 1.23 8.17
N MET A 290 -15.88 1.81 9.01
CA MET A 290 -15.44 2.50 10.22
C MET A 290 -15.10 1.63 11.44
N PRO A 291 -13.99 1.95 12.12
CA PRO A 291 -13.65 1.16 13.31
C PRO A 291 -14.69 1.44 14.40
N ALA A 292 -14.98 0.44 15.21
CA ALA A 292 -16.00 0.59 16.25
C ALA A 292 -15.71 1.67 17.31
N MET A 293 -14.45 2.11 17.38
CA MET A 293 -14.04 3.13 18.35
C MET A 293 -14.44 4.54 17.93
N LEU A 294 -14.66 4.74 16.63
CA LEU A 294 -15.05 6.06 16.12
C LEU A 294 -16.17 6.66 16.96
N PRO A 295 -15.87 7.74 17.72
CA PRO A 295 -16.81 8.45 18.59
C PRO A 295 -18.17 8.78 17.99
N GLY A 296 -18.17 9.39 16.82
CA GLY A 296 -19.43 9.75 16.20
C GLY A 296 -19.39 10.05 14.72
N VAL A 297 -20.58 10.08 14.13
CA VAL A 297 -20.78 10.34 12.71
C VAL A 297 -21.82 11.45 12.60
N MET A 298 -21.39 12.63 12.15
CA MET A 298 -22.27 13.79 12.02
C MET A 298 -22.54 14.04 10.53
N PHE A 299 -23.65 13.50 10.04
CA PHE A 299 -24.01 13.63 8.63
C PHE A 299 -24.15 15.02 8.06
N LEU A 300 -23.87 15.13 6.76
CA LEU A 300 -23.97 16.37 6.01
C LEU A 300 -25.29 16.28 5.25
N SER A 301 -25.96 17.41 5.01
CA SER A 301 -27.23 17.39 4.30
C SER A 301 -27.04 17.23 2.79
N GLY A 302 -25.85 17.59 2.33
CA GLY A 302 -25.46 17.47 0.92
C GLY A 302 -26.42 17.78 -0.22
N GLY A 303 -27.53 18.45 0.05
CA GLY A 303 -28.47 18.76 -1.01
C GLY A 303 -29.88 18.26 -0.75
N LEU A 304 -30.02 17.36 0.21
CA LEU A 304 -31.32 16.81 0.57
C LEU A 304 -32.18 17.96 1.09
N SER A 305 -33.50 17.77 1.12
CA SER A 305 -34.39 18.80 1.62
C SER A 305 -34.35 18.77 3.14
N GLU A 306 -34.82 19.85 3.77
CA GLU A 306 -34.83 19.93 5.22
C GLU A 306 -35.53 18.72 5.85
N VAL A 307 -36.67 18.33 5.29
CA VAL A 307 -37.40 17.18 5.82
C VAL A 307 -36.69 15.86 5.52
N GLN A 308 -36.16 15.71 4.31
CA GLN A 308 -35.44 14.47 3.98
C GLN A 308 -34.32 14.25 4.97
N ALA A 309 -33.53 15.30 5.22
CA ALA A 309 -32.41 15.22 6.14
C ALA A 309 -32.86 14.74 7.51
N SER A 310 -34.02 15.22 7.96
CA SER A 310 -34.55 14.83 9.25
C SER A 310 -35.10 13.42 9.25
N GLU A 311 -35.84 13.06 8.20
CA GLU A 311 -36.41 11.73 8.07
C GLU A 311 -35.34 10.66 8.05
N TYR A 312 -34.35 10.85 7.20
CA TYR A 312 -33.26 9.91 7.04
C TYR A 312 -32.45 9.71 8.32
N LEU A 313 -32.19 10.80 9.04
CA LEU A 313 -31.43 10.68 10.27
C LEU A 313 -32.24 9.89 11.29
N ASN A 314 -33.56 10.10 11.28
CA ASN A 314 -34.45 9.42 12.21
C ASN A 314 -34.40 7.91 11.94
N ALA A 315 -34.58 7.56 10.67
CA ALA A 315 -34.54 6.16 10.24
C ALA A 315 -33.17 5.56 10.54
N ILE A 316 -32.12 6.37 10.40
CA ILE A 316 -30.77 5.91 10.67
C ILE A 316 -30.67 5.54 12.14
N ASN A 317 -31.21 6.38 13.02
CA ASN A 317 -31.16 6.10 14.44
C ASN A 317 -32.20 5.07 14.88
N ASN A 318 -32.81 4.40 13.89
CA ASN A 318 -33.78 3.36 14.17
C ASN A 318 -33.37 2.04 13.51
N SER A 319 -32.20 2.05 12.87
CA SER A 319 -31.67 0.88 12.19
C SER A 319 -31.28 -0.24 13.15
N PRO A 320 -31.57 -1.49 12.77
CA PRO A 320 -31.25 -2.66 13.60
C PRO A 320 -29.80 -3.13 13.37
N LEU A 321 -29.11 -2.51 12.42
CA LEU A 321 -27.73 -2.85 12.11
C LEU A 321 -26.78 -2.32 13.17
N PRO A 322 -25.57 -2.91 13.27
CA PRO A 322 -24.60 -2.45 14.26
C PRO A 322 -24.16 -1.02 14.01
N ARG A 323 -24.18 -0.21 15.06
CA ARG A 323 -23.80 1.20 14.98
C ARG A 323 -23.42 1.73 16.38
N PRO A 324 -22.20 1.41 16.84
CA PRO A 324 -21.69 1.81 18.15
C PRO A 324 -21.46 3.31 18.33
N TYR A 325 -21.37 4.02 17.21
CA TYR A 325 -21.10 5.45 17.25
C TYR A 325 -22.34 6.34 17.26
N PHE A 326 -22.18 7.51 17.88
CA PHE A 326 -23.24 8.51 17.96
C PHE A 326 -23.55 8.98 16.53
N LEU A 327 -24.77 8.76 16.09
CA LEU A 327 -25.20 9.18 14.75
C LEU A 327 -26.07 10.42 14.86
N SER A 328 -25.56 11.53 14.35
CA SER A 328 -26.30 12.78 14.42
C SER A 328 -26.16 13.62 13.15
N PHE A 329 -26.32 14.93 13.31
CA PHE A 329 -26.26 15.85 12.19
C PHE A 329 -25.23 16.97 12.32
N SER A 330 -24.91 17.54 11.18
CA SER A 330 -23.97 18.65 11.07
C SER A 330 -24.38 19.28 9.74
N TYR A 331 -25.62 19.72 9.68
CA TYR A 331 -26.17 20.33 8.48
C TYR A 331 -25.92 21.83 8.37
N ALA A 332 -25.96 22.31 7.14
CA ALA A 332 -25.78 23.73 6.86
C ALA A 332 -27.06 24.16 6.16
N ARG A 333 -27.27 23.63 4.96
CA ARG A 333 -28.45 23.94 4.18
C ARG A 333 -29.72 23.47 4.89
N ALA A 334 -29.84 22.16 5.11
CA ALA A 334 -31.00 21.57 5.75
C ALA A 334 -31.41 22.22 7.06
N LEU A 335 -30.58 23.11 7.60
CA LEU A 335 -30.89 23.79 8.85
C LEU A 335 -31.16 25.28 8.69
N GLN A 336 -30.66 25.85 7.59
CA GLN A 336 -30.79 27.29 7.35
C GLN A 336 -31.80 27.71 6.29
N SER A 337 -31.96 26.89 5.25
CA SER A 337 -32.86 27.18 4.15
C SER A 337 -34.09 28.03 4.51
N SER A 338 -35.11 27.40 5.06
CA SER A 338 -36.34 28.10 5.42
C SER A 338 -36.16 29.20 6.47
N ALA A 339 -35.26 28.98 7.42
CA ALA A 339 -35.01 29.97 8.47
C ALA A 339 -34.50 31.26 7.83
N LEU A 340 -33.71 31.10 6.78
CA LEU A 340 -33.13 32.21 6.05
C LEU A 340 -34.22 32.97 5.30
N LYS A 341 -35.13 32.23 4.70
CA LYS A 341 -36.23 32.81 3.95
C LYS A 341 -37.13 33.61 4.87
N ALA A 342 -37.40 33.05 6.05
CA ALA A 342 -38.24 33.70 7.05
C ALA A 342 -37.58 35.00 7.50
N TRP A 343 -36.27 34.95 7.63
CA TRP A 343 -35.48 36.12 8.07
C TRP A 343 -35.53 37.19 6.99
N GLY A 344 -35.33 36.78 5.74
CA GLY A 344 -35.35 37.72 4.63
C GLY A 344 -34.23 38.74 4.69
N GLY A 345 -33.36 38.60 5.69
CA GLY A 345 -32.26 39.53 5.86
C GLY A 345 -32.70 40.82 6.51
N LYS A 346 -33.98 40.87 6.91
CA LYS A 346 -34.54 42.04 7.56
C LYS A 346 -34.42 41.89 9.07
N GLU A 347 -34.42 43.02 9.77
CA GLU A 347 -34.33 43.01 11.23
C GLU A 347 -35.64 42.49 11.83
N SER A 348 -36.74 42.87 11.20
CA SER A 348 -38.07 42.47 11.67
C SER A 348 -38.31 40.98 11.46
N GLY A 349 -37.50 40.36 10.59
CA GLY A 349 -37.64 38.95 10.31
C GLY A 349 -36.88 38.02 11.23
N LEU A 350 -36.07 38.58 12.13
CA LEU A 350 -35.29 37.77 13.06
C LEU A 350 -36.15 36.79 13.83
N ALA A 351 -37.32 37.24 14.28
CA ALA A 351 -38.23 36.37 15.03
C ALA A 351 -38.69 35.22 14.14
N ALA A 352 -39.32 35.56 13.01
CA ALA A 352 -39.80 34.55 12.09
C ALA A 352 -38.67 33.57 11.75
N GLY A 353 -37.51 34.12 11.40
CA GLY A 353 -36.37 33.29 11.06
C GLY A 353 -35.95 32.34 12.16
N ARG A 354 -35.74 32.88 13.36
CA ARG A 354 -35.32 32.07 14.49
C ARG A 354 -36.31 31.00 14.91
N ARG A 355 -37.57 31.14 14.49
CA ARG A 355 -38.58 30.13 14.81
C ARG A 355 -38.37 28.95 13.87
N ALA A 356 -38.23 29.25 12.58
CA ALA A 356 -38.01 28.21 11.59
C ALA A 356 -36.72 27.46 11.95
N PHE A 357 -35.66 28.22 12.21
CA PHE A 357 -34.37 27.61 12.57
C PHE A 357 -34.50 26.72 13.82
N LEU A 358 -35.02 27.27 14.91
CA LEU A 358 -35.17 26.48 16.14
C LEU A 358 -36.09 25.29 15.93
N HIS A 359 -36.93 25.35 14.91
CA HIS A 359 -37.85 24.27 14.59
C HIS A 359 -37.05 23.13 13.95
N ARG A 360 -36.35 23.45 12.87
CA ARG A 360 -35.53 22.47 12.18
C ARG A 360 -34.54 21.88 13.18
N ALA A 361 -34.05 22.73 14.09
CA ALA A 361 -33.11 22.30 15.10
C ALA A 361 -33.77 21.25 15.99
N ARG A 362 -35.03 21.50 16.36
CA ARG A 362 -35.77 20.56 17.20
C ARG A 362 -36.09 19.27 16.45
N MET A 363 -36.46 19.40 15.18
CA MET A 363 -36.77 18.23 14.37
C MET A 363 -35.58 17.27 14.30
N ASN A 364 -34.41 17.79 13.92
CA ASN A 364 -33.23 16.95 13.84
C ASN A 364 -32.84 16.44 15.21
N SER A 365 -33.14 17.22 16.25
CA SER A 365 -32.84 16.80 17.62
C SER A 365 -33.61 15.52 17.92
N MET A 366 -34.89 15.48 17.52
CA MET A 366 -35.75 14.32 17.73
C MET A 366 -35.25 13.17 16.85
N ALA A 367 -34.90 13.49 15.61
CA ALA A 367 -34.40 12.50 14.67
C ALA A 367 -33.16 11.81 15.23
N GLN A 368 -32.34 12.57 15.96
CA GLN A 368 -31.13 12.02 16.55
C GLN A 368 -31.54 10.96 17.57
N LEU A 369 -32.69 11.18 18.20
CA LEU A 369 -33.21 10.26 19.21
C LEU A 369 -34.14 9.19 18.63
N GLY A 370 -34.36 9.24 17.32
CA GLY A 370 -35.22 8.26 16.68
C GLY A 370 -36.66 8.45 17.10
N LYS A 371 -36.98 9.68 17.51
CA LYS A 371 -38.33 10.03 17.96
C LYS A 371 -38.92 11.14 17.12
N TYR A 372 -38.48 11.24 15.87
CA TYR A 372 -38.96 12.27 14.95
C TYR A 372 -40.33 11.90 14.38
N LYS A 373 -41.27 12.83 14.47
CA LYS A 373 -42.63 12.63 13.94
C LYS A 373 -42.76 13.43 12.67
N ARG A 374 -43.00 12.76 11.54
CA ARG A 374 -43.14 13.46 10.27
C ARG A 374 -44.34 14.39 10.28
N SER A 375 -45.30 14.11 11.17
CA SER A 375 -46.50 14.93 11.28
C SER A 375 -46.16 16.30 11.85
N ASP A 376 -45.35 16.31 12.90
CA ASP A 376 -44.95 17.55 13.56
C ASP A 376 -44.08 18.44 12.68
N ASP A 377 -43.80 17.99 11.47
CA ASP A 377 -42.95 18.77 10.57
C ASP A 377 -43.74 19.25 9.35
N ASP A 378 -43.08 20.08 8.54
CA ASP A 378 -43.68 20.65 7.34
C ASP A 378 -44.40 19.60 6.50
N ALA A 379 -45.16 20.08 5.52
CA ALA A 379 -45.91 19.19 4.64
C ALA A 379 -45.29 19.19 3.25
N SER A 380 -44.41 20.16 3.00
CA SER A 380 -43.75 20.27 1.70
C SER A 380 -42.37 20.92 1.82
N SER A 381 -41.33 20.15 1.48
CA SER A 381 -39.95 20.63 1.53
C SER A 381 -39.29 20.42 0.18
N SER A 382 -38.87 21.51 -0.46
CA SER A 382 -38.22 21.43 -1.77
C SER A 382 -36.75 21.06 -1.66
N SER A 383 -36.22 20.49 -2.74
CA SER A 383 -34.81 20.08 -2.78
C SER A 383 -33.89 21.28 -2.60
N LEU A 384 -32.85 21.08 -1.80
CA LEU A 384 -31.86 22.12 -1.52
C LEU A 384 -30.63 21.92 -2.39
N TYR A 385 -30.74 21.01 -3.35
CA TYR A 385 -29.65 20.71 -4.28
C TYR A 385 -29.61 21.69 -5.44
N VAL A 386 -28.44 22.26 -5.69
CA VAL A 386 -28.26 23.20 -6.79
C VAL A 386 -27.28 22.63 -7.81
N MET B 21 11.35 9.47 23.03
CA MET B 21 11.83 9.44 24.44
C MET B 21 12.31 8.05 24.87
N SER B 22 11.41 7.07 24.84
CA SER B 22 11.76 5.71 25.23
C SER B 22 12.62 5.04 24.15
N ARG B 23 13.58 4.23 24.59
CA ARG B 23 14.46 3.52 23.68
C ARG B 23 14.34 2.03 23.94
N VAL B 24 14.51 1.22 22.90
CA VAL B 24 14.41 -0.22 23.03
C VAL B 24 15.39 -0.91 22.08
N THR B 25 15.97 -2.00 22.55
CA THR B 25 16.93 -2.76 21.76
C THR B 25 16.19 -3.83 20.98
N VAL B 26 16.22 -3.72 19.66
CA VAL B 26 15.54 -4.68 18.78
C VAL B 26 16.55 -5.34 17.84
N LEU B 27 16.11 -6.39 17.16
CA LEU B 27 16.97 -7.07 16.20
C LEU B 27 16.95 -6.22 14.94
N GLN B 28 18.12 -6.01 14.33
CA GLN B 28 18.17 -5.22 13.13
C GLN B 28 17.20 -5.77 12.09
N SER B 29 17.03 -7.08 12.09
CA SER B 29 16.16 -7.77 11.16
C SER B 29 14.67 -7.45 11.34
N GLN B 30 14.34 -6.74 12.42
CA GLN B 30 12.96 -6.37 12.69
C GLN B 30 12.67 -4.98 12.16
N LEU B 31 13.69 -4.28 11.69
CA LEU B 31 13.53 -2.94 11.14
C LEU B 31 13.27 -3.02 9.64
N PRO B 32 12.31 -2.24 9.14
CA PRO B 32 11.92 -2.20 7.72
C PRO B 32 13.07 -2.06 6.70
N ALA B 33 14.05 -1.21 7.00
CA ALA B 33 15.17 -1.01 6.08
C ALA B 33 16.13 -2.21 5.96
N TYR B 34 16.02 -3.18 6.86
CA TYR B 34 16.91 -4.35 6.82
C TYR B 34 16.18 -5.63 6.42
N ASN B 35 15.32 -5.53 5.41
CA ASN B 35 14.55 -6.68 4.97
C ASN B 35 15.18 -7.48 3.83
N ARG B 36 16.38 -7.09 3.37
CA ARG B 36 17.02 -7.81 2.28
C ARG B 36 17.27 -9.26 2.67
N LEU B 37 16.94 -10.18 1.76
CA LEU B 37 17.11 -11.60 2.02
C LEU B 37 18.57 -11.96 2.30
N LYS B 38 18.77 -12.82 3.28
CA LYS B 38 20.11 -13.27 3.66
C LYS B 38 20.22 -14.77 3.37
N THR B 39 21.13 -15.12 2.46
CA THR B 39 21.33 -16.51 2.11
C THR B 39 22.78 -16.76 1.77
N PRO B 40 23.34 -17.89 2.23
CA PRO B 40 24.73 -18.21 1.94
C PRO B 40 24.92 -18.54 0.47
N TYR B 41 23.81 -18.72 -0.24
CA TYR B 41 23.85 -19.04 -1.67
C TYR B 41 24.04 -17.79 -2.54
N GLU B 42 24.10 -16.62 -1.93
CA GLU B 42 24.23 -15.39 -2.71
C GLU B 42 25.31 -15.41 -3.79
N SER B 43 26.53 -15.78 -3.42
CA SER B 43 27.63 -15.85 -4.38
C SER B 43 27.31 -16.79 -5.53
N GLU B 44 26.77 -17.94 -5.19
CA GLU B 44 26.42 -18.94 -6.20
C GLU B 44 25.29 -18.47 -7.12
N LEU B 45 24.32 -17.77 -6.56
CA LEU B 45 23.19 -17.28 -7.35
C LEU B 45 23.71 -16.28 -8.38
N ILE B 46 24.62 -15.41 -7.93
CA ILE B 46 25.20 -14.40 -8.81
C ILE B 46 26.00 -15.07 -9.92
N ALA B 47 26.80 -16.07 -9.56
CA ALA B 47 27.60 -16.79 -10.55
C ALA B 47 26.69 -17.38 -11.62
N THR B 48 25.59 -17.97 -11.18
CA THR B 48 24.64 -18.58 -12.12
C THR B 48 24.04 -17.53 -13.04
N VAL B 49 23.73 -16.36 -12.48
CA VAL B 49 23.18 -15.29 -13.29
C VAL B 49 24.17 -14.91 -14.39
N LYS B 50 25.46 -14.90 -14.05
CA LYS B 50 26.48 -14.57 -15.05
C LYS B 50 26.42 -15.55 -16.22
N LYS B 51 26.37 -16.85 -15.92
CA LYS B 51 26.31 -17.86 -16.97
C LYS B 51 25.05 -17.69 -17.80
N LEU B 52 23.93 -17.41 -17.12
CA LEU B 52 22.64 -17.25 -17.78
C LEU B 52 22.52 -15.95 -18.58
N THR B 53 23.52 -15.09 -18.47
CA THR B 53 23.52 -13.82 -19.20
C THR B 53 24.80 -13.70 -20.03
N THR B 54 25.09 -14.75 -20.79
CA THR B 54 26.29 -14.80 -21.64
C THR B 54 25.96 -14.27 -23.03
N PRO B 55 26.81 -13.39 -23.57
CA PRO B 55 26.61 -12.81 -24.90
C PRO B 55 26.32 -13.89 -25.96
N GLY B 56 25.25 -13.69 -26.71
CA GLY B 56 24.89 -14.63 -27.76
C GLY B 56 24.15 -15.88 -27.30
N LYS B 57 23.74 -15.92 -26.03
CA LYS B 57 23.02 -17.07 -25.52
C LYS B 57 21.68 -16.74 -24.86
N GLY B 58 20.75 -17.68 -24.94
CA GLY B 58 19.45 -17.52 -24.35
C GLY B 58 19.05 -18.82 -23.69
N LEU B 59 17.77 -18.96 -23.36
CA LEU B 59 17.32 -20.19 -22.71
C LEU B 59 16.34 -20.96 -23.56
N LEU B 60 16.34 -22.28 -23.38
CA LEU B 60 15.41 -23.17 -24.06
C LEU B 60 14.41 -23.54 -22.98
N ALA B 61 13.13 -23.29 -23.24
CA ALA B 61 12.09 -23.62 -22.28
C ALA B 61 11.43 -24.91 -22.72
N ALA B 62 11.83 -26.01 -22.07
CA ALA B 62 11.29 -27.33 -22.40
C ALA B 62 10.49 -27.85 -21.20
N ASP B 63 9.76 -26.96 -20.54
CA ASP B 63 8.99 -27.34 -19.38
C ASP B 63 7.51 -27.58 -19.60
N GLU B 64 7.11 -27.87 -20.84
CA GLU B 64 5.70 -28.14 -21.12
C GLU B 64 5.21 -29.26 -20.21
N SER B 65 4.01 -29.08 -19.65
CA SER B 65 3.44 -30.07 -18.76
C SER B 65 3.13 -31.34 -19.56
N ILE B 66 2.78 -32.41 -18.86
CA ILE B 66 2.44 -33.66 -19.52
C ILE B 66 1.28 -33.41 -20.50
N GLY B 67 0.30 -32.65 -20.04
CA GLY B 67 -0.84 -32.33 -20.89
C GLY B 67 -0.44 -31.51 -22.10
N SER B 68 0.38 -30.48 -21.87
CA SER B 68 0.81 -29.61 -22.96
C SER B 68 1.53 -30.40 -24.06
N CYS B 69 2.16 -31.50 -23.68
CA CYS B 69 2.86 -32.34 -24.65
C CYS B 69 1.87 -32.94 -25.66
N THR B 70 0.62 -33.08 -25.24
CA THR B 70 -0.41 -33.62 -26.12
C THR B 70 -0.76 -32.59 -27.19
N LYS B 71 -0.45 -31.33 -26.90
CA LYS B 71 -0.71 -30.24 -27.84
C LYS B 71 0.45 -30.09 -28.82
N ARG B 72 1.63 -30.56 -28.40
CA ARG B 72 2.80 -30.51 -29.25
C ARG B 72 2.82 -31.75 -30.13
N PHE B 73 2.30 -32.84 -29.59
CA PHE B 73 2.28 -34.12 -30.28
C PHE B 73 1.12 -34.32 -31.26
N GLN B 74 0.20 -33.36 -31.31
CA GLN B 74 -0.93 -33.50 -32.23
C GLN B 74 -0.49 -33.41 -33.70
N PRO B 75 0.06 -32.26 -34.11
CA PRO B 75 0.52 -32.07 -35.50
C PRO B 75 1.34 -33.23 -36.05
N ILE B 76 2.24 -33.76 -35.23
CA ILE B 76 3.08 -34.87 -35.67
C ILE B 76 2.46 -36.23 -35.36
N GLY B 77 1.25 -36.22 -34.81
CA GLY B 77 0.58 -37.46 -34.48
C GLY B 77 1.50 -38.43 -33.75
N LEU B 78 1.97 -38.01 -32.57
CA LEU B 78 2.86 -38.84 -31.76
C LEU B 78 2.15 -39.27 -30.50
N SER B 79 2.49 -40.47 -30.03
CA SER B 79 1.89 -41.02 -28.83
C SER B 79 2.46 -40.31 -27.60
N ASN B 80 1.59 -39.77 -26.76
CA ASN B 80 2.03 -39.06 -25.56
C ASN B 80 2.44 -40.04 -24.46
N THR B 81 3.68 -40.54 -24.55
CA THR B 81 4.21 -41.47 -23.57
C THR B 81 5.42 -40.88 -22.87
N GLU B 82 5.79 -41.44 -21.72
CA GLU B 82 6.94 -40.94 -20.98
C GLU B 82 8.23 -41.11 -21.78
N GLU B 83 8.30 -42.19 -22.56
CA GLU B 83 9.48 -42.46 -23.36
C GLU B 83 9.54 -41.46 -24.52
N HIS B 84 8.39 -41.18 -25.11
CA HIS B 84 8.30 -40.23 -26.21
C HIS B 84 8.66 -38.83 -25.73
N ARG B 85 8.13 -38.45 -24.56
CA ARG B 85 8.43 -37.13 -24.02
C ARG B 85 9.93 -36.99 -23.81
N ARG B 86 10.56 -38.09 -23.41
CA ARG B 86 12.00 -38.05 -23.19
C ARG B 86 12.68 -37.77 -24.52
N GLN B 87 12.20 -38.43 -25.58
CA GLN B 87 12.76 -38.23 -26.92
C GLN B 87 12.48 -36.80 -27.36
N TYR B 88 11.28 -36.32 -27.05
CA TYR B 88 10.88 -34.96 -27.41
C TYR B 88 11.92 -34.00 -26.84
N ARG B 89 12.31 -34.22 -25.59
CA ARG B 89 13.30 -33.39 -24.93
C ARG B 89 14.71 -33.66 -25.47
N ALA B 90 15.10 -34.94 -25.47
CA ALA B 90 16.41 -35.34 -25.95
C ALA B 90 16.64 -34.86 -27.38
N LEU B 91 15.56 -34.72 -28.14
CA LEU B 91 15.64 -34.26 -29.50
C LEU B 91 16.53 -33.03 -29.62
N MET B 92 16.35 -32.09 -28.69
CA MET B 92 17.14 -30.86 -28.71
C MET B 92 18.23 -30.79 -27.65
N LEU B 93 18.03 -31.46 -26.52
CA LEU B 93 19.04 -31.43 -25.47
C LEU B 93 20.30 -32.19 -25.88
N GLU B 94 20.15 -33.18 -26.75
CA GLU B 94 21.31 -33.95 -27.20
C GLU B 94 21.89 -33.42 -28.50
N ALA B 95 21.13 -32.57 -29.20
CA ALA B 95 21.60 -31.98 -30.45
C ALA B 95 22.96 -31.33 -30.21
N GLU B 96 24.01 -31.95 -30.74
CA GLU B 96 25.37 -31.45 -30.56
C GLU B 96 25.58 -30.03 -31.09
N GLY B 97 26.33 -29.24 -30.32
CA GLY B 97 26.64 -27.88 -30.70
C GLY B 97 25.63 -26.83 -30.25
N PHE B 98 24.51 -27.25 -29.68
CA PHE B 98 23.49 -26.29 -29.25
C PHE B 98 23.91 -25.39 -28.09
N GLU B 99 24.87 -25.82 -27.27
CA GLU B 99 25.31 -25.01 -26.14
C GLU B 99 26.04 -23.74 -26.58
N GLN B 100 26.17 -23.56 -27.89
CA GLN B 100 26.82 -22.37 -28.42
C GLN B 100 25.80 -21.25 -28.41
N TYR B 101 24.53 -21.63 -28.38
CA TYR B 101 23.42 -20.68 -28.40
C TYR B 101 22.54 -20.72 -27.14
N ILE B 102 22.57 -21.84 -26.44
CA ILE B 102 21.76 -22.02 -25.24
C ILE B 102 22.62 -22.12 -23.98
N SER B 103 22.39 -21.20 -23.04
CA SER B 103 23.16 -21.18 -21.79
C SER B 103 22.42 -21.89 -20.64
N GLY B 104 21.12 -22.08 -20.81
CA GLY B 104 20.34 -22.73 -19.78
C GLY B 104 19.08 -23.37 -20.34
N VAL B 105 18.60 -24.41 -19.68
CA VAL B 105 17.40 -25.10 -20.13
C VAL B 105 16.42 -25.25 -18.96
N ILE B 106 15.18 -24.82 -19.19
CA ILE B 106 14.17 -24.95 -18.16
C ILE B 106 13.52 -26.29 -18.41
N LEU B 107 13.75 -27.23 -17.48
CA LEU B 107 13.22 -28.56 -17.60
C LEU B 107 11.92 -28.74 -16.82
N HIS B 108 11.13 -29.73 -17.23
CA HIS B 108 9.89 -30.04 -16.55
C HIS B 108 10.28 -31.00 -15.43
N ASP B 109 9.44 -31.11 -14.42
CA ASP B 109 9.73 -31.97 -13.28
C ASP B 109 10.14 -33.39 -13.68
N GLU B 110 9.37 -33.99 -14.58
CA GLU B 110 9.63 -35.35 -15.04
C GLU B 110 10.96 -35.54 -15.76
N THR B 111 11.37 -34.52 -16.52
CA THR B 111 12.61 -34.57 -17.28
C THR B 111 13.85 -34.50 -16.41
N VAL B 112 13.69 -33.96 -15.20
CA VAL B 112 14.81 -33.84 -14.27
C VAL B 112 15.24 -35.22 -13.82
N GLY B 113 14.29 -36.16 -13.85
CA GLY B 113 14.58 -37.52 -13.44
C GLY B 113 14.97 -38.45 -14.58
N GLN B 114 14.67 -38.04 -15.82
CA GLN B 114 15.01 -38.87 -16.97
C GLN B 114 16.49 -38.79 -17.32
N LYS B 115 16.98 -39.83 -17.99
CA LYS B 115 18.39 -39.93 -18.39
C LYS B 115 18.60 -39.75 -19.89
N ALA B 116 19.80 -39.33 -20.26
CA ALA B 116 20.13 -39.15 -21.66
C ALA B 116 20.73 -40.47 -22.15
N SER B 117 20.84 -40.62 -23.47
CA SER B 117 21.37 -41.84 -24.06
C SER B 117 22.68 -42.32 -23.42
N ASN B 118 23.44 -41.38 -22.88
CA ASN B 118 24.71 -41.70 -22.24
C ASN B 118 24.59 -42.24 -20.83
N GLY B 119 23.37 -42.37 -20.33
CA GLY B 119 23.17 -42.88 -18.99
C GLY B 119 23.08 -41.81 -17.91
N GLN B 120 23.55 -40.61 -18.20
CA GLN B 120 23.49 -39.50 -17.24
C GLN B 120 22.13 -38.84 -17.29
N THR B 121 21.68 -38.34 -16.15
CA THR B 121 20.40 -37.63 -16.09
C THR B 121 20.60 -36.33 -16.84
N PHE B 122 19.53 -35.78 -17.41
CA PHE B 122 19.65 -34.53 -18.15
C PHE B 122 20.35 -33.42 -17.37
N PRO B 123 20.08 -33.29 -16.06
CA PRO B 123 20.75 -32.23 -15.31
C PRO B 123 22.27 -32.44 -15.35
N GLU B 124 22.70 -33.69 -15.17
CA GLU B 124 24.11 -34.04 -15.19
C GLU B 124 24.67 -33.86 -16.59
N TYR B 125 23.90 -34.31 -17.58
CA TYR B 125 24.27 -34.21 -18.99
C TYR B 125 24.51 -32.76 -19.38
N LEU B 126 23.56 -31.90 -19.02
CA LEU B 126 23.65 -30.48 -19.33
C LEU B 126 24.81 -29.79 -18.64
N THR B 127 25.02 -30.07 -17.36
CA THR B 127 26.11 -29.46 -16.61
C THR B 127 27.48 -29.74 -17.26
N ALA B 128 27.71 -31.00 -17.61
CA ALA B 128 28.98 -31.39 -18.23
C ALA B 128 29.22 -30.68 -19.55
N ARG B 129 28.13 -30.25 -20.20
CA ARG B 129 28.25 -29.56 -21.47
C ARG B 129 28.22 -28.03 -21.28
N GLY B 130 28.26 -27.60 -20.02
CA GLY B 130 28.27 -26.19 -19.71
C GLY B 130 26.91 -25.51 -19.65
N VAL B 131 25.84 -26.23 -19.94
CA VAL B 131 24.50 -25.66 -19.91
C VAL B 131 23.85 -25.84 -18.53
N VAL B 132 23.48 -24.72 -17.91
CA VAL B 132 22.86 -24.74 -16.58
C VAL B 132 21.49 -25.39 -16.59
N PRO B 133 21.24 -26.34 -15.68
CA PRO B 133 19.96 -27.05 -15.59
C PRO B 133 18.95 -26.23 -14.77
N GLY B 134 17.75 -26.04 -15.33
CA GLY B 134 16.72 -25.28 -14.64
C GLY B 134 15.46 -26.11 -14.43
N ILE B 135 14.57 -25.65 -13.55
CA ILE B 135 13.34 -26.38 -13.27
C ILE B 135 12.13 -25.47 -13.07
N LYS B 136 11.03 -25.80 -13.74
CA LYS B 136 9.79 -25.03 -13.62
C LYS B 136 9.15 -25.49 -12.31
N THR B 137 9.16 -24.61 -11.31
CA THR B 137 8.63 -24.97 -10.00
C THR B 137 7.18 -24.63 -9.63
N ASP B 138 6.47 -23.91 -10.48
CA ASP B 138 5.09 -23.57 -10.15
C ASP B 138 4.16 -24.76 -10.38
N MET B 139 2.98 -24.72 -9.78
CA MET B 139 2.03 -25.80 -9.89
C MET B 139 0.81 -25.49 -10.75
N GLY B 140 1.01 -24.72 -11.82
CA GLY B 140 -0.09 -24.41 -12.71
C GLY B 140 -1.05 -23.30 -12.35
N LEU B 141 -1.81 -22.88 -13.35
CA LEU B 141 -2.80 -21.81 -13.23
C LEU B 141 -4.12 -22.32 -12.65
N CYS B 142 -4.76 -21.46 -11.85
CA CYS B 142 -6.04 -21.77 -11.23
C CYS B 142 -6.87 -20.50 -11.31
N PRO B 143 -8.19 -20.62 -11.16
CA PRO B 143 -9.05 -19.43 -11.22
C PRO B 143 -8.66 -18.48 -10.07
N LEU B 144 -8.58 -17.19 -10.36
CA LEU B 144 -8.21 -16.24 -9.31
C LEU B 144 -9.23 -16.17 -8.16
N LEU B 145 -10.50 -16.35 -8.50
CA LEU B 145 -11.60 -16.32 -7.54
C LEU B 145 -11.77 -14.95 -6.86
N GLU B 146 -11.23 -13.92 -7.49
CA GLU B 146 -11.33 -12.54 -7.03
C GLU B 146 -11.21 -11.77 -8.34
N GLY B 147 -11.62 -10.50 -8.36
CA GLY B 147 -11.50 -9.73 -9.59
C GLY B 147 -12.48 -10.12 -10.69
N ALA B 148 -11.99 -10.14 -11.92
CA ALA B 148 -12.82 -10.46 -13.08
C ALA B 148 -12.72 -11.90 -13.58
N GLU B 149 -13.83 -12.40 -14.14
CA GLU B 149 -13.89 -13.74 -14.67
C GLU B 149 -12.78 -13.95 -15.70
N GLY B 150 -12.21 -15.15 -15.72
CA GLY B 150 -11.15 -15.44 -16.66
C GLY B 150 -9.75 -15.20 -16.10
N GLU B 151 -9.64 -14.42 -15.03
CA GLU B 151 -8.34 -14.14 -14.46
C GLU B 151 -7.87 -15.36 -13.66
N GLN B 152 -6.56 -15.54 -13.57
CA GLN B 152 -6.02 -16.70 -12.88
C GLN B 152 -4.83 -16.41 -11.99
N MET B 153 -4.65 -17.24 -10.98
CA MET B 153 -3.50 -17.15 -10.09
C MET B 153 -2.67 -18.43 -10.32
N THR B 154 -1.52 -18.51 -9.65
CA THR B 154 -0.65 -19.69 -9.80
C THR B 154 -0.35 -20.24 -8.41
N GLU B 155 -0.51 -21.56 -8.25
CA GLU B 155 -0.24 -22.23 -6.97
C GLU B 155 1.17 -22.83 -6.90
N GLY B 156 1.58 -23.26 -5.72
CA GLY B 156 2.88 -23.90 -5.59
C GLY B 156 3.80 -23.44 -4.47
N LEU B 157 3.35 -22.48 -3.67
CA LEU B 157 4.19 -21.98 -2.59
C LEU B 157 4.24 -22.91 -1.39
N ASP B 158 3.28 -23.80 -1.25
CA ASP B 158 3.28 -24.74 -0.13
C ASP B 158 4.34 -25.81 -0.37
N GLY B 159 5.17 -26.05 0.63
CA GLY B 159 6.23 -27.05 0.51
C GLY B 159 7.22 -26.70 -0.59
N TYR B 160 7.30 -25.43 -0.93
CA TYR B 160 8.21 -25.01 -1.99
C TYR B 160 9.69 -25.29 -1.68
N VAL B 161 10.17 -24.79 -0.56
CA VAL B 161 11.55 -25.00 -0.19
C VAL B 161 11.94 -26.47 -0.26
N LYS B 162 11.05 -27.34 0.21
CA LYS B 162 11.32 -28.76 0.18
C LYS B 162 11.51 -29.29 -1.25
N ARG B 163 10.70 -28.80 -2.19
CA ARG B 163 10.82 -29.24 -3.58
C ARG B 163 12.05 -28.64 -4.23
N ALA B 164 12.28 -27.35 -3.99
CA ALA B 164 13.41 -26.63 -4.56
C ALA B 164 14.76 -27.19 -4.15
N SER B 165 14.90 -27.51 -2.86
CA SER B 165 16.15 -28.06 -2.33
C SER B 165 16.46 -29.42 -2.94
N ALA B 166 15.41 -30.18 -3.24
CA ALA B 166 15.58 -31.48 -3.87
C ALA B 166 16.10 -31.26 -5.29
N TYR B 167 15.46 -30.36 -6.05
CA TYR B 167 15.91 -30.08 -7.41
C TYR B 167 17.36 -29.63 -7.39
N TYR B 168 17.70 -28.83 -6.39
CA TYR B 168 19.06 -28.34 -6.25
C TYR B 168 20.04 -29.53 -6.19
N LYS B 169 19.74 -30.48 -5.32
CA LYS B 169 20.59 -31.67 -5.17
C LYS B 169 20.79 -32.40 -6.50
N LYS B 170 19.76 -32.40 -7.34
CA LYS B 170 19.86 -33.08 -8.63
C LYS B 170 20.64 -32.26 -9.65
N GLY B 171 21.11 -31.10 -9.24
CA GLY B 171 21.89 -30.27 -10.15
C GLY B 171 21.27 -29.00 -10.70
N CYS B 172 20.00 -28.76 -10.40
CA CYS B 172 19.33 -27.57 -10.88
C CYS B 172 19.87 -26.35 -10.14
N ARG B 173 20.08 -25.26 -10.87
CA ARG B 173 20.61 -24.03 -10.30
C ARG B 173 19.74 -22.78 -10.50
N PHE B 174 18.65 -22.94 -11.25
CA PHE B 174 17.71 -21.85 -11.46
C PHE B 174 16.32 -22.44 -11.68
N CYS B 175 15.28 -21.65 -11.42
CA CYS B 175 13.92 -22.13 -11.58
C CYS B 175 13.06 -21.10 -12.31
N LYS B 176 11.84 -21.50 -12.65
CA LYS B 176 10.95 -20.59 -13.34
C LYS B 176 9.54 -20.79 -12.80
N TRP B 177 8.81 -19.68 -12.68
CA TRP B 177 7.45 -19.67 -12.17
C TRP B 177 6.66 -18.70 -13.03
N ARG B 178 5.50 -19.13 -13.53
CA ARG B 178 4.69 -18.29 -14.39
C ARG B 178 3.30 -17.90 -13.88
N ASN B 179 3.02 -16.60 -13.95
CA ASN B 179 1.73 -16.04 -13.59
C ASN B 179 1.26 -15.34 -14.86
N VAL B 180 -0.05 -15.33 -15.11
CA VAL B 180 -0.58 -14.69 -16.30
C VAL B 180 -1.58 -13.57 -16.01
N TYR B 181 -1.71 -12.66 -16.97
CA TYR B 181 -2.62 -11.54 -16.85
C TYR B 181 -3.37 -11.43 -18.18
N LYS B 182 -4.69 -11.52 -18.10
CA LYS B 182 -5.54 -11.45 -19.29
C LYS B 182 -6.12 -10.06 -19.49
N ILE B 183 -5.79 -9.45 -20.62
CA ILE B 183 -6.32 -8.14 -20.92
C ILE B 183 -7.74 -8.31 -21.46
N GLN B 184 -8.69 -7.70 -20.77
CA GLN B 184 -10.10 -7.78 -21.17
C GLN B 184 -10.66 -6.39 -21.06
N ASN B 185 -11.24 -5.89 -22.15
CA ASN B 185 -11.80 -4.55 -22.16
C ASN B 185 -10.72 -3.49 -21.96
N GLY B 186 -9.51 -3.81 -22.39
CA GLY B 186 -8.40 -2.87 -22.27
C GLY B 186 -7.80 -2.74 -20.87
N THR B 187 -8.16 -3.64 -19.97
CA THR B 187 -7.65 -3.57 -18.60
C THR B 187 -7.63 -4.93 -17.89
N VAL B 188 -7.18 -4.90 -16.64
CA VAL B 188 -7.09 -6.07 -15.77
C VAL B 188 -7.50 -5.59 -14.38
N SER B 189 -8.01 -6.48 -13.54
CA SER B 189 -8.43 -6.05 -12.21
C SER B 189 -7.22 -5.88 -11.28
N GLU B 190 -7.38 -5.00 -10.28
CA GLU B 190 -6.31 -4.76 -9.31
C GLU B 190 -6.14 -5.99 -8.43
N SER B 191 -7.19 -6.79 -8.31
CA SER B 191 -7.11 -8.00 -7.51
C SER B 191 -6.03 -8.87 -8.12
N ALA B 192 -6.03 -8.93 -9.45
CA ALA B 192 -5.06 -9.71 -10.19
C ALA B 192 -3.66 -9.08 -10.17
N VAL B 193 -3.61 -7.76 -10.37
CA VAL B 193 -2.33 -7.04 -10.39
C VAL B 193 -1.58 -7.21 -9.05
N ARG B 194 -2.31 -7.08 -7.95
CA ARG B 194 -1.72 -7.21 -6.60
C ARG B 194 -1.42 -8.65 -6.21
N PHE B 195 -2.39 -9.54 -6.33
CA PHE B 195 -2.19 -10.92 -5.91
C PHE B 195 -1.09 -11.67 -6.66
N ASN B 196 -1.08 -11.59 -7.99
CA ASN B 196 -0.06 -12.29 -8.75
C ASN B 196 1.33 -11.69 -8.53
N ALA B 197 1.40 -10.39 -8.23
CA ALA B 197 2.68 -9.74 -7.97
C ALA B 197 3.23 -10.29 -6.65
N GLU B 198 2.36 -10.47 -5.66
CA GLU B 198 2.74 -11.00 -4.36
C GLU B 198 3.14 -12.48 -4.47
N THR B 199 2.43 -13.22 -5.31
CA THR B 199 2.75 -14.63 -5.49
C THR B 199 4.16 -14.71 -6.08
N LEU B 200 4.40 -13.96 -7.14
CA LEU B 200 5.70 -13.95 -7.80
C LEU B 200 6.82 -13.49 -6.85
N ALA B 201 6.55 -12.50 -6.01
CA ALA B 201 7.57 -12.00 -5.10
C ALA B 201 7.95 -13.04 -4.05
N ARG B 202 6.96 -13.71 -3.49
CA ARG B 202 7.21 -14.75 -2.49
C ARG B 202 8.01 -15.88 -3.14
N TYR B 203 7.60 -16.23 -4.36
CA TYR B 203 8.26 -17.28 -5.12
C TYR B 203 9.76 -17.01 -5.23
N ALA B 204 10.10 -15.77 -5.57
CA ALA B 204 11.49 -15.38 -5.74
C ALA B 204 12.29 -15.56 -4.46
N ILE B 205 11.69 -15.22 -3.33
CA ILE B 205 12.35 -15.33 -2.04
C ILE B 205 12.66 -16.77 -1.67
N LEU B 206 11.65 -17.64 -1.80
CA LEU B 206 11.82 -19.04 -1.47
C LEU B 206 12.85 -19.70 -2.38
N SER B 207 12.88 -19.31 -3.65
CA SER B 207 13.84 -19.88 -4.58
C SER B 207 15.27 -19.49 -4.16
N GLN B 208 15.53 -18.21 -3.97
CA GLN B 208 16.86 -17.76 -3.56
C GLN B 208 17.33 -18.39 -2.24
N MET B 209 16.39 -18.69 -1.35
CA MET B 209 16.72 -19.32 -0.06
C MET B 209 17.07 -20.78 -0.31
N SER B 210 16.57 -21.33 -1.41
CA SER B 210 16.81 -22.73 -1.75
C SER B 210 17.99 -22.92 -2.71
N GLY B 211 18.64 -21.83 -3.08
CA GLY B 211 19.77 -21.90 -3.98
C GLY B 211 19.49 -21.86 -5.47
N LEU B 212 18.25 -21.54 -5.85
CA LEU B 212 17.88 -21.48 -7.26
C LEU B 212 17.64 -20.04 -7.70
N VAL B 213 18.25 -19.64 -8.80
CA VAL B 213 18.05 -18.29 -9.31
C VAL B 213 16.63 -18.29 -9.88
N PRO B 214 15.77 -17.38 -9.38
CA PRO B 214 14.39 -17.34 -9.89
C PRO B 214 14.17 -16.49 -11.12
N ILE B 215 13.47 -17.05 -12.09
CA ILE B 215 13.11 -16.33 -13.30
C ILE B 215 11.66 -15.96 -13.01
N VAL B 216 11.42 -14.67 -12.81
CA VAL B 216 10.09 -14.15 -12.49
C VAL B 216 9.35 -13.91 -13.80
N GLU B 217 8.30 -14.70 -14.04
CA GLU B 217 7.53 -14.56 -15.28
C GLU B 217 6.12 -14.03 -15.14
N PRO B 218 5.93 -12.72 -15.34
CA PRO B 218 4.63 -12.09 -15.26
C PRO B 218 4.18 -11.85 -16.71
N GLU B 219 3.49 -12.84 -17.27
CA GLU B 219 3.06 -12.75 -18.67
C GLU B 219 1.73 -12.05 -18.92
N VAL B 220 1.81 -10.92 -19.60
CA VAL B 220 0.60 -10.20 -19.98
C VAL B 220 0.32 -10.88 -21.32
N MET B 221 -0.78 -11.64 -21.37
CA MET B 221 -1.11 -12.39 -22.58
C MET B 221 -1.53 -11.60 -23.83
N ILE B 222 -1.13 -12.14 -24.98
CA ILE B 222 -1.40 -11.55 -26.27
C ILE B 222 -2.83 -11.82 -26.71
N ASP B 223 -3.55 -12.65 -25.95
CA ASP B 223 -4.94 -12.97 -26.26
C ASP B 223 -5.82 -11.72 -26.25
N GLY B 224 -6.66 -11.56 -27.27
CA GLY B 224 -7.53 -10.39 -27.30
C GLY B 224 -7.37 -9.47 -28.48
N LYS B 225 -8.28 -8.51 -28.61
CA LYS B 225 -8.27 -7.56 -29.71
C LYS B 225 -7.59 -6.23 -29.39
N HIS B 226 -6.93 -6.16 -28.24
CA HIS B 226 -6.26 -4.94 -27.82
C HIS B 226 -5.09 -4.60 -28.74
N ASP B 227 -4.82 -3.31 -28.90
CA ASP B 227 -3.72 -2.84 -29.72
C ASP B 227 -2.44 -2.74 -28.90
N ILE B 228 -1.34 -2.33 -29.54
CA ILE B 228 -0.06 -2.23 -28.85
C ILE B 228 0.00 -1.23 -27.70
N ASP B 229 -0.73 -0.12 -27.78
CA ASP B 229 -0.73 0.86 -26.71
C ASP B 229 -1.40 0.31 -25.46
N THR B 230 -2.49 -0.43 -25.66
CA THR B 230 -3.19 -1.04 -24.54
C THR B 230 -2.26 -2.06 -23.88
N CYS B 231 -1.53 -2.82 -24.69
CA CYS B 231 -0.60 -3.80 -24.13
C CYS B 231 0.52 -3.07 -23.37
N GLN B 232 0.91 -1.90 -23.86
CA GLN B 232 1.95 -1.11 -23.22
C GLN B 232 1.50 -0.64 -21.84
N ARG B 233 0.30 -0.06 -21.77
CA ARG B 233 -0.23 0.43 -20.50
C ARG B 233 -0.40 -0.69 -19.47
N VAL B 234 -1.00 -1.81 -19.90
CA VAL B 234 -1.22 -2.93 -19.00
C VAL B 234 0.08 -3.54 -18.52
N SER B 235 1.02 -3.73 -19.46
CA SER B 235 2.31 -4.31 -19.10
C SER B 235 3.04 -3.43 -18.10
N GLU B 236 3.00 -2.12 -18.30
CA GLU B 236 3.67 -1.21 -17.38
C GLU B 236 3.07 -1.31 -15.98
N HIS B 237 1.74 -1.38 -15.94
CA HIS B 237 0.98 -1.46 -14.70
C HIS B 237 1.22 -2.76 -13.95
N VAL B 238 1.24 -3.86 -14.69
CA VAL B 238 1.47 -5.18 -14.13
C VAL B 238 2.91 -5.31 -13.62
N TRP B 239 3.87 -4.97 -14.47
CA TRP B 239 5.28 -5.09 -14.12
C TRP B 239 5.74 -4.25 -12.94
N ARG B 240 5.22 -3.03 -12.79
CA ARG B 240 5.64 -2.20 -11.69
C ARG B 240 5.18 -2.74 -10.34
N GLU B 241 4.01 -3.39 -10.31
CA GLU B 241 3.55 -3.94 -9.04
C GLU B 241 4.40 -5.17 -8.71
N VAL B 242 4.88 -5.88 -9.74
CA VAL B 242 5.72 -7.05 -9.50
C VAL B 242 7.00 -6.53 -8.83
N VAL B 243 7.52 -5.41 -9.33
CA VAL B 243 8.73 -4.80 -8.78
C VAL B 243 8.48 -4.31 -7.35
N ALA B 244 7.30 -3.74 -7.11
CA ALA B 244 6.97 -3.27 -5.77
C ALA B 244 6.92 -4.45 -4.82
N ALA B 245 6.30 -5.53 -5.26
CA ALA B 245 6.19 -6.70 -4.40
C ALA B 245 7.57 -7.29 -4.11
N LEU B 246 8.44 -7.27 -5.12
CA LEU B 246 9.80 -7.79 -4.93
C LEU B 246 10.58 -6.97 -3.91
N GLN B 247 10.37 -5.65 -3.92
CA GLN B 247 11.05 -4.76 -2.97
C GLN B 247 10.57 -5.01 -1.53
N ARG B 248 9.28 -5.30 -1.34
CA ARG B 248 8.72 -5.57 0.00
C ARG B 248 9.20 -6.91 0.55
N HIS B 249 9.36 -7.91 -0.31
CA HIS B 249 9.83 -9.20 0.14
C HIS B 249 11.35 -9.26 0.22
N GLY B 250 12.00 -8.16 -0.22
CA GLY B 250 13.44 -8.04 -0.18
C GLY B 250 14.29 -8.96 -1.04
N VAL B 251 13.89 -9.15 -2.29
CA VAL B 251 14.63 -10.02 -3.21
C VAL B 251 16.07 -9.54 -3.40
N ILE B 252 16.96 -10.47 -3.76
CA ILE B 252 18.33 -10.10 -4.07
C ILE B 252 18.33 -9.84 -5.58
N TRP B 253 18.21 -8.57 -5.96
CA TRP B 253 18.16 -8.19 -7.38
C TRP B 253 19.30 -8.74 -8.21
N GLU B 254 20.51 -8.78 -7.63
CA GLU B 254 21.66 -9.28 -8.36
C GLU B 254 21.50 -10.76 -8.68
N GLY B 255 20.53 -11.42 -8.04
CA GLY B 255 20.35 -12.84 -8.27
C GLY B 255 19.03 -13.35 -8.80
N CYS B 256 18.40 -12.61 -9.72
CA CYS B 256 17.13 -13.06 -10.28
C CYS B 256 17.00 -12.56 -11.72
N LEU B 257 16.03 -13.10 -12.43
CA LEU B 257 15.82 -12.72 -13.83
C LEU B 257 14.34 -12.48 -14.08
N LEU B 258 14.05 -11.66 -15.09
CA LEU B 258 12.68 -11.37 -15.47
C LEU B 258 12.37 -12.04 -16.80
N LYS B 259 11.19 -12.63 -16.91
CA LYS B 259 10.77 -13.27 -18.14
C LYS B 259 9.42 -12.66 -18.48
N PRO B 260 9.44 -11.54 -19.22
CA PRO B 260 8.20 -10.88 -19.58
C PRO B 260 7.80 -11.12 -21.02
N ASN B 261 6.58 -10.69 -21.33
CA ASN B 261 6.05 -10.74 -22.68
C ASN B 261 6.64 -9.50 -23.34
N MET B 262 6.62 -9.46 -24.67
CA MET B 262 7.09 -8.27 -25.37
C MET B 262 5.81 -7.46 -25.48
N VAL B 263 5.94 -6.15 -25.66
CA VAL B 263 4.74 -5.32 -25.80
C VAL B 263 4.40 -5.32 -27.29
N VAL B 264 3.30 -6.00 -27.64
CA VAL B 264 2.87 -6.12 -29.04
C VAL B 264 1.34 -6.09 -29.11
N PRO B 265 0.78 -5.83 -30.29
CA PRO B 265 -0.68 -5.79 -30.40
C PRO B 265 -1.30 -7.17 -30.14
N GLY B 266 -2.57 -7.18 -29.74
CA GLY B 266 -3.25 -8.44 -29.47
C GLY B 266 -3.40 -9.36 -30.66
N ALA B 267 -3.42 -10.66 -30.40
CA ALA B 267 -3.54 -11.66 -31.45
C ALA B 267 -4.74 -11.46 -32.38
N GLU B 268 -5.85 -10.96 -31.84
CA GLU B 268 -7.05 -10.74 -32.65
C GLU B 268 -7.28 -9.27 -32.94
N SER B 269 -6.22 -8.47 -32.86
CA SER B 269 -6.35 -7.03 -33.10
C SER B 269 -6.46 -6.69 -34.58
N GLY B 270 -5.88 -7.53 -35.42
CA GLY B 270 -5.92 -7.27 -36.85
C GLY B 270 -4.73 -6.44 -37.31
N LYS B 271 -3.87 -6.10 -36.36
CA LYS B 271 -2.70 -5.30 -36.66
C LYS B 271 -1.44 -6.07 -36.31
N THR B 272 -0.34 -5.74 -36.96
CA THR B 272 0.94 -6.38 -36.69
C THR B 272 1.98 -5.26 -36.61
N ALA B 273 2.76 -5.27 -35.54
CA ALA B 273 3.77 -4.25 -35.32
C ALA B 273 5.10 -4.52 -36.00
N ALA B 274 5.73 -3.45 -36.45
CA ALA B 274 7.03 -3.52 -37.10
C ALA B 274 8.06 -3.73 -35.98
N PRO B 275 9.15 -4.46 -36.27
CA PRO B 275 10.20 -4.71 -35.28
C PRO B 275 10.60 -3.47 -34.48
N GLU B 276 10.87 -2.37 -35.17
CA GLU B 276 11.26 -1.12 -34.52
C GLU B 276 10.24 -0.67 -33.47
N GLN B 277 8.97 -0.76 -33.82
CA GLN B 277 7.91 -0.36 -32.91
C GLN B 277 7.89 -1.25 -31.67
N VAL B 278 7.92 -2.57 -31.87
CA VAL B 278 7.91 -3.50 -30.75
C VAL B 278 9.12 -3.26 -29.86
N ALA B 279 10.26 -2.95 -30.48
CA ALA B 279 11.48 -2.69 -29.71
C ALA B 279 11.25 -1.47 -28.83
N HIS B 280 10.82 -0.37 -29.45
CA HIS B 280 10.57 0.87 -28.73
C HIS B 280 9.67 0.65 -27.51
N TYR B 281 8.44 0.19 -27.77
CA TYR B 281 7.45 -0.06 -26.72
C TYR B 281 7.89 -1.01 -25.62
N THR B 282 8.58 -2.08 -25.99
CA THR B 282 9.02 -3.08 -25.03
C THR B 282 10.18 -2.59 -24.15
N VAL B 283 11.20 -2.03 -24.78
CA VAL B 283 12.35 -1.51 -24.06
C VAL B 283 11.96 -0.31 -23.18
N MET B 284 11.06 0.53 -23.69
CA MET B 284 10.57 1.69 -22.95
C MET B 284 9.77 1.27 -21.71
N THR B 285 8.94 0.24 -21.86
CA THR B 285 8.14 -0.23 -20.73
C THR B 285 9.00 -0.83 -19.62
N LEU B 286 10.04 -1.56 -20.01
CA LEU B 286 10.95 -2.17 -19.04
C LEU B 286 11.70 -1.09 -18.27
N ALA B 287 12.21 -0.10 -19.00
CA ALA B 287 12.97 0.98 -18.38
C ALA B 287 12.17 1.77 -17.35
N ARG B 288 10.89 1.99 -17.63
CA ARG B 288 10.02 2.75 -16.74
C ARG B 288 9.58 1.99 -15.49
N THR B 289 9.84 0.69 -15.43
CA THR B 289 9.39 -0.13 -14.29
C THR B 289 10.46 -0.94 -13.56
N MET B 290 11.49 -1.39 -14.29
CA MET B 290 12.55 -2.23 -13.71
C MET B 290 13.75 -1.48 -13.14
N PRO B 291 14.23 -1.89 -11.96
CA PRO B 291 15.40 -1.25 -11.34
C PRO B 291 16.60 -1.53 -12.26
N ALA B 292 17.53 -0.58 -12.35
CA ALA B 292 18.70 -0.75 -13.20
C ALA B 292 19.57 -1.96 -12.83
N MET B 293 19.43 -2.45 -11.60
CA MET B 293 20.22 -3.60 -11.16
C MET B 293 19.76 -4.94 -11.75
N LEU B 294 18.49 -5.06 -12.14
CA LEU B 294 17.99 -6.31 -12.73
C LEU B 294 19.03 -6.80 -13.74
N PRO B 295 19.66 -7.95 -13.49
CA PRO B 295 20.67 -8.48 -14.41
C PRO B 295 20.24 -8.90 -15.80
N GLY B 296 19.01 -9.37 -15.95
CA GLY B 296 18.58 -9.79 -17.27
C GLY B 296 17.09 -10.00 -17.48
N VAL B 297 16.69 -9.82 -18.75
CA VAL B 297 15.32 -9.97 -19.18
C VAL B 297 15.36 -11.05 -20.26
N MET B 298 14.63 -12.15 -20.05
CA MET B 298 14.60 -13.25 -21.01
C MET B 298 13.18 -13.43 -21.55
N PHE B 299 12.91 -12.81 -22.69
CA PHE B 299 11.59 -12.86 -23.31
C PHE B 299 10.98 -14.21 -23.66
N LEU B 300 9.67 -14.31 -23.45
CA LEU B 300 8.90 -15.49 -23.79
C LEU B 300 8.37 -15.20 -25.20
N SER B 301 8.08 -16.22 -25.99
CA SER B 301 7.58 -15.96 -27.35
C SER B 301 6.07 -15.72 -27.34
N GLY B 302 5.40 -16.30 -26.36
CA GLY B 302 3.96 -16.12 -26.19
C GLY B 302 2.99 -16.18 -27.36
N GLY B 303 3.33 -16.92 -28.40
CA GLY B 303 2.41 -17.01 -29.54
C GLY B 303 2.93 -16.39 -30.82
N LEU B 304 4.01 -15.62 -30.71
CA LEU B 304 4.61 -15.00 -31.89
C LEU B 304 5.20 -16.11 -32.72
N SER B 305 5.33 -15.89 -34.03
CA SER B 305 5.90 -16.88 -34.92
C SER B 305 7.40 -16.94 -34.65
N GLU B 306 8.04 -18.02 -35.09
CA GLU B 306 9.46 -18.19 -34.89
C GLU B 306 10.27 -17.00 -35.40
N VAL B 307 9.90 -16.48 -36.57
CA VAL B 307 10.61 -15.35 -37.15
C VAL B 307 10.41 -14.07 -36.34
N GLN B 308 9.16 -13.76 -36.00
CA GLN B 308 8.88 -12.57 -35.21
C GLN B 308 9.71 -12.57 -33.94
N ALA B 309 9.72 -13.71 -33.25
CA ALA B 309 10.48 -13.86 -32.01
C ALA B 309 11.93 -13.48 -32.20
N SER B 310 12.49 -13.80 -33.36
CA SER B 310 13.88 -13.47 -33.62
C SER B 310 14.00 -12.02 -34.05
N GLU B 311 13.11 -11.61 -34.96
CA GLU B 311 13.10 -10.24 -35.46
C GLU B 311 12.98 -9.20 -34.38
N TYR B 312 12.00 -9.40 -33.49
CA TYR B 312 11.77 -8.46 -32.42
C TYR B 312 12.92 -8.39 -31.42
N LEU B 313 13.47 -9.53 -31.04
CA LEU B 313 14.59 -9.56 -30.09
C LEU B 313 15.77 -8.81 -30.67
N ASN B 314 15.98 -8.98 -31.98
CA ASN B 314 17.08 -8.32 -32.64
C ASN B 314 16.89 -6.80 -32.58
N ALA B 315 15.67 -6.34 -32.85
CA ALA B 315 15.35 -4.92 -32.82
C ALA B 315 15.52 -4.39 -31.38
N ILE B 316 15.03 -5.16 -30.42
CA ILE B 316 15.14 -4.78 -29.02
C ILE B 316 16.60 -4.51 -28.69
N ASN B 317 17.49 -5.36 -29.20
CA ASN B 317 18.92 -5.21 -28.95
C ASN B 317 19.61 -4.18 -29.82
N ASN B 318 18.81 -3.34 -30.48
CA ASN B 318 19.31 -2.27 -31.32
C ASN B 318 18.59 -0.98 -30.91
N SER B 319 17.87 -1.05 -29.79
CA SER B 319 17.14 0.09 -29.28
C SER B 319 18.09 1.14 -28.69
N PRO B 320 17.87 2.42 -29.02
CA PRO B 320 18.71 3.51 -28.51
C PRO B 320 18.30 3.91 -27.09
N LEU B 321 17.20 3.34 -26.60
CA LEU B 321 16.70 3.63 -25.26
C LEU B 321 17.52 2.94 -24.19
N PRO B 322 17.41 3.39 -22.93
CA PRO B 322 18.18 2.76 -21.85
C PRO B 322 17.79 1.32 -21.58
N ARG B 323 18.81 0.49 -21.40
CA ARG B 323 18.64 -0.94 -21.13
C ARG B 323 19.94 -1.53 -20.59
N PRO B 324 20.19 -1.38 -19.27
CA PRO B 324 21.40 -1.89 -18.66
C PRO B 324 21.41 -3.42 -18.54
N TYR B 325 20.23 -4.02 -18.50
CA TYR B 325 20.11 -5.47 -18.37
C TYR B 325 20.37 -6.24 -19.65
N PHE B 326 20.83 -7.48 -19.48
CA PHE B 326 21.10 -8.38 -20.59
C PHE B 326 19.72 -8.70 -21.18
N LEU B 327 19.56 -8.53 -22.50
CA LEU B 327 18.29 -8.82 -23.13
C LEU B 327 18.42 -10.03 -24.03
N SER B 328 17.64 -11.07 -23.74
CA SER B 328 17.72 -12.29 -24.53
C SER B 328 16.38 -12.99 -24.65
N PHE B 329 16.44 -14.28 -24.94
CA PHE B 329 15.25 -15.09 -25.11
C PHE B 329 15.20 -16.27 -24.14
N SER B 330 13.99 -16.75 -23.92
CA SER B 330 13.73 -17.91 -23.09
C SER B 330 12.48 -18.46 -23.78
N TYR B 331 12.68 -18.95 -25.00
CA TYR B 331 11.59 -19.45 -25.84
C TYR B 331 11.27 -20.95 -25.79
N ALA B 332 10.00 -21.25 -25.97
CA ALA B 332 9.49 -22.63 -26.01
C ALA B 332 8.95 -22.84 -27.42
N ARG B 333 7.77 -22.27 -27.70
CA ARG B 333 7.15 -22.40 -29.01
C ARG B 333 8.01 -21.85 -30.16
N ALA B 334 8.57 -20.66 -29.99
CA ALA B 334 9.39 -20.06 -31.03
C ALA B 334 10.73 -20.78 -31.26
N LEU B 335 10.97 -21.87 -30.54
CA LEU B 335 12.21 -22.61 -30.69
C LEU B 335 11.99 -24.08 -31.05
N GLN B 336 10.76 -24.56 -30.89
CA GLN B 336 10.46 -25.97 -31.16
C GLN B 336 9.49 -26.23 -32.30
N SER B 337 8.73 -25.21 -32.69
CA SER B 337 7.73 -25.37 -33.75
C SER B 337 8.19 -26.17 -34.97
N SER B 338 9.15 -25.63 -35.73
CA SER B 338 9.60 -26.31 -36.93
C SER B 338 10.48 -27.54 -36.63
N ALA B 339 11.32 -27.43 -35.62
CA ALA B 339 12.20 -28.54 -35.24
C ALA B 339 11.37 -29.76 -34.86
N LEU B 340 10.15 -29.51 -34.40
CA LEU B 340 9.25 -30.59 -34.01
C LEU B 340 8.65 -31.20 -35.26
N LYS B 341 8.31 -30.35 -36.22
CA LYS B 341 7.73 -30.79 -37.49
C LYS B 341 8.71 -31.68 -38.25
N ALA B 342 9.95 -31.24 -38.38
CA ALA B 342 10.98 -32.00 -39.09
C ALA B 342 11.23 -33.35 -38.41
N TRP B 343 11.14 -33.36 -37.09
CA TRP B 343 11.36 -34.58 -36.33
C TRP B 343 10.25 -35.58 -36.60
N GLY B 344 9.01 -35.10 -36.49
CA GLY B 344 7.87 -35.97 -36.74
C GLY B 344 7.66 -37.01 -35.67
N GLY B 345 8.76 -37.48 -35.08
CA GLY B 345 8.67 -38.50 -34.04
C GLY B 345 9.69 -39.59 -34.21
N LYS B 346 9.81 -40.11 -35.44
CA LYS B 346 10.77 -41.17 -35.71
C LYS B 346 12.20 -40.64 -35.62
N GLU B 347 13.11 -41.49 -35.17
CA GLU B 347 14.51 -41.09 -35.04
C GLU B 347 15.12 -40.82 -36.41
N SER B 348 14.31 -40.99 -37.45
CA SER B 348 14.75 -40.75 -38.82
C SER B 348 14.84 -39.26 -39.09
N GLY B 349 13.81 -38.52 -38.66
CA GLY B 349 13.78 -37.08 -38.86
C GLY B 349 14.49 -36.38 -37.71
N LEU B 350 15.39 -37.12 -37.06
CA LEU B 350 16.15 -36.60 -35.94
C LEU B 350 17.19 -35.59 -36.43
N ALA B 351 17.85 -35.93 -37.52
CA ALA B 351 18.86 -35.05 -38.10
C ALA B 351 18.17 -33.80 -38.63
N ALA B 352 16.98 -34.00 -39.19
CA ALA B 352 16.19 -32.90 -39.74
C ALA B 352 15.60 -32.07 -38.61
N GLY B 353 15.35 -32.71 -37.48
CA GLY B 353 14.79 -32.02 -36.33
C GLY B 353 15.84 -31.17 -35.64
N ARG B 354 16.98 -31.79 -35.35
CA ARG B 354 18.08 -31.10 -34.68
C ARG B 354 18.73 -30.07 -35.60
N ARG B 355 18.33 -30.08 -36.87
CA ARG B 355 18.86 -29.15 -37.84
C ARG B 355 18.01 -27.88 -37.81
N ALA B 356 16.71 -28.07 -37.68
CA ALA B 356 15.75 -26.96 -37.62
C ALA B 356 15.85 -26.25 -36.28
N PHE B 357 16.33 -26.95 -35.26
CA PHE B 357 16.47 -26.38 -33.93
C PHE B 357 17.70 -25.49 -33.88
N LEU B 358 18.85 -26.04 -34.24
CA LEU B 358 20.09 -25.29 -34.23
C LEU B 358 20.00 -24.02 -35.07
N HIS B 359 19.15 -24.05 -36.10
CA HIS B 359 18.98 -22.88 -36.95
C HIS B 359 18.20 -21.80 -36.21
N ARG B 360 17.15 -22.22 -35.51
CA ARG B 360 16.32 -21.30 -34.74
C ARG B 360 17.12 -20.76 -33.57
N ALA B 361 17.94 -21.63 -32.99
CA ALA B 361 18.79 -21.26 -31.87
C ALA B 361 19.87 -20.29 -32.32
N ARG B 362 20.30 -20.43 -33.58
CA ARG B 362 21.33 -19.55 -34.12
C ARG B 362 20.74 -18.20 -34.50
N MET B 363 19.52 -18.20 -34.99
CA MET B 363 18.86 -16.95 -35.37
C MET B 363 18.64 -16.08 -34.14
N ASN B 364 18.27 -16.71 -33.03
CA ASN B 364 18.04 -15.98 -31.78
C ASN B 364 19.34 -15.59 -31.10
N SER B 365 20.39 -16.37 -31.31
CA SER B 365 21.70 -16.07 -30.75
C SER B 365 22.21 -14.79 -31.42
N MET B 366 21.93 -14.68 -32.71
CA MET B 366 22.31 -13.53 -33.50
C MET B 366 21.49 -12.32 -33.07
N ALA B 367 20.22 -12.56 -32.77
CA ALA B 367 19.30 -11.52 -32.34
C ALA B 367 19.77 -10.93 -31.02
N GLN B 368 20.19 -11.79 -30.08
CA GLN B 368 20.67 -11.33 -28.79
C GLN B 368 21.79 -10.31 -28.99
N LEU B 369 22.63 -10.56 -29.99
CA LEU B 369 23.75 -9.70 -30.31
C LEU B 369 23.35 -8.58 -31.25
N GLY B 370 22.09 -8.57 -31.69
CA GLY B 370 21.62 -7.55 -32.60
C GLY B 370 22.16 -7.67 -34.01
N LYS B 371 22.66 -8.85 -34.36
CA LYS B 371 23.22 -9.10 -35.69
C LYS B 371 22.34 -10.02 -36.54
N TYR B 372 21.09 -10.18 -36.14
CA TYR B 372 20.17 -11.04 -36.88
C TYR B 372 19.93 -10.50 -38.28
N LYS B 373 19.94 -11.41 -39.25
CA LYS B 373 19.73 -11.06 -40.66
C LYS B 373 18.45 -11.76 -41.14
N ARG B 374 17.40 -10.99 -41.38
CA ARG B 374 16.14 -11.58 -41.83
C ARG B 374 16.29 -12.40 -43.09
N SER B 375 17.27 -12.05 -43.92
CA SER B 375 17.53 -12.75 -45.17
C SER B 375 17.94 -14.20 -44.96
N ASP B 376 18.46 -14.50 -43.77
CA ASP B 376 18.91 -15.85 -43.43
C ASP B 376 17.82 -16.70 -42.79
N ASP B 377 16.64 -16.13 -42.61
CA ASP B 377 15.54 -16.85 -41.99
C ASP B 377 14.51 -17.27 -43.04
N ASP B 378 13.87 -18.42 -42.85
CA ASP B 378 12.88 -18.88 -43.80
C ASP B 378 11.88 -17.78 -44.13
N ALA B 379 11.57 -17.63 -45.41
CA ALA B 379 10.64 -16.59 -45.85
C ALA B 379 9.19 -16.94 -45.57
N SER B 380 8.95 -17.74 -44.54
CA SER B 380 7.59 -18.14 -44.22
C SER B 380 7.45 -18.63 -42.77
N SER B 381 6.72 -17.90 -41.96
CA SER B 381 6.53 -18.27 -40.56
C SER B 381 5.14 -17.85 -40.08
N SER B 382 4.35 -18.81 -39.63
CA SER B 382 2.99 -18.54 -39.16
C SER B 382 2.89 -18.44 -37.64
N SER B 383 1.99 -17.57 -37.17
CA SER B 383 1.78 -17.38 -35.74
C SER B 383 1.67 -18.69 -34.99
N LEU B 384 2.18 -18.71 -33.77
CA LEU B 384 2.14 -19.89 -32.91
C LEU B 384 1.14 -19.65 -31.79
N TYR B 385 0.19 -18.75 -32.03
CA TYR B 385 -0.82 -18.40 -31.05
C TYR B 385 -1.96 -19.40 -31.08
N VAL B 386 -2.63 -19.55 -29.95
CA VAL B 386 -3.75 -20.48 -29.84
C VAL B 386 -4.88 -19.84 -29.04
N MET C 21 -20.87 -10.49 -16.97
CA MET C 21 -22.36 -10.40 -16.80
C MET C 21 -22.81 -8.94 -16.81
N SER C 22 -22.07 -8.08 -16.13
CA SER C 22 -22.39 -6.67 -16.04
C SER C 22 -21.22 -5.82 -16.49
N ARG C 23 -21.48 -4.91 -17.42
CA ARG C 23 -20.45 -4.03 -17.97
C ARG C 23 -20.77 -2.57 -17.68
N VAL C 24 -19.77 -1.71 -17.78
CA VAL C 24 -19.95 -0.28 -17.52
C VAL C 24 -18.97 0.54 -18.34
N THR C 25 -19.45 1.63 -18.93
CA THR C 25 -18.58 2.51 -19.71
C THR C 25 -18.03 3.58 -18.79
N VAL C 26 -16.70 3.70 -18.75
CA VAL C 26 -16.04 4.68 -17.91
C VAL C 26 -14.98 5.46 -18.66
N LEU C 27 -14.42 6.45 -17.98
CA LEU C 27 -13.36 7.25 -18.55
C LEU C 27 -12.08 6.43 -18.41
N GLN C 28 -11.31 6.37 -19.48
CA GLN C 28 -10.06 5.62 -19.48
C GLN C 28 -9.16 6.14 -18.36
N SER C 29 -9.27 7.44 -18.06
CA SER C 29 -8.48 8.07 -17.02
C SER C 29 -8.91 7.61 -15.62
N GLN C 30 -10.06 6.94 -15.55
CA GLN C 30 -10.53 6.45 -14.26
C GLN C 30 -9.97 5.07 -13.94
N LEU C 31 -9.27 4.48 -14.90
CA LEU C 31 -8.67 3.16 -14.72
C LEU C 31 -7.25 3.34 -14.16
N PRO C 32 -6.86 2.47 -13.21
CA PRO C 32 -5.53 2.50 -12.59
C PRO C 32 -4.33 2.48 -13.53
N ALA C 33 -4.41 1.67 -14.58
CA ALA C 33 -3.30 1.55 -15.53
C ALA C 33 -3.08 2.76 -16.43
N TYR C 34 -3.99 3.73 -16.36
CA TYR C 34 -3.87 4.92 -17.20
C TYR C 34 -3.67 6.18 -16.36
N ASN C 35 -2.80 6.11 -15.36
CA ASN C 35 -2.55 7.24 -14.48
C ASN C 35 -1.39 8.14 -14.89
N ARG C 36 -0.69 7.79 -15.97
CA ARG C 36 0.45 8.60 -16.39
C ARG C 36 0.02 10.04 -16.65
N LEU C 37 0.81 10.98 -16.15
CA LEU C 37 0.52 12.39 -16.31
C LEU C 37 0.43 12.82 -17.77
N LYS C 38 -0.60 13.61 -18.08
CA LYS C 38 -0.79 14.11 -19.44
C LYS C 38 -0.55 15.61 -19.41
N THR C 39 0.45 16.07 -20.13
CA THR C 39 0.75 17.51 -20.18
C THR C 39 1.27 17.88 -21.57
N PRO C 40 0.87 19.05 -22.08
CA PRO C 40 1.32 19.49 -23.40
C PRO C 40 2.80 19.89 -23.39
N TYR C 41 3.35 19.99 -22.18
CA TYR C 41 4.75 20.36 -21.98
C TYR C 41 5.73 19.20 -22.12
N GLU C 42 5.23 17.97 -22.20
CA GLU C 42 6.10 16.80 -22.26
C GLU C 42 7.32 16.93 -23.14
N SER C 43 7.11 17.29 -24.40
CA SER C 43 8.20 17.45 -25.34
C SER C 43 9.26 18.44 -24.84
N GLU C 44 8.81 19.54 -24.24
CA GLU C 44 9.72 20.56 -23.75
C GLU C 44 10.45 20.07 -22.50
N LEU C 45 9.74 19.37 -21.63
CA LEU C 45 10.35 18.82 -20.42
C LEU C 45 11.53 17.90 -20.80
N ILE C 46 11.30 17.04 -21.79
CA ILE C 46 12.34 16.12 -22.25
C ILE C 46 13.50 16.88 -22.89
N ALA C 47 13.19 17.96 -23.61
CA ALA C 47 14.23 18.77 -24.26
C ALA C 47 15.09 19.42 -23.17
N THR C 48 14.44 19.81 -22.07
CA THR C 48 15.16 20.43 -20.96
C THR C 48 16.04 19.39 -20.29
N VAL C 49 15.49 18.19 -20.12
CA VAL C 49 16.27 17.12 -19.50
C VAL C 49 17.57 16.90 -20.28
N LYS C 50 17.48 16.91 -21.60
CA LYS C 50 18.66 16.70 -22.44
C LYS C 50 19.76 17.72 -22.18
N LYS C 51 19.38 18.98 -22.00
CA LYS C 51 20.38 19.99 -21.74
C LYS C 51 21.01 19.80 -20.37
N LEU C 52 20.19 19.40 -19.40
CA LEU C 52 20.67 19.18 -18.04
C LEU C 52 21.48 17.88 -17.87
N THR C 53 21.53 17.07 -18.92
CA THR C 53 22.30 15.82 -18.86
C THR C 53 23.36 15.83 -19.95
N THR C 54 24.06 16.95 -20.06
CA THR C 54 25.11 17.14 -21.06
C THR C 54 26.45 16.75 -20.47
N PRO C 55 27.17 15.83 -21.14
CA PRO C 55 28.49 15.36 -20.70
C PRO C 55 29.43 16.48 -20.28
N GLY C 56 30.06 16.30 -19.12
CA GLY C 56 30.99 17.28 -18.61
C GLY C 56 30.35 18.46 -17.91
N LYS C 57 29.03 18.47 -17.80
CA LYS C 57 28.35 19.57 -17.14
C LYS C 57 27.53 19.13 -15.94
N GLY C 58 27.28 20.08 -15.05
CA GLY C 58 26.50 19.81 -13.86
C GLY C 58 25.69 21.05 -13.51
N LEU C 59 25.03 21.01 -12.36
CA LEU C 59 24.20 22.10 -11.90
C LEU C 59 24.83 22.85 -10.74
N LEU C 60 24.60 24.17 -10.69
CA LEU C 60 25.09 24.99 -9.61
C LEU C 60 23.87 25.28 -8.74
N ALA C 61 23.90 24.84 -7.49
CA ALA C 61 22.78 25.10 -6.59
C ALA C 61 23.08 26.43 -5.88
N ALA C 62 22.39 27.49 -6.26
CA ALA C 62 22.59 28.80 -5.65
C ALA C 62 21.26 29.27 -5.07
N ASP C 63 20.47 28.31 -4.59
CA ASP C 63 19.16 28.60 -4.05
C ASP C 63 19.06 28.81 -2.53
N GLU C 64 20.17 29.14 -1.89
CA GLU C 64 20.17 29.35 -0.43
C GLU C 64 19.11 30.36 0.01
N SER C 65 18.46 30.08 1.12
CA SER C 65 17.45 30.98 1.66
C SER C 65 18.19 32.13 2.34
N ILE C 66 17.44 33.18 2.70
CA ILE C 66 18.03 34.34 3.36
C ILE C 66 18.83 33.87 4.57
N GLY C 67 18.27 32.91 5.31
CA GLY C 67 18.95 32.39 6.50
C GLY C 67 20.24 31.64 6.20
N SER C 68 20.29 30.97 5.06
CA SER C 68 21.47 30.22 4.69
C SER C 68 22.56 31.17 4.21
N CYS C 69 22.16 32.26 3.56
CA CYS C 69 23.15 33.24 3.10
C CYS C 69 23.90 33.74 4.33
N THR C 70 23.16 33.92 5.42
CA THR C 70 23.77 34.38 6.67
C THR C 70 24.93 33.45 7.04
N LYS C 71 24.72 32.15 6.87
CA LYS C 71 25.76 31.17 7.19
C LYS C 71 26.91 31.25 6.20
N ARG C 72 26.62 31.71 4.99
CA ARG C 72 27.63 31.85 3.95
C ARG C 72 28.32 33.20 4.08
N PHE C 73 27.57 34.23 4.44
CA PHE C 73 28.13 35.57 4.58
C PHE C 73 28.89 35.82 5.87
N GLN C 74 28.47 35.16 6.94
CA GLN C 74 29.09 35.34 8.24
C GLN C 74 30.60 35.09 8.25
N PRO C 75 31.07 33.96 7.68
CA PRO C 75 32.50 33.66 7.66
C PRO C 75 33.37 34.47 6.69
N ILE C 76 32.93 35.66 6.30
CA ILE C 76 33.72 36.51 5.41
C ILE C 76 33.37 37.97 5.70
N GLY C 77 32.67 38.16 6.81
CA GLY C 77 32.28 39.49 7.23
C GLY C 77 31.44 40.27 6.24
N LEU C 78 30.39 39.64 5.73
CA LEU C 78 29.52 40.30 4.75
C LEU C 78 28.09 40.43 5.30
N SER C 79 27.58 41.66 5.37
CA SER C 79 26.23 41.87 5.87
C SER C 79 25.22 41.23 4.92
N ASN C 80 24.21 40.58 5.48
CA ASN C 80 23.18 39.92 4.67
C ASN C 80 22.08 40.85 4.19
N THR C 81 22.29 41.48 3.05
CA THR C 81 21.30 42.39 2.47
C THR C 81 20.88 41.95 1.07
N GLU C 82 19.72 42.44 0.64
CA GLU C 82 19.17 42.13 -0.67
C GLU C 82 20.20 42.44 -1.77
N GLU C 83 21.09 43.39 -1.50
CA GLU C 83 22.11 43.77 -2.48
C GLU C 83 23.33 42.85 -2.42
N HIS C 84 23.76 42.50 -1.21
CA HIS C 84 24.93 41.64 -1.07
C HIS C 84 24.63 40.22 -1.51
N ARG C 85 23.36 39.84 -1.48
CA ARG C 85 22.96 38.51 -1.91
C ARG C 85 23.02 38.48 -3.44
N ARG C 86 22.61 39.58 -4.06
CA ARG C 86 22.65 39.65 -5.52
C ARG C 86 24.12 39.58 -5.95
N GLN C 87 24.98 40.32 -5.25
CA GLN C 87 26.41 40.32 -5.57
C GLN C 87 27.01 38.94 -5.32
N TYR C 88 26.41 38.21 -4.39
CA TYR C 88 26.85 36.86 -4.05
C TYR C 88 26.52 35.94 -5.23
N ARG C 89 25.35 36.13 -5.82
CA ARG C 89 24.95 35.32 -6.96
C ARG C 89 25.72 35.78 -8.20
N ALA C 90 25.85 37.08 -8.37
CA ALA C 90 26.57 37.64 -9.51
C ALA C 90 28.00 37.12 -9.57
N LEU C 91 28.59 36.91 -8.40
CA LEU C 91 29.96 36.40 -8.32
C LEU C 91 30.16 35.17 -9.21
N MET C 92 29.20 34.25 -9.18
CA MET C 92 29.27 33.02 -9.95
C MET C 92 28.58 33.06 -11.31
N LEU C 93 27.38 33.64 -11.34
CA LEU C 93 26.62 33.73 -12.58
C LEU C 93 27.28 34.62 -13.63
N GLU C 94 28.15 35.52 -13.19
CA GLU C 94 28.83 36.40 -14.13
C GLU C 94 30.30 36.07 -14.24
N ALA C 95 30.65 34.85 -13.89
CA ALA C 95 32.04 34.38 -13.99
C ALA C 95 32.12 33.74 -15.37
N GLU C 96 32.21 34.58 -16.40
CA GLU C 96 32.25 34.10 -17.77
C GLU C 96 33.18 32.91 -17.91
N GLY C 97 32.63 31.82 -18.45
CA GLY C 97 33.40 30.60 -18.62
C GLY C 97 32.81 29.45 -17.82
N PHE C 98 32.01 29.76 -16.81
CA PHE C 98 31.39 28.73 -16.00
C PHE C 98 30.35 27.96 -16.81
N GLU C 99 29.81 28.58 -17.86
CA GLU C 99 28.79 27.93 -18.70
C GLU C 99 29.31 26.63 -19.28
N GLN C 100 30.64 26.54 -19.45
CA GLN C 100 31.27 25.35 -20.00
C GLN C 100 31.11 24.12 -19.09
N TYR C 101 30.96 24.35 -17.78
CA TYR C 101 30.83 23.27 -16.81
C TYR C 101 29.46 23.19 -16.16
N ILE C 102 28.63 24.21 -16.39
CA ILE C 102 27.31 24.25 -15.77
C ILE C 102 26.17 24.40 -16.79
N SER C 103 25.36 23.35 -16.86
CA SER C 103 24.23 23.30 -17.78
C SER C 103 22.99 23.98 -17.21
N GLY C 104 22.92 24.06 -15.89
CA GLY C 104 21.78 24.70 -15.27
C GLY C 104 22.10 25.27 -13.91
N VAL C 105 21.31 26.24 -13.47
CA VAL C 105 21.52 26.86 -12.17
C VAL C 105 20.22 26.93 -11.41
N ILE C 106 20.24 26.46 -10.17
CA ILE C 106 19.06 26.49 -9.32
C ILE C 106 19.06 27.82 -8.58
N LEU C 107 18.11 28.68 -8.93
CA LEU C 107 17.99 30.01 -8.34
C LEU C 107 17.00 30.09 -7.19
N HIS C 108 17.22 31.07 -6.33
CA HIS C 108 16.32 31.30 -5.21
C HIS C 108 15.27 32.24 -5.75
N ASP C 109 14.08 32.20 -5.17
CA ASP C 109 12.97 33.05 -5.59
C ASP C 109 13.38 34.51 -5.70
N GLU C 110 14.23 34.96 -4.80
CA GLU C 110 14.69 36.35 -4.82
C GLU C 110 15.53 36.70 -6.04
N THR C 111 16.50 35.85 -6.34
CA THR C 111 17.40 36.07 -7.46
C THR C 111 16.68 36.06 -8.81
N VAL C 112 15.63 35.25 -8.92
CA VAL C 112 14.86 35.15 -10.16
C VAL C 112 14.42 36.53 -10.64
N GLY C 113 14.15 37.43 -9.70
CA GLY C 113 13.72 38.76 -10.06
C GLY C 113 14.81 39.82 -10.02
N GLN C 114 16.05 39.41 -9.79
CA GLN C 114 17.17 40.34 -9.76
C GLN C 114 17.82 40.48 -11.13
N LYS C 115 18.73 41.44 -11.27
CA LYS C 115 19.38 41.68 -12.55
C LYS C 115 20.89 41.59 -12.54
N ALA C 116 21.43 41.11 -13.66
CA ALA C 116 22.87 41.00 -13.84
C ALA C 116 23.35 42.37 -14.29
N SER C 117 24.67 42.54 -14.32
CA SER C 117 25.27 43.81 -14.73
C SER C 117 24.72 44.46 -15.99
N ASN C 118 24.33 43.66 -16.99
CA ASN C 118 23.83 44.22 -18.23
C ASN C 118 22.36 44.63 -18.22
N GLY C 119 21.74 44.58 -17.04
CA GLY C 119 20.34 44.96 -16.95
C GLY C 119 19.35 43.85 -17.23
N GLN C 120 19.86 42.65 -17.51
CA GLN C 120 19.00 41.48 -17.78
C GLN C 120 18.68 40.76 -16.48
N THR C 121 17.48 40.19 -16.37
CA THR C 121 17.15 39.43 -15.17
C THR C 121 18.09 38.22 -15.26
N PHE C 122 18.46 37.64 -14.12
CA PHE C 122 19.36 36.50 -14.17
C PHE C 122 18.86 35.36 -15.06
N PRO C 123 17.55 35.07 -15.05
CA PRO C 123 17.07 33.99 -15.91
C PRO C 123 17.36 34.32 -17.39
N GLU C 124 17.10 35.56 -17.78
CA GLU C 124 17.34 36.02 -19.15
C GLU C 124 18.83 35.94 -19.48
N TYR C 125 19.65 36.41 -18.55
CA TYR C 125 21.10 36.41 -18.71
C TYR C 125 21.62 34.98 -18.91
N LEU C 126 21.13 34.06 -18.09
CA LEU C 126 21.52 32.67 -18.17
C LEU C 126 21.08 32.04 -19.49
N THR C 127 19.81 32.23 -19.83
CA THR C 127 19.27 31.69 -21.06
C THR C 127 20.07 32.19 -22.26
N ALA C 128 20.35 33.49 -22.28
CA ALA C 128 21.10 34.09 -23.37
C ALA C 128 22.51 33.52 -23.49
N ARG C 129 23.05 33.04 -22.37
CA ARG C 129 24.40 32.49 -22.39
C ARG C 129 24.49 30.97 -22.38
N GLY C 130 23.38 30.32 -22.76
CA GLY C 130 23.36 28.87 -22.84
C GLY C 130 23.11 28.05 -21.59
N VAL C 131 22.69 28.68 -20.51
CA VAL C 131 22.43 27.97 -19.25
C VAL C 131 20.93 27.93 -18.95
N VAL C 132 20.43 26.77 -18.54
CA VAL C 132 19.01 26.65 -18.22
C VAL C 132 18.76 27.19 -16.82
N PRO C 133 17.78 28.09 -16.66
CA PRO C 133 17.45 28.68 -15.36
C PRO C 133 16.47 27.80 -14.58
N GLY C 134 16.79 27.51 -13.33
CA GLY C 134 15.93 26.69 -12.49
C GLY C 134 15.53 27.43 -11.21
N ILE C 135 14.53 26.92 -10.51
CA ILE C 135 14.04 27.56 -9.29
C ILE C 135 13.71 26.59 -8.15
N LYS C 136 14.14 26.93 -6.93
CA LYS C 136 13.83 26.09 -5.78
C LYS C 136 12.38 26.43 -5.41
N THR C 137 11.48 25.47 -5.56
CA THR C 137 10.08 25.70 -5.29
C THR C 137 9.51 25.25 -3.95
N ASP C 138 10.31 24.57 -3.13
CA ASP C 138 9.78 24.14 -1.83
C ASP C 138 9.78 25.31 -0.86
N MET C 139 8.98 25.22 0.19
CA MET C 139 8.89 26.30 1.18
C MET C 139 9.52 26.03 2.53
N GLY C 140 10.51 25.15 2.59
CA GLY C 140 11.19 24.87 3.84
C GLY C 140 10.80 23.64 4.64
N LEU C 141 11.70 23.28 5.56
CA LEU C 141 11.52 22.12 6.41
C LEU C 141 10.70 22.51 7.64
N CYS C 142 9.91 21.55 8.14
CA CYS C 142 9.07 21.74 9.32
C CYS C 142 9.03 20.44 10.10
N PRO C 143 8.72 20.49 11.41
CA PRO C 143 8.67 19.26 12.19
C PRO C 143 7.66 18.29 11.55
N LEU C 144 8.05 17.03 11.42
CA LEU C 144 7.16 16.04 10.81
C LEU C 144 5.89 15.86 11.63
N LEU C 145 6.01 16.00 12.95
CA LEU C 145 4.91 15.85 13.88
C LEU C 145 4.31 14.45 13.85
N GLU C 146 5.12 13.49 13.41
CA GLU C 146 4.75 12.09 13.34
C GLU C 146 6.09 11.35 13.40
N GLY C 147 6.08 10.09 13.83
CA GLY C 147 7.33 9.37 13.89
C GLY C 147 8.24 9.82 15.03
N ALA C 148 9.54 9.88 14.75
CA ALA C 148 10.52 10.26 15.75
C ALA C 148 10.92 11.73 15.76
N GLU C 149 11.27 12.21 16.96
CA GLU C 149 11.71 13.58 17.17
C GLU C 149 12.92 13.85 16.29
N GLY C 150 12.96 15.03 15.69
CA GLY C 150 14.07 15.36 14.82
C GLY C 150 13.73 15.20 13.34
N GLU C 151 12.71 14.41 13.04
CA GLU C 151 12.30 14.21 11.66
C GLU C 151 11.51 15.40 11.14
N GLN C 152 11.68 15.71 9.87
CA GLN C 152 11.01 16.86 9.28
C GLN C 152 10.34 16.58 7.95
N MET C 153 9.30 17.35 7.66
CA MET C 153 8.61 17.24 6.40
C MET C 153 8.95 18.54 5.67
N THR C 154 8.45 18.70 4.45
CA THR C 154 8.70 19.90 3.67
C THR C 154 7.37 20.48 3.19
N GLU C 155 7.19 21.77 3.37
CA GLU C 155 5.96 22.43 2.94
C GLU C 155 6.12 23.07 1.57
N GLY C 156 5.00 23.45 0.96
CA GLY C 156 5.06 24.12 -0.33
C GLY C 156 4.04 23.77 -1.39
N LEU C 157 3.30 22.68 -1.21
CA LEU C 157 2.33 22.28 -2.22
C LEU C 157 1.13 23.19 -2.45
N ASP C 158 0.63 23.84 -1.40
CA ASP C 158 -0.52 24.74 -1.55
C ASP C 158 -0.19 25.90 -2.49
N GLY C 159 -1.02 26.06 -3.52
CA GLY C 159 -0.82 27.13 -4.50
C GLY C 159 0.46 26.96 -5.30
N TYR C 160 0.92 25.71 -5.42
CA TYR C 160 2.15 25.40 -6.14
C TYR C 160 2.07 25.72 -7.63
N VAL C 161 0.96 25.37 -8.26
CA VAL C 161 0.80 25.60 -9.69
C VAL C 161 0.88 27.08 -10.03
N LYS C 162 0.30 27.92 -9.16
CA LYS C 162 0.33 29.36 -9.38
C LYS C 162 1.78 29.86 -9.33
N ARG C 163 2.55 29.44 -8.33
CA ARG C 163 3.94 29.87 -8.25
C ARG C 163 4.78 29.33 -9.40
N ALA C 164 4.65 28.04 -9.70
CA ALA C 164 5.41 27.42 -10.78
C ALA C 164 5.13 28.04 -12.15
N SER C 165 3.87 28.41 -12.38
CA SER C 165 3.50 29.02 -13.65
C SER C 165 4.11 30.41 -13.79
N ALA C 166 4.21 31.13 -12.68
CA ALA C 166 4.81 32.45 -12.71
C ALA C 166 6.31 32.32 -13.02
N TYR C 167 6.93 31.27 -12.49
CA TYR C 167 8.35 31.02 -12.72
C TYR C 167 8.63 30.67 -14.18
N TYR C 168 7.75 29.87 -14.78
CA TYR C 168 7.89 29.46 -16.16
C TYR C 168 7.84 30.70 -17.07
N LYS C 169 6.98 31.65 -16.71
CA LYS C 169 6.82 32.89 -17.46
C LYS C 169 8.12 33.70 -17.45
N LYS C 170 8.83 33.66 -16.32
CA LYS C 170 10.07 34.41 -16.20
C LYS C 170 11.28 33.73 -16.82
N GLY C 171 11.09 32.55 -17.40
CA GLY C 171 12.20 31.86 -18.04
C GLY C 171 12.70 30.59 -17.39
N CYS C 172 12.21 30.25 -16.20
CA CYS C 172 12.64 29.03 -15.53
C CYS C 172 12.08 27.81 -16.26
N ARG C 173 12.90 26.77 -16.40
CA ARG C 173 12.47 25.55 -17.10
C ARG C 173 12.58 24.27 -16.27
N PHE C 174 13.07 24.40 -15.05
CA PHE C 174 13.15 23.27 -14.14
C PHE C 174 13.15 23.80 -12.71
N CYS C 175 12.83 22.94 -11.75
CA CYS C 175 12.78 23.37 -10.37
C CYS C 175 13.40 22.32 -9.48
N LYS C 176 13.47 22.61 -8.18
CA LYS C 176 14.04 21.69 -7.22
C LYS C 176 13.24 21.75 -5.91
N TRP C 177 13.08 20.60 -5.26
CA TRP C 177 12.35 20.51 -4.01
C TRP C 177 13.12 19.55 -3.14
N ARG C 178 13.39 19.94 -1.90
CA ARG C 178 14.16 19.12 -0.98
C ARG C 178 13.43 18.60 0.25
N ASN C 179 13.54 17.30 0.46
CA ASN C 179 12.97 16.64 1.64
C ASN C 179 14.21 16.02 2.30
N VAL C 180 14.21 15.93 3.62
CA VAL C 180 15.35 15.33 4.31
C VAL C 180 14.95 14.16 5.21
N TYR C 181 15.90 13.28 5.42
CA TYR C 181 15.68 12.12 6.27
C TYR C 181 16.89 12.09 7.19
N LYS C 182 16.62 12.00 8.49
CA LYS C 182 17.67 11.99 9.50
C LYS C 182 17.86 10.62 10.10
N ILE C 183 19.04 10.04 9.88
CA ILE C 183 19.34 8.72 10.43
C ILE C 183 19.60 8.79 11.93
N GLN C 184 18.73 8.15 12.70
CA GLN C 184 18.89 8.14 14.15
C GLN C 184 18.82 6.70 14.65
N ASN C 185 19.85 6.27 15.37
CA ASN C 185 19.90 4.91 15.89
C ASN C 185 19.91 3.91 14.76
N GLY C 186 20.53 4.30 13.65
CA GLY C 186 20.65 3.41 12.50
C GLY C 186 19.37 3.21 11.70
N THR C 187 18.35 4.00 11.96
CA THR C 187 17.11 3.85 11.22
C THR C 187 16.37 5.18 11.07
N VAL C 188 15.20 5.12 10.44
CA VAL C 188 14.35 6.29 10.20
C VAL C 188 12.94 5.74 10.36
N SER C 189 11.96 6.61 10.65
CA SER C 189 10.60 6.10 10.84
C SER C 189 9.83 5.96 9.53
N GLU C 190 8.92 4.98 9.50
CA GLU C 190 8.10 4.76 8.33
C GLU C 190 7.23 5.99 8.05
N SER C 191 6.81 6.67 9.12
CA SER C 191 6.00 7.87 8.94
C SER C 191 6.75 8.84 8.03
N ALA C 192 8.06 8.99 8.26
CA ALA C 192 8.88 9.88 7.44
C ALA C 192 9.11 9.27 6.06
N VAL C 193 9.42 7.98 6.03
CA VAL C 193 9.67 7.29 4.77
C VAL C 193 8.49 7.47 3.82
N ARG C 194 7.29 7.26 4.33
CA ARG C 194 6.09 7.40 3.51
C ARG C 194 5.67 8.83 3.18
N PHE C 195 5.53 9.65 4.21
CA PHE C 195 5.09 11.03 4.01
C PHE C 195 5.96 11.85 3.07
N ASN C 196 7.27 11.85 3.31
CA ASN C 196 8.20 12.60 2.45
C ASN C 196 8.23 12.07 1.02
N ALA C 197 8.00 10.78 0.83
CA ALA C 197 7.98 10.22 -0.51
C ALA C 197 6.73 10.74 -1.23
N GLU C 198 5.62 10.79 -0.50
CA GLU C 198 4.36 11.26 -1.08
C GLU C 198 4.45 12.74 -1.41
N THR C 199 5.19 13.47 -0.60
CA THR C 199 5.35 14.90 -0.81
C THR C 199 6.14 15.11 -2.10
N LEU C 200 7.27 14.42 -2.23
CA LEU C 200 8.10 14.53 -3.42
C LEU C 200 7.36 14.14 -4.71
N ALA C 201 6.63 13.04 -4.68
CA ALA C 201 5.88 12.59 -5.86
C ALA C 201 4.82 13.59 -6.29
N ARG C 202 4.09 14.13 -5.33
CA ARG C 202 3.05 15.10 -5.65
C ARG C 202 3.71 16.31 -6.28
N TYR C 203 4.79 16.77 -5.67
CA TYR C 203 5.55 17.91 -6.16
C TYR C 203 6.02 17.71 -7.59
N ALA C 204 6.47 16.50 -7.90
CA ALA C 204 6.97 16.20 -9.24
C ALA C 204 5.84 16.35 -10.26
N ILE C 205 4.68 15.79 -9.94
CA ILE C 205 3.53 15.86 -10.82
C ILE C 205 3.14 17.31 -11.06
N LEU C 206 2.97 18.09 -10.00
CA LEU C 206 2.58 19.48 -10.16
C LEU C 206 3.62 20.29 -10.94
N SER C 207 4.89 19.94 -10.80
CA SER C 207 5.94 20.66 -11.54
C SER C 207 5.82 20.40 -13.03
N GLN C 208 5.69 19.12 -13.39
CA GLN C 208 5.57 18.76 -14.79
C GLN C 208 4.34 19.40 -15.42
N MET C 209 3.22 19.39 -14.70
CA MET C 209 1.98 20.00 -15.19
C MET C 209 2.19 21.49 -15.42
N SER C 210 3.20 22.06 -14.75
CA SER C 210 3.49 23.48 -14.87
C SER C 210 4.62 23.78 -15.85
N GLY C 211 5.12 22.74 -16.52
CA GLY C 211 6.19 22.94 -17.48
C GLY C 211 7.60 23.05 -16.89
N LEU C 212 7.78 22.64 -15.65
CA LEU C 212 9.09 22.69 -15.02
C LEU C 212 9.61 21.28 -14.73
N VAL C 213 10.82 20.97 -15.22
CA VAL C 213 11.42 19.66 -14.98
C VAL C 213 11.70 19.57 -13.49
N PRO C 214 11.09 18.60 -12.79
CA PRO C 214 11.33 18.49 -11.36
C PRO C 214 12.57 17.72 -10.95
N ILE C 215 13.39 18.34 -10.11
CA ILE C 215 14.57 17.68 -9.57
C ILE C 215 14.07 17.18 -8.21
N VAL C 216 13.95 15.87 -8.07
CA VAL C 216 13.47 15.25 -6.84
C VAL C 216 14.65 15.03 -5.90
N GLU C 217 14.63 15.72 -4.76
CA GLU C 217 15.74 15.59 -3.81
C GLU C 217 15.39 14.98 -2.45
N PRO C 218 15.64 13.67 -2.29
CA PRO C 218 15.37 12.94 -1.05
C PRO C 218 16.72 12.78 -0.35
N GLU C 219 17.13 13.80 0.39
CA GLU C 219 18.42 13.77 1.06
C GLU C 219 18.49 13.02 2.37
N VAL C 220 19.25 11.92 2.37
CA VAL C 220 19.47 11.14 3.57
C VAL C 220 20.72 11.82 4.12
N MET C 221 20.53 12.70 5.10
CA MET C 221 21.61 13.47 5.68
C MET C 221 22.78 12.69 6.25
N ILE C 222 23.97 13.27 6.10
CA ILE C 222 25.21 12.65 6.57
C ILE C 222 25.36 12.78 8.09
N ASP C 223 24.55 13.65 8.71
CA ASP C 223 24.59 13.89 10.15
C ASP C 223 24.46 12.60 10.94
N GLY C 224 25.30 12.43 11.95
CA GLY C 224 25.22 11.22 12.76
C GLY C 224 26.51 10.44 12.87
N LYS C 225 26.45 9.34 13.61
CA LYS C 225 27.62 8.49 13.84
C LYS C 225 27.56 7.17 13.07
N HIS C 226 26.54 6.99 12.23
CA HIS C 226 26.39 5.77 11.45
C HIS C 226 27.53 5.51 10.48
N ASP C 227 27.73 4.25 10.12
CA ASP C 227 28.76 3.87 9.18
C ASP C 227 28.17 3.86 7.76
N ILE C 228 29.00 3.56 6.77
CA ILE C 228 28.54 3.56 5.39
C ILE C 228 27.45 2.51 5.12
N ASP C 229 27.52 1.36 5.79
CA ASP C 229 26.52 0.33 5.59
C ASP C 229 25.12 0.79 6.02
N THR C 230 25.04 1.50 7.14
CA THR C 230 23.77 1.99 7.62
C THR C 230 23.20 3.02 6.65
N CYS C 231 24.08 3.86 6.10
CA CYS C 231 23.62 4.86 5.14
C CYS C 231 23.08 4.12 3.91
N GLN C 232 23.76 3.04 3.52
CA GLN C 232 23.37 2.23 2.39
C GLN C 232 21.96 1.66 2.60
N ARG C 233 21.75 1.07 3.77
CA ARG C 233 20.46 0.49 4.14
C ARG C 233 19.34 1.53 4.16
N VAL C 234 19.58 2.66 4.81
CA VAL C 234 18.57 3.69 4.91
C VAL C 234 18.31 4.36 3.56
N SER C 235 19.38 4.61 2.81
CA SER C 235 19.24 5.26 1.50
C SER C 235 18.41 4.41 0.56
N GLU C 236 18.66 3.10 0.56
CA GLU C 236 17.94 2.19 -0.31
C GLU C 236 16.47 2.10 0.08
N HIS C 237 16.21 2.10 1.39
CA HIS C 237 14.85 2.04 1.90
C HIS C 237 14.08 3.33 1.58
N VAL C 238 14.73 4.47 1.73
CA VAL C 238 14.12 5.78 1.45
C VAL C 238 13.89 5.96 -0.06
N TRP C 239 14.91 5.67 -0.87
CA TRP C 239 14.86 5.78 -2.35
C TRP C 239 13.69 4.99 -2.92
N ARG C 240 13.62 3.71 -2.58
CA ARG C 240 12.59 2.83 -3.10
C ARG C 240 11.18 3.40 -2.88
N GLU C 241 10.91 3.94 -1.70
CA GLU C 241 9.57 4.48 -1.45
C GLU C 241 9.31 5.75 -2.25
N VAL C 242 10.34 6.55 -2.49
CA VAL C 242 10.18 7.76 -3.29
C VAL C 242 9.75 7.31 -4.69
N VAL C 243 10.39 6.26 -5.20
CA VAL C 243 10.07 5.71 -6.53
C VAL C 243 8.64 5.16 -6.55
N ALA C 244 8.27 4.44 -5.50
CA ALA C 244 6.94 3.87 -5.39
C ALA C 244 5.88 4.97 -5.43
N ALA C 245 6.16 6.07 -4.72
CA ALA C 245 5.20 7.18 -4.70
C ALA C 245 5.13 7.82 -6.08
N LEU C 246 6.27 7.89 -6.76
CA LEU C 246 6.30 8.48 -8.10
C LEU C 246 5.47 7.65 -9.08
N GLN C 247 5.50 6.33 -8.92
CA GLN C 247 4.74 5.45 -9.78
C GLN C 247 3.25 5.61 -9.51
N ARG C 248 2.87 5.68 -8.24
CA ARG C 248 1.46 5.85 -7.88
C ARG C 248 0.88 7.16 -8.44
N HIS C 249 1.71 8.21 -8.47
CA HIS C 249 1.29 9.52 -8.96
C HIS C 249 1.42 9.66 -10.48
N GLY C 250 2.00 8.67 -11.14
CA GLY C 250 2.14 8.68 -12.58
C GLY C 250 3.03 9.74 -13.20
N VAL C 251 4.23 9.89 -12.63
CA VAL C 251 5.19 10.86 -13.12
C VAL C 251 5.72 10.45 -14.50
N ILE C 252 6.10 11.44 -15.30
CA ILE C 252 6.69 11.18 -16.60
C ILE C 252 8.19 10.99 -16.30
N TRP C 253 8.64 9.74 -16.27
CA TRP C 253 10.03 9.44 -15.97
C TRP C 253 11.04 10.12 -16.88
N GLU C 254 10.75 10.19 -18.17
CA GLU C 254 11.69 10.81 -19.08
C GLU C 254 11.77 12.32 -18.90
N GLY C 255 10.98 12.84 -17.96
CA GLY C 255 10.99 14.28 -17.70
C GLY C 255 11.33 14.71 -16.27
N CYS C 256 12.15 13.94 -15.56
CA CYS C 256 12.51 14.32 -14.20
C CYS C 256 13.94 13.93 -13.87
N LEU C 257 14.45 14.42 -12.74
CA LEU C 257 15.81 14.12 -12.30
C LEU C 257 15.84 13.82 -10.81
N LEU C 258 16.79 13.01 -10.38
CA LEU C 258 16.95 12.66 -8.97
C LEU C 258 18.18 13.42 -8.46
N LYS C 259 18.08 13.95 -7.24
CA LYS C 259 19.18 14.67 -6.60
C LYS C 259 19.34 14.07 -5.21
N PRO C 260 19.99 12.90 -5.14
CA PRO C 260 20.21 12.18 -3.89
C PRO C 260 21.55 12.44 -3.25
N ASN C 261 21.72 11.86 -2.07
CA ASN C 261 22.97 11.96 -1.34
C ASN C 261 23.83 10.81 -1.82
N MET C 262 25.14 10.97 -1.71
CA MET C 262 26.01 9.86 -2.07
C MET C 262 25.94 8.99 -0.81
N VAL C 263 26.25 7.70 -0.94
CA VAL C 263 26.23 6.83 0.23
C VAL C 263 27.63 6.82 0.85
N VAL C 264 27.73 7.43 2.04
CA VAL C 264 28.98 7.55 2.76
C VAL C 264 28.79 7.47 4.28
N PRO C 265 29.87 7.19 5.03
CA PRO C 265 29.75 7.11 6.48
C PRO C 265 29.30 8.45 7.07
N GLY C 266 28.70 8.39 8.25
CA GLY C 266 28.21 9.59 8.92
C GLY C 266 29.32 10.59 9.26
N ALA C 267 28.94 11.85 9.31
CA ALA C 267 29.87 12.94 9.59
C ALA C 267 30.54 12.86 10.96
N GLU C 268 29.88 12.22 11.91
CA GLU C 268 30.43 12.07 13.25
C GLU C 268 30.83 10.63 13.52
N SER C 269 31.04 9.87 12.45
CA SER C 269 31.42 8.47 12.60
C SER C 269 32.94 8.35 12.80
N GLY C 270 33.66 9.42 12.48
CA GLY C 270 35.09 9.39 12.62
C GLY C 270 35.72 8.41 11.64
N LYS C 271 34.91 7.97 10.67
CA LYS C 271 35.37 7.01 9.67
C LYS C 271 35.39 7.64 8.28
N THR C 272 36.41 7.28 7.51
CA THR C 272 36.59 7.79 6.16
C THR C 272 36.30 6.64 5.20
N ALA C 273 35.91 6.97 3.98
CA ALA C 273 35.62 5.94 2.98
C ALA C 273 36.35 6.29 1.69
N ALA C 274 36.99 5.29 1.09
CA ALA C 274 37.73 5.49 -0.16
C ALA C 274 36.79 5.78 -1.34
N PRO C 275 37.24 6.59 -2.31
CA PRO C 275 36.42 6.94 -3.47
C PRO C 275 35.74 5.74 -4.11
N GLU C 276 36.49 4.66 -4.30
CA GLU C 276 35.94 3.46 -4.92
C GLU C 276 34.84 2.80 -4.11
N GLN C 277 34.92 2.89 -2.78
CA GLN C 277 33.91 2.29 -1.93
C GLN C 277 32.62 3.12 -2.05
N VAL C 278 32.74 4.43 -1.95
CA VAL C 278 31.58 5.31 -2.07
C VAL C 278 30.91 5.02 -3.41
N ALA C 279 31.72 4.94 -4.47
CA ALA C 279 31.18 4.68 -5.79
C ALA C 279 30.39 3.37 -5.81
N HIS C 280 30.97 2.30 -5.30
CA HIS C 280 30.29 1.01 -5.28
C HIS C 280 28.96 1.08 -4.52
N TYR C 281 29.00 1.56 -3.28
CA TYR C 281 27.78 1.65 -2.48
C TYR C 281 26.72 2.55 -3.08
N THR C 282 27.13 3.71 -3.58
CA THR C 282 26.20 4.67 -4.16
C THR C 282 25.56 4.14 -5.43
N VAL C 283 26.39 3.72 -6.39
CA VAL C 283 25.88 3.22 -7.67
C VAL C 283 25.01 1.98 -7.47
N MET C 284 25.41 1.11 -6.55
CA MET C 284 24.64 -0.10 -6.26
C MET C 284 23.27 0.23 -5.69
N THR C 285 23.21 1.26 -4.85
CA THR C 285 21.96 1.65 -4.22
C THR C 285 20.98 2.25 -5.24
N LEU C 286 21.51 3.06 -6.14
CA LEU C 286 20.68 3.68 -7.17
C LEU C 286 20.12 2.58 -8.06
N ALA C 287 21.00 1.69 -8.51
CA ALA C 287 20.60 0.61 -9.40
C ALA C 287 19.52 -0.28 -8.81
N ARG C 288 19.64 -0.57 -7.52
CA ARG C 288 18.64 -1.41 -6.85
C ARG C 288 17.28 -0.75 -6.60
N THR C 289 17.19 0.57 -6.79
CA THR C 289 15.94 1.28 -6.52
C THR C 289 15.36 2.13 -7.64
N MET C 290 16.19 2.65 -8.52
CA MET C 290 15.73 3.51 -9.61
C MET C 290 15.42 2.81 -10.94
N PRO C 291 14.28 3.18 -11.57
CA PRO C 291 13.90 2.58 -12.86
C PRO C 291 14.98 2.98 -13.87
N ALA C 292 15.33 2.07 -14.76
CA ALA C 292 16.35 2.35 -15.76
C ALA C 292 16.07 3.58 -16.62
N MET C 293 14.81 4.01 -16.67
CA MET C 293 14.44 5.16 -17.47
C MET C 293 14.83 6.51 -16.86
N LEU C 294 15.07 6.56 -15.55
CA LEU C 294 15.45 7.82 -14.91
C LEU C 294 16.60 8.42 -15.73
N PRO C 295 16.39 9.62 -16.31
CA PRO C 295 17.37 10.33 -17.14
C PRO C 295 18.68 10.74 -16.48
N GLY C 296 18.61 11.17 -15.23
CA GLY C 296 19.84 11.59 -14.58
C GLY C 296 19.77 11.66 -13.07
N VAL C 297 20.96 11.63 -12.47
CA VAL C 297 21.14 11.68 -11.03
C VAL C 297 22.19 12.76 -10.79
N MET C 298 21.75 13.88 -10.24
CA MET C 298 22.64 15.00 -9.96
C MET C 298 22.86 15.00 -8.45
N PHE C 299 24.04 14.58 -8.02
CA PHE C 299 24.35 14.49 -6.58
C PHE C 299 24.47 15.80 -5.81
N LEU C 300 24.02 15.78 -4.56
CA LEU C 300 24.15 16.94 -3.67
C LEU C 300 25.48 16.68 -2.93
N SER C 301 26.19 17.73 -2.51
CA SER C 301 27.45 17.50 -1.80
C SER C 301 27.24 17.23 -0.30
N GLY C 302 26.17 17.83 0.24
CA GLY C 302 25.77 17.66 1.63
C GLY C 302 26.73 17.46 2.79
N GLY C 303 27.79 18.27 2.87
CA GLY C 303 28.72 18.11 3.98
C GLY C 303 30.07 17.53 3.59
N LEU C 304 30.15 16.93 2.41
CA LEU C 304 31.43 16.38 1.97
C LEU C 304 32.28 17.59 1.61
N SER C 305 33.60 17.44 1.68
CA SER C 305 34.51 18.54 1.35
C SER C 305 34.49 18.76 -0.15
N GLU C 306 35.08 19.86 -0.59
CA GLU C 306 35.13 20.17 -2.02
C GLU C 306 35.86 19.06 -2.77
N VAL C 307 36.94 18.55 -2.18
CA VAL C 307 37.72 17.49 -2.81
C VAL C 307 37.02 16.14 -2.81
N GLN C 308 36.33 15.80 -1.72
CA GLN C 308 35.65 14.52 -1.64
C GLN C 308 34.53 14.48 -2.70
N ALA C 309 33.87 15.62 -2.88
CA ALA C 309 32.77 15.72 -3.83
C ALA C 309 33.23 15.43 -5.26
N SER C 310 34.42 15.90 -5.61
CA SER C 310 34.95 15.68 -6.95
C SER C 310 35.47 14.26 -7.07
N GLU C 311 36.20 13.82 -6.05
CA GLU C 311 36.78 12.48 -6.00
C GLU C 311 35.72 11.39 -6.07
N TYR C 312 34.67 11.56 -5.29
CA TYR C 312 33.61 10.58 -5.25
C TYR C 312 32.84 10.52 -6.57
N LEU C 313 32.48 11.68 -7.11
CA LEU C 313 31.78 11.74 -8.38
C LEU C 313 32.65 11.13 -9.46
N ASN C 314 33.96 11.37 -9.40
CA ASN C 314 34.87 10.83 -10.39
C ASN C 314 34.87 9.30 -10.37
N ALA C 315 34.88 8.72 -9.18
CA ALA C 315 34.88 7.25 -9.04
C ALA C 315 33.53 6.66 -9.45
N ILE C 316 32.47 7.39 -9.20
CA ILE C 316 31.13 6.95 -9.56
C ILE C 316 31.05 6.80 -11.08
N ASN C 317 31.67 7.74 -11.80
CA ASN C 317 31.69 7.71 -13.26
C ASN C 317 32.78 6.82 -13.84
N ASN C 318 33.25 5.89 -13.01
CA ASN C 318 34.26 4.91 -13.39
C ASN C 318 33.82 3.56 -12.85
N SER C 319 32.62 3.54 -12.26
CA SER C 319 32.07 2.32 -11.69
C SER C 319 31.66 1.30 -12.75
N PRO C 320 31.92 0.02 -12.50
CA PRO C 320 31.56 -1.04 -13.44
C PRO C 320 30.12 -1.53 -13.26
N LEU C 321 29.44 -1.00 -12.25
CA LEU C 321 28.06 -1.38 -11.97
C LEU C 321 27.09 -0.72 -12.96
N PRO C 322 25.91 -1.30 -13.15
CA PRO C 322 24.94 -0.73 -14.07
C PRO C 322 24.56 0.70 -13.69
N ARG C 323 24.46 1.57 -14.69
CA ARG C 323 24.11 2.97 -14.48
C ARG C 323 23.70 3.60 -15.80
N PRO C 324 22.49 3.28 -16.28
CA PRO C 324 21.96 3.81 -17.54
C PRO C 324 21.81 5.32 -17.50
N TYR C 325 21.52 5.86 -16.32
CA TYR C 325 21.34 7.29 -16.13
C TYR C 325 22.61 8.11 -16.07
N PHE C 326 22.48 9.37 -16.45
CA PHE C 326 23.57 10.33 -16.44
C PHE C 326 23.91 10.57 -14.96
N LEU C 327 25.20 10.57 -14.61
CA LEU C 327 25.61 10.79 -13.23
C LEU C 327 26.50 12.02 -13.13
N SER C 328 25.95 13.08 -12.53
CA SER C 328 26.68 14.32 -12.41
C SER C 328 26.49 15.01 -11.05
N PHE C 329 26.71 16.31 -11.00
CA PHE C 329 26.60 17.05 -9.76
C PHE C 329 25.55 18.17 -9.77
N SER C 330 25.12 18.53 -8.57
CA SER C 330 24.18 19.63 -8.34
C SER C 330 24.64 20.09 -6.97
N TYR C 331 25.75 20.82 -6.97
CA TYR C 331 26.39 21.26 -5.74
C TYR C 331 26.20 22.71 -5.36
N ALA C 332 26.16 22.93 -4.05
CA ALA C 332 26.06 24.27 -3.49
C ALA C 332 27.41 24.49 -2.79
N ARG C 333 27.53 24.02 -1.56
CA ARG C 333 28.77 24.16 -0.79
C ARG C 333 30.04 23.71 -1.53
N ALA C 334 30.00 22.53 -2.15
CA ALA C 334 31.17 22.01 -2.84
C ALA C 334 31.65 22.81 -4.05
N LEU C 335 30.89 23.82 -4.47
CA LEU C 335 31.32 24.64 -5.59
C LEU C 335 31.53 26.09 -5.15
N GLN C 336 31.04 26.41 -3.95
CA GLN C 336 31.11 27.77 -3.43
C GLN C 336 32.11 28.09 -2.33
N SER C 337 32.47 27.09 -1.53
CA SER C 337 33.39 27.30 -0.42
C SER C 337 34.63 28.14 -0.74
N SER C 338 35.56 27.57 -1.48
CA SER C 338 36.78 28.26 -1.85
C SER C 338 36.53 29.60 -2.55
N ALA C 339 35.51 29.65 -3.39
CA ALA C 339 35.20 30.88 -4.11
C ALA C 339 34.76 32.01 -3.20
N LEU C 340 33.92 31.70 -2.20
CA LEU C 340 33.45 32.72 -1.27
C LEU C 340 34.62 33.29 -0.46
N LYS C 341 35.55 32.41 -0.09
CA LYS C 341 36.71 32.81 0.69
C LYS C 341 37.63 33.73 -0.09
N ALA C 342 37.93 33.36 -1.33
CA ALA C 342 38.80 34.17 -2.17
C ALA C 342 38.13 35.50 -2.51
N TRP C 343 36.80 35.48 -2.65
CA TRP C 343 36.03 36.68 -2.96
C TRP C 343 36.05 37.67 -1.80
N GLY C 344 35.84 37.15 -0.58
CA GLY C 344 35.83 38.00 0.60
C GLY C 344 34.73 39.04 0.60
N GLY C 345 33.76 38.87 -0.29
CA GLY C 345 32.67 39.82 -0.37
C GLY C 345 33.09 41.17 -0.91
N LYS C 346 34.34 41.28 -1.34
CA LYS C 346 34.86 42.54 -1.88
C LYS C 346 35.00 42.57 -3.39
N GLU C 347 34.57 43.68 -3.99
CA GLU C 347 34.63 43.87 -5.43
C GLU C 347 36.07 43.68 -5.91
N SER C 348 37.03 43.85 -5.01
CA SER C 348 38.44 43.70 -5.35
C SER C 348 38.90 42.26 -5.28
N GLY C 349 38.00 41.37 -4.86
CA GLY C 349 38.36 39.96 -4.75
C GLY C 349 37.64 39.12 -5.77
N LEU C 350 36.81 39.77 -6.59
CA LEU C 350 36.04 39.08 -7.63
C LEU C 350 36.87 38.15 -8.51
N ALA C 351 38.03 38.64 -8.96
CA ALA C 351 38.89 37.84 -9.83
C ALA C 351 39.38 36.57 -9.15
N ALA C 352 39.76 36.69 -7.88
CA ALA C 352 40.25 35.55 -7.12
C ALA C 352 39.13 34.55 -6.85
N GLY C 353 37.95 35.07 -6.50
CA GLY C 353 36.82 34.20 -6.21
C GLY C 353 36.41 33.43 -7.45
N ARG C 354 36.40 34.11 -8.59
CA ARG C 354 36.00 33.48 -9.83
C ARG C 354 36.97 32.43 -10.34
N ARG C 355 38.25 32.59 -10.02
CA ARG C 355 39.24 31.61 -10.45
C ARG C 355 39.01 30.33 -9.66
N ALA C 356 38.70 30.49 -8.37
CA ALA C 356 38.45 29.35 -7.50
C ALA C 356 37.17 28.66 -7.94
N PHE C 357 36.14 29.45 -8.23
CA PHE C 357 34.87 28.89 -8.68
C PHE C 357 35.06 28.09 -9.97
N LEU C 358 35.68 28.69 -10.98
CA LEU C 358 35.92 28.01 -12.24
C LEU C 358 36.72 26.75 -12.02
N HIS C 359 37.71 26.83 -11.14
CA HIS C 359 38.54 25.67 -10.85
C HIS C 359 37.69 24.53 -10.31
N ARG C 360 36.85 24.82 -9.31
CA ARG C 360 35.98 23.80 -8.73
C ARG C 360 34.97 23.28 -9.74
N ALA C 361 34.40 24.19 -10.53
CA ALA C 361 33.44 23.78 -11.54
C ALA C 361 34.16 22.90 -12.57
N ARG C 362 35.41 23.27 -12.87
CA ARG C 362 36.22 22.51 -13.82
C ARG C 362 36.55 21.11 -13.31
N MET C 363 36.91 21.01 -12.04
CA MET C 363 37.25 19.71 -11.47
C MET C 363 36.04 18.77 -11.50
N ASN C 364 34.86 19.30 -11.17
CA ASN C 364 33.66 18.46 -11.14
C ASN C 364 33.23 18.07 -12.55
N SER C 365 33.54 18.94 -13.51
CA SER C 365 33.25 18.68 -14.92
C SER C 365 34.06 17.46 -15.36
N MET C 366 35.37 17.49 -15.07
CA MET C 366 36.23 16.36 -15.43
C MET C 366 35.85 15.12 -14.62
N ALA C 367 35.30 15.33 -13.43
CA ALA C 367 34.85 14.23 -12.58
C ALA C 367 33.66 13.55 -13.25
N GLN C 368 32.77 14.37 -13.82
CA GLN C 368 31.60 13.83 -14.51
C GLN C 368 32.08 12.90 -15.62
N LEU C 369 33.15 13.29 -16.29
CA LEU C 369 33.72 12.52 -17.38
C LEU C 369 34.56 11.35 -16.87
N GLY C 370 34.85 11.36 -15.57
CA GLY C 370 35.65 10.30 -14.99
C GLY C 370 37.13 10.53 -15.24
N LYS C 371 37.49 11.77 -15.52
CA LYS C 371 38.88 12.13 -15.80
C LYS C 371 39.48 13.08 -14.77
N TYR C 372 38.87 13.14 -13.59
CA TYR C 372 39.37 14.00 -12.53
C TYR C 372 40.70 13.43 -12.02
N LYS C 373 41.65 14.31 -11.74
CA LYS C 373 42.93 13.88 -11.21
C LYS C 373 43.18 14.61 -9.89
N ARG C 374 43.29 13.84 -8.81
CA ARG C 374 43.52 14.44 -7.51
C ARG C 374 44.72 15.40 -7.52
N SER C 375 45.73 15.08 -8.34
CA SER C 375 46.90 15.95 -8.40
C SER C 375 46.53 17.37 -8.82
N ASP C 376 45.46 17.51 -9.60
CA ASP C 376 45.00 18.82 -10.05
C ASP C 376 44.51 19.69 -8.90
N ASP C 377 44.17 19.08 -7.78
CA ASP C 377 43.73 19.81 -6.60
C ASP C 377 44.90 19.86 -5.61
N ASP C 378 46.09 19.50 -6.09
CA ASP C 378 47.32 19.48 -5.29
C ASP C 378 47.36 18.29 -4.33
N MET D 21 -12.88 12.58 -22.01
CA MET D 21 -12.09 12.21 -23.22
C MET D 21 -12.46 10.80 -23.70
N SER D 22 -11.45 9.95 -23.87
CA SER D 22 -11.67 8.58 -24.34
C SER D 22 -12.34 7.70 -23.29
N ARG D 23 -13.46 7.10 -23.67
CA ARG D 23 -14.21 6.21 -22.78
C ARG D 23 -13.96 4.76 -23.16
N VAL D 24 -14.22 3.85 -22.22
CA VAL D 24 -14.02 2.43 -22.48
C VAL D 24 -15.04 1.66 -21.66
N THR D 25 -15.62 0.63 -22.28
CA THR D 25 -16.62 -0.18 -21.60
C THR D 25 -15.94 -1.38 -20.95
N VAL D 26 -15.93 -1.39 -19.62
CA VAL D 26 -15.28 -2.47 -18.91
C VAL D 26 -16.24 -3.29 -18.08
N LEU D 27 -15.74 -4.41 -17.60
CA LEU D 27 -16.52 -5.30 -16.76
C LEU D 27 -16.53 -4.62 -15.39
N GLN D 28 -17.70 -4.56 -14.76
CA GLN D 28 -17.83 -3.93 -13.46
C GLN D 28 -16.86 -4.57 -12.45
N SER D 29 -16.60 -5.87 -12.61
CA SER D 29 -15.72 -6.61 -11.72
C SER D 29 -14.24 -6.23 -11.88
N GLN D 30 -13.93 -5.41 -12.89
CA GLN D 30 -12.56 -4.96 -13.09
C GLN D 30 -12.32 -3.63 -12.39
N LEU D 31 -13.39 -3.05 -11.86
CA LEU D 31 -13.30 -1.77 -11.14
C LEU D 31 -13.01 -1.98 -9.65
N PRO D 32 -11.98 -1.29 -9.12
CA PRO D 32 -11.56 -1.38 -7.72
C PRO D 32 -12.68 -1.35 -6.70
N ALA D 33 -13.67 -0.49 -6.89
CA ALA D 33 -14.78 -0.36 -5.94
C ALA D 33 -15.73 -1.55 -5.91
N TYR D 34 -15.65 -2.43 -6.91
CA TYR D 34 -16.55 -3.58 -6.96
C TYR D 34 -15.90 -4.91 -6.64
N ASN D 35 -14.96 -4.91 -5.70
CA ASN D 35 -14.24 -6.13 -5.35
C ASN D 35 -14.91 -7.03 -4.30
N ARG D 36 -16.06 -6.66 -3.74
CA ARG D 36 -16.69 -7.52 -2.74
C ARG D 36 -16.96 -8.92 -3.29
N LEU D 37 -16.58 -9.92 -2.50
CA LEU D 37 -16.76 -11.32 -2.87
C LEU D 37 -18.21 -11.68 -3.22
N LYS D 38 -18.39 -12.41 -4.32
CA LYS D 38 -19.72 -12.83 -4.76
C LYS D 38 -19.87 -14.34 -4.66
N THR D 39 -20.78 -14.81 -3.80
CA THR D 39 -20.99 -16.23 -3.64
C THR D 39 -22.45 -16.59 -3.36
N PRO D 40 -22.92 -17.69 -3.97
CA PRO D 40 -24.31 -18.13 -3.76
C PRO D 40 -24.51 -18.63 -2.32
N TYR D 41 -23.41 -18.80 -1.59
CA TYR D 41 -23.46 -19.27 -0.20
C TYR D 41 -23.69 -18.15 0.81
N GLU D 42 -23.64 -16.90 0.35
CA GLU D 42 -23.78 -15.74 1.25
C GLU D 42 -24.90 -15.88 2.26
N SER D 43 -26.09 -16.24 1.79
CA SER D 43 -27.24 -16.40 2.66
C SER D 43 -26.98 -17.41 3.77
N GLU D 44 -26.39 -18.55 3.41
CA GLU D 44 -26.11 -19.58 4.39
C GLU D 44 -24.95 -19.16 5.33
N LEU D 45 -23.99 -18.41 4.80
CA LEU D 45 -22.88 -17.95 5.64
C LEU D 45 -23.45 -17.11 6.78
N ILE D 46 -24.30 -16.14 6.44
CA ILE D 46 -24.92 -15.27 7.46
C ILE D 46 -25.70 -16.10 8.48
N ALA D 47 -26.39 -17.14 8.01
CA ALA D 47 -27.16 -18.00 8.91
C ALA D 47 -26.25 -18.75 9.89
N THR D 48 -25.11 -19.22 9.42
CA THR D 48 -24.15 -19.93 10.27
C THR D 48 -23.57 -18.94 11.27
N VAL D 49 -23.24 -17.74 10.79
CA VAL D 49 -22.69 -16.73 11.68
C VAL D 49 -23.71 -16.50 12.78
N LYS D 50 -24.99 -16.48 12.40
CA LYS D 50 -26.09 -16.26 13.34
C LYS D 50 -26.08 -17.32 14.46
N LYS D 51 -25.97 -18.59 14.09
CA LYS D 51 -25.94 -19.68 15.07
C LYS D 51 -24.67 -19.61 15.92
N LEU D 52 -23.56 -19.21 15.31
CA LEU D 52 -22.28 -19.11 16.02
C LEU D 52 -22.19 -17.90 16.96
N THR D 53 -23.15 -16.99 16.88
CA THR D 53 -23.15 -15.82 17.77
C THR D 53 -24.40 -15.87 18.64
N THR D 54 -24.70 -17.04 19.18
CA THR D 54 -25.85 -17.23 20.05
C THR D 54 -25.52 -16.83 21.48
N PRO D 55 -26.34 -15.96 22.07
CA PRO D 55 -26.11 -15.51 23.46
C PRO D 55 -25.91 -16.69 24.43
N GLY D 56 -24.91 -16.57 25.29
CA GLY D 56 -24.63 -17.62 26.25
C GLY D 56 -23.86 -18.82 25.71
N LYS D 57 -23.42 -18.74 24.47
CA LYS D 57 -22.69 -19.87 23.89
C LYS D 57 -21.39 -19.45 23.22
N GLY D 58 -20.52 -20.44 23.04
CA GLY D 58 -19.23 -20.22 22.41
C GLY D 58 -18.79 -21.49 21.70
N LEU D 59 -17.53 -21.53 21.26
CA LEU D 59 -17.02 -22.68 20.54
C LEU D 59 -16.01 -23.50 21.32
N LEU D 60 -15.96 -24.78 20.99
CA LEU D 60 -14.99 -25.69 21.60
C LEU D 60 -13.94 -25.92 20.52
N ALA D 61 -12.70 -25.56 20.80
CA ALA D 61 -11.62 -25.80 19.84
C ALA D 61 -11.09 -27.19 20.16
N ALA D 62 -11.37 -28.15 19.29
CA ALA D 62 -10.93 -29.52 19.51
C ALA D 62 -10.08 -30.00 18.35
N ASP D 63 -9.39 -29.05 17.71
CA ASP D 63 -8.57 -29.35 16.55
C ASP D 63 -7.07 -29.57 16.80
N GLU D 64 -6.72 -30.06 17.98
CA GLU D 64 -5.32 -30.31 18.29
C GLU D 64 -4.74 -31.29 17.28
N SER D 65 -3.53 -31.01 16.78
CA SER D 65 -2.87 -31.89 15.83
C SER D 65 -2.40 -33.13 16.59
N ILE D 66 -1.99 -34.15 15.86
CA ILE D 66 -1.53 -35.39 16.48
C ILE D 66 -0.35 -35.11 17.40
N GLY D 67 0.37 -34.03 17.14
CA GLY D 67 1.49 -33.66 17.97
C GLY D 67 1.05 -32.97 19.24
N SER D 68 0.02 -32.15 19.13
CA SER D 68 -0.52 -31.45 20.30
C SER D 68 -1.23 -32.41 21.23
N CYS D 69 -1.79 -33.48 20.66
CA CYS D 69 -2.49 -34.46 21.49
C CYS D 69 -1.49 -35.03 22.50
N THR D 70 -0.32 -35.45 22.00
CA THR D 70 0.72 -36.00 22.87
C THR D 70 0.86 -35.11 24.10
N LYS D 71 0.90 -33.79 23.88
CA LYS D 71 1.03 -32.84 24.98
C LYS D 71 -0.18 -32.89 25.92
N ARG D 72 -1.34 -33.17 25.36
CA ARG D 72 -2.57 -33.23 26.13
C ARG D 72 -2.65 -34.48 27.00
N PHE D 73 -2.27 -35.63 26.44
CA PHE D 73 -2.32 -36.87 27.19
C PHE D 73 -1.23 -36.97 28.26
N GLN D 74 -0.64 -35.84 28.66
CA GLN D 74 0.43 -35.87 29.64
C GLN D 74 0.05 -35.92 31.11
N PRO D 75 -0.63 -34.89 31.63
CA PRO D 75 -1.01 -34.93 33.04
C PRO D 75 -1.97 -36.06 33.39
N ILE D 76 -2.25 -36.92 32.42
CA ILE D 76 -3.14 -38.06 32.63
C ILE D 76 -2.47 -39.32 32.10
N GLY D 77 -1.31 -39.15 31.49
CA GLY D 77 -0.57 -40.29 30.96
C GLY D 77 -1.35 -41.29 30.13
N LEU D 78 -1.80 -40.88 28.94
CA LEU D 78 -2.54 -41.74 28.02
C LEU D 78 -1.75 -41.82 26.71
N SER D 79 -1.71 -43.00 26.08
CA SER D 79 -0.96 -43.15 24.84
C SER D 79 -1.63 -42.43 23.67
N ASN D 80 -0.83 -41.91 22.75
CA ASN D 80 -1.36 -41.19 21.59
C ASN D 80 -1.66 -42.08 20.40
N THR D 81 -2.88 -42.60 20.35
CA THR D 81 -3.32 -43.47 19.26
C THR D 81 -4.55 -42.87 18.60
N GLU D 82 -4.87 -43.33 17.39
CA GLU D 82 -6.03 -42.83 16.67
C GLU D 82 -7.29 -43.05 17.53
N GLU D 83 -7.44 -44.26 18.04
CA GLU D 83 -8.58 -44.61 18.88
C GLU D 83 -8.69 -43.78 20.14
N HIS D 84 -7.57 -43.48 20.79
CA HIS D 84 -7.59 -42.69 22.00
C HIS D 84 -7.86 -41.23 21.71
N ARG D 85 -7.51 -40.78 20.51
CA ARG D 85 -7.77 -39.41 20.12
C ARG D 85 -9.28 -39.30 19.86
N ARG D 86 -9.87 -40.36 19.33
CA ARG D 86 -11.30 -40.37 19.06
C ARG D 86 -12.06 -40.33 20.38
N GLN D 87 -11.56 -41.07 21.38
CA GLN D 87 -12.18 -41.11 22.70
C GLN D 87 -11.97 -39.77 23.39
N TYR D 88 -10.89 -39.11 23.03
CA TYR D 88 -10.56 -37.81 23.58
C TYR D 88 -11.64 -36.81 23.15
N ARG D 89 -12.04 -36.89 21.89
CA ARG D 89 -13.09 -36.00 21.39
C ARG D 89 -14.46 -36.44 21.92
N ALA D 90 -14.71 -37.74 21.86
CA ALA D 90 -15.98 -38.30 22.35
C ALA D 90 -16.28 -37.87 23.78
N LEU D 91 -15.24 -37.74 24.59
CA LEU D 91 -15.40 -37.31 25.97
C LEU D 91 -16.21 -36.03 26.08
N MET D 92 -15.86 -35.06 25.25
CA MET D 92 -16.53 -33.77 25.27
C MET D 92 -17.75 -33.67 24.37
N LEU D 93 -17.68 -34.27 23.19
CA LEU D 93 -18.81 -34.19 22.25
C LEU D 93 -20.02 -35.02 22.69
N GLU D 94 -19.81 -36.25 23.14
CA GLU D 94 -20.93 -37.07 23.61
C GLU D 94 -21.36 -36.75 25.04
N ALA D 95 -20.94 -35.60 25.55
CA ALA D 95 -21.33 -35.17 26.91
C ALA D 95 -22.72 -34.56 26.86
N GLU D 96 -23.71 -35.30 27.33
CA GLU D 96 -25.11 -34.85 27.31
C GLU D 96 -25.33 -33.42 27.80
N GLY D 97 -25.98 -32.61 26.98
CA GLY D 97 -26.28 -31.23 27.35
C GLY D 97 -25.26 -30.15 27.04
N PHE D 98 -24.12 -30.52 26.47
CA PHE D 98 -23.10 -29.52 26.15
C PHE D 98 -23.59 -28.47 25.15
N GLU D 99 -24.47 -28.88 24.24
CA GLU D 99 -25.00 -27.94 23.23
C GLU D 99 -25.65 -26.71 23.88
N GLN D 100 -25.87 -26.77 25.20
CA GLN D 100 -26.47 -25.67 25.92
C GLN D 100 -25.49 -24.49 25.99
N TYR D 101 -24.20 -24.79 26.00
CA TYR D 101 -23.15 -23.78 26.10
C TYR D 101 -22.29 -23.66 24.85
N ILE D 102 -22.27 -24.71 24.04
CA ILE D 102 -21.45 -24.74 22.83
C ILE D 102 -22.32 -24.65 21.57
N SER D 103 -22.03 -23.66 20.73
CA SER D 103 -22.78 -23.48 19.49
C SER D 103 -22.06 -24.08 18.29
N GLY D 104 -20.75 -24.30 18.43
CA GLY D 104 -19.97 -24.84 17.34
C GLY D 104 -18.72 -25.55 17.82
N VAL D 105 -18.25 -26.52 17.04
CA VAL D 105 -17.07 -27.29 17.40
C VAL D 105 -16.05 -27.29 16.26
N ILE D 106 -14.83 -26.84 16.56
CA ILE D 106 -13.77 -26.82 15.56
C ILE D 106 -13.11 -28.19 15.63
N LEU D 107 -13.31 -28.98 14.58
CA LEU D 107 -12.74 -30.32 14.55
C LEU D 107 -11.44 -30.36 13.78
N HIS D 108 -10.70 -31.44 13.98
CA HIS D 108 -9.44 -31.67 13.29
C HIS D 108 -9.80 -32.58 12.13
N ASP D 109 -9.01 -32.55 11.07
CA ASP D 109 -9.25 -33.37 9.89
C ASP D 109 -9.59 -34.81 10.25
N GLU D 110 -8.77 -35.42 11.09
CA GLU D 110 -8.98 -36.80 11.51
C GLU D 110 -10.36 -37.03 12.12
N THR D 111 -10.73 -36.18 13.08
CA THR D 111 -12.02 -36.30 13.76
C THR D 111 -13.22 -36.17 12.83
N VAL D 112 -13.07 -35.43 11.75
CA VAL D 112 -14.15 -35.26 10.79
C VAL D 112 -14.61 -36.63 10.29
N GLY D 113 -13.66 -37.48 9.95
CA GLY D 113 -14.00 -38.80 9.44
C GLY D 113 -14.21 -39.88 10.48
N GLN D 114 -14.15 -39.53 11.76
CA GLN D 114 -14.36 -40.52 12.81
C GLN D 114 -15.84 -40.57 13.20
N LYS D 115 -16.24 -41.62 13.90
CA LYS D 115 -17.62 -41.80 14.33
C LYS D 115 -17.80 -41.84 15.85
N ALA D 116 -18.93 -41.32 16.31
CA ALA D 116 -19.25 -41.34 17.73
C ALA D 116 -19.72 -42.75 18.08
N SER D 117 -19.92 -43.03 19.36
CA SER D 117 -20.36 -44.35 19.78
C SER D 117 -21.67 -44.78 19.12
N ASN D 118 -22.53 -43.82 18.80
CA ASN D 118 -23.81 -44.13 18.19
C ASN D 118 -23.73 -44.39 16.67
N GLY D 119 -22.54 -44.30 16.10
CA GLY D 119 -22.41 -44.56 14.68
C GLY D 119 -22.45 -43.37 13.76
N GLN D 120 -22.84 -42.21 14.27
CA GLN D 120 -22.88 -41.02 13.44
C GLN D 120 -21.44 -40.49 13.36
N THR D 121 -21.08 -39.90 12.23
CA THR D 121 -19.75 -39.32 12.13
C THR D 121 -19.88 -38.13 13.08
N PHE D 122 -18.77 -37.63 13.60
CA PHE D 122 -18.85 -36.52 14.54
C PHE D 122 -19.59 -35.31 13.96
N PRO D 123 -19.41 -35.02 12.67
CA PRO D 123 -20.13 -33.88 12.10
C PRO D 123 -21.65 -34.14 12.18
N GLU D 124 -22.06 -35.36 11.83
CA GLU D 124 -23.48 -35.72 11.88
C GLU D 124 -24.01 -35.63 13.30
N TYR D 125 -23.21 -36.12 14.24
CA TYR D 125 -23.58 -36.09 15.65
C TYR D 125 -23.83 -34.65 16.12
N LEU D 126 -22.92 -33.74 15.74
CA LEU D 126 -23.02 -32.32 16.10
C LEU D 126 -24.22 -31.67 15.42
N THR D 127 -24.33 -31.88 14.13
CA THR D 127 -25.43 -31.31 13.35
C THR D 127 -26.79 -31.76 13.87
N ALA D 128 -26.87 -32.97 14.39
CA ALA D 128 -28.11 -33.51 14.91
C ALA D 128 -28.52 -32.81 16.21
N ARG D 129 -27.51 -32.37 16.97
CA ARG D 129 -27.73 -31.67 18.23
C ARG D 129 -27.82 -30.16 18.05
N GLY D 130 -27.84 -29.72 16.80
CA GLY D 130 -27.92 -28.29 16.55
C GLY D 130 -26.59 -27.56 16.70
N VAL D 131 -25.50 -28.31 16.81
CA VAL D 131 -24.17 -27.73 16.95
C VAL D 131 -23.49 -27.70 15.58
N VAL D 132 -23.00 -26.52 15.20
CA VAL D 132 -22.35 -26.37 13.91
C VAL D 132 -20.99 -27.07 13.88
N PRO D 133 -20.76 -27.93 12.88
CA PRO D 133 -19.48 -28.64 12.75
C PRO D 133 -18.47 -27.71 12.07
N GLY D 134 -17.29 -27.57 12.65
CA GLY D 134 -16.27 -26.71 12.08
C GLY D 134 -14.98 -27.46 11.78
N ILE D 135 -14.08 -26.83 11.04
CA ILE D 135 -12.85 -27.52 10.68
C ILE D 135 -11.60 -26.64 10.56
N LYS D 136 -10.49 -27.10 11.16
CA LYS D 136 -9.22 -26.37 11.05
C LYS D 136 -8.68 -26.70 9.66
N THR D 137 -8.62 -25.69 8.81
CA THR D 137 -8.16 -25.89 7.45
C THR D 137 -6.71 -25.52 7.13
N ASP D 138 -6.02 -24.84 8.05
CA ASP D 138 -4.63 -24.47 7.77
C ASP D 138 -3.74 -25.71 7.82
N MET D 139 -2.55 -25.61 7.24
CA MET D 139 -1.63 -26.74 7.21
C MET D 139 -0.39 -26.55 8.09
N GLY D 140 -0.53 -25.81 9.18
CA GLY D 140 0.58 -25.63 10.09
C GLY D 140 1.51 -24.44 9.89
N LEU D 141 2.31 -24.18 10.92
CA LEU D 141 3.28 -23.09 10.92
C LEU D 141 4.62 -23.53 10.30
N CYS D 142 5.28 -22.59 9.66
CA CYS D 142 6.56 -22.82 9.01
C CYS D 142 7.37 -21.55 9.21
N PRO D 143 8.69 -21.62 9.05
CA PRO D 143 9.51 -20.42 9.23
C PRO D 143 9.10 -19.37 8.20
N LEU D 144 9.01 -18.12 8.61
CA LEU D 144 8.62 -17.04 7.70
C LEU D 144 9.64 -16.90 6.56
N LEU D 145 10.91 -17.09 6.89
CA LEU D 145 11.99 -16.97 5.90
C LEU D 145 12.12 -15.53 5.38
N GLU D 146 11.63 -14.60 6.19
CA GLU D 146 11.71 -13.17 5.91
C GLU D 146 11.61 -12.58 7.30
N GLY D 147 11.85 -11.30 7.45
CA GLY D 147 11.76 -10.70 8.78
C GLY D 147 12.81 -11.19 9.75
N ALA D 148 12.40 -11.39 11.01
CA ALA D 148 13.30 -11.84 12.06
C ALA D 148 13.21 -13.33 12.40
N GLU D 149 14.30 -13.86 12.95
CA GLU D 149 14.34 -15.26 13.33
C GLU D 149 13.25 -15.54 14.35
N GLY D 150 12.65 -16.72 14.26
CA GLY D 150 11.59 -17.09 15.19
C GLY D 150 10.20 -16.77 14.67
N GLU D 151 10.10 -15.97 13.63
CA GLU D 151 8.79 -15.62 13.07
C GLU D 151 8.31 -16.74 12.16
N GLN D 152 7.01 -16.92 12.08
CA GLN D 152 6.45 -18.01 11.29
C GLN D 152 5.25 -17.64 10.43
N MET D 153 5.11 -18.33 9.30
CA MET D 153 3.99 -18.14 8.41
C MET D 153 3.14 -19.42 8.49
N THR D 154 2.01 -19.44 7.79
CA THR D 154 1.13 -20.59 7.80
C THR D 154 0.86 -21.08 6.37
N GLU D 155 1.01 -22.38 6.15
CA GLU D 155 0.78 -22.97 4.84
C GLU D 155 -0.62 -23.54 4.70
N GLY D 156 -1.07 -23.74 3.47
CA GLY D 156 -2.38 -24.33 3.26
C GLY D 156 -3.29 -23.77 2.17
N LEU D 157 -2.87 -22.71 1.50
CA LEU D 157 -3.69 -22.12 0.45
C LEU D 157 -3.73 -22.95 -0.84
N ASP D 158 -2.67 -23.69 -1.13
CA ASP D 158 -2.67 -24.51 -2.34
C ASP D 158 -3.72 -25.62 -2.22
N GLY D 159 -4.61 -25.69 -3.20
CA GLY D 159 -5.64 -26.70 -3.19
C GLY D 159 -6.71 -26.47 -2.14
N TYR D 160 -6.76 -25.26 -1.59
CA TYR D 160 -7.72 -24.94 -0.54
C TYR D 160 -9.16 -25.28 -0.90
N VAL D 161 -9.68 -24.63 -1.95
CA VAL D 161 -11.05 -24.86 -2.35
C VAL D 161 -11.44 -26.34 -2.45
N LYS D 162 -10.57 -27.15 -3.04
CA LYS D 162 -10.82 -28.57 -3.16
C LYS D 162 -11.07 -29.18 -1.77
N ARG D 163 -10.17 -28.93 -0.82
CA ARG D 163 -10.32 -29.46 0.53
C ARG D 163 -11.59 -28.95 1.21
N ALA D 164 -11.79 -27.64 1.19
CA ALA D 164 -12.96 -27.02 1.81
C ALA D 164 -14.27 -27.59 1.29
N SER D 165 -14.37 -27.74 -0.03
CA SER D 165 -15.58 -28.27 -0.64
C SER D 165 -15.89 -29.65 -0.12
N ALA D 166 -14.84 -30.45 0.09
CA ALA D 166 -15.03 -31.81 0.60
C ALA D 166 -15.52 -31.77 2.05
N TYR D 167 -14.93 -30.88 2.85
CA TYR D 167 -15.34 -30.74 4.25
C TYR D 167 -16.79 -30.28 4.33
N TYR D 168 -17.19 -29.44 3.40
CA TYR D 168 -18.56 -28.92 3.37
C TYR D 168 -19.53 -30.07 3.09
N LYS D 169 -19.14 -30.97 2.19
CA LYS D 169 -20.00 -32.11 1.87
C LYS D 169 -20.18 -33.01 3.09
N LYS D 170 -19.20 -33.01 3.98
CA LYS D 170 -19.27 -33.83 5.18
C LYS D 170 -20.07 -33.16 6.30
N GLY D 171 -20.56 -31.94 6.06
CA GLY D 171 -21.34 -31.27 7.08
C GLY D 171 -20.73 -30.03 7.70
N CYS D 172 -19.45 -29.78 7.47
CA CYS D 172 -18.82 -28.61 8.04
C CYS D 172 -19.38 -27.34 7.40
N ARG D 173 -19.63 -26.32 8.22
CA ARG D 173 -20.16 -25.06 7.74
C ARG D 173 -19.30 -23.85 8.11
N PHE D 174 -18.22 -24.08 8.84
CA PHE D 174 -17.30 -23.01 9.22
C PHE D 174 -15.91 -23.60 9.37
N CYS D 175 -14.89 -22.74 9.33
CA CYS D 175 -13.52 -23.24 9.42
C CYS D 175 -12.64 -22.31 10.24
N LYS D 176 -11.40 -22.75 10.47
CA LYS D 176 -10.48 -21.96 11.27
C LYS D 176 -9.08 -22.04 10.69
N TRP D 177 -8.39 -20.91 10.69
CA TRP D 177 -7.03 -20.82 10.18
C TRP D 177 -6.23 -19.96 11.16
N ARG D 178 -5.09 -20.47 11.58
CA ARG D 178 -4.26 -19.76 12.55
C ARG D 178 -2.91 -19.28 12.07
N ASN D 179 -2.65 -17.99 12.25
CA ASN D 179 -1.37 -17.38 11.94
C ASN D 179 -0.90 -16.85 13.29
N VAL D 180 0.40 -16.90 13.53
CA VAL D 180 0.93 -16.43 14.80
C VAL D 180 1.93 -15.29 14.62
N TYR D 181 2.07 -14.50 15.67
CA TYR D 181 3.00 -13.38 15.66
C TYR D 181 3.75 -13.48 17.00
N LYS D 182 5.07 -13.46 16.92
CA LYS D 182 5.91 -13.57 18.12
C LYS D 182 6.54 -12.23 18.50
N ILE D 183 6.13 -11.69 19.64
CA ILE D 183 6.69 -10.43 20.10
C ILE D 183 8.11 -10.67 20.60
N GLN D 184 9.07 -9.96 20.03
CA GLN D 184 10.46 -10.10 20.42
C GLN D 184 11.05 -8.70 20.49
N ASN D 185 11.62 -8.37 21.64
CA ASN D 185 12.21 -7.05 21.83
C ASN D 185 11.14 -5.98 21.70
N GLY D 186 9.92 -6.33 22.09
CA GLY D 186 8.81 -5.40 22.05
C GLY D 186 8.25 -5.06 20.68
N THR D 187 8.62 -5.82 19.66
CA THR D 187 8.14 -5.55 18.32
C THR D 187 8.00 -6.84 17.49
N VAL D 188 7.59 -6.67 16.24
CA VAL D 188 7.40 -7.77 15.29
C VAL D 188 7.78 -7.16 13.93
N SER D 189 8.31 -7.95 13.02
CA SER D 189 8.71 -7.40 11.72
C SER D 189 7.54 -7.09 10.80
N GLU D 190 7.72 -6.11 9.93
CA GLU D 190 6.69 -5.74 8.98
C GLU D 190 6.50 -6.85 7.98
N SER D 191 7.56 -7.65 7.77
CA SER D 191 7.48 -8.78 6.84
C SER D 191 6.39 -9.72 7.35
N ALA D 192 6.40 -9.96 8.66
CA ALA D 192 5.43 -10.84 9.29
C ALA D 192 4.05 -10.19 9.30
N VAL D 193 4.01 -8.92 9.68
CA VAL D 193 2.73 -8.19 9.76
C VAL D 193 2.03 -8.16 8.40
N ARG D 194 2.78 -7.91 7.34
CA ARG D 194 2.18 -7.85 6.01
C ARG D 194 1.83 -9.23 5.47
N PHE D 195 2.79 -10.14 5.50
CA PHE D 195 2.59 -11.46 4.94
C PHE D 195 1.52 -12.33 5.60
N ASN D 196 1.47 -12.34 6.93
CA ASN D 196 0.47 -13.15 7.60
C ASN D 196 -0.94 -12.58 7.44
N ALA D 197 -1.05 -11.27 7.29
CA ALA D 197 -2.35 -10.65 7.10
C ALA D 197 -2.88 -11.01 5.71
N GLU D 198 -2.00 -11.01 4.71
CA GLU D 198 -2.40 -11.37 3.35
C GLU D 198 -2.84 -12.82 3.30
N THR D 199 -2.15 -13.66 4.06
CA THR D 199 -2.46 -15.10 4.11
C THR D 199 -3.85 -15.29 4.70
N LEU D 200 -4.13 -14.60 5.79
CA LEU D 200 -5.42 -14.70 6.46
C LEU D 200 -6.55 -14.18 5.57
N ALA D 201 -6.29 -13.07 4.88
CA ALA D 201 -7.30 -12.49 3.99
C ALA D 201 -7.66 -13.43 2.85
N ARG D 202 -6.63 -13.99 2.19
CA ARG D 202 -6.85 -14.91 1.09
C ARG D 202 -7.63 -16.12 1.58
N TYR D 203 -7.25 -16.60 2.76
CA TYR D 203 -7.90 -17.74 3.38
C TYR D 203 -9.39 -17.44 3.57
N ALA D 204 -9.72 -16.23 4.03
CA ALA D 204 -11.11 -15.86 4.27
C ALA D 204 -11.93 -15.97 2.98
N ILE D 205 -11.39 -15.42 1.90
CA ILE D 205 -12.05 -15.44 0.61
C ILE D 205 -12.26 -16.87 0.08
N LEU D 206 -11.22 -17.69 0.08
CA LEU D 206 -11.37 -19.06 -0.43
C LEU D 206 -12.38 -19.84 0.41
N SER D 207 -12.43 -19.57 1.71
CA SER D 207 -13.36 -20.24 2.61
C SER D 207 -14.80 -19.91 2.22
N GLN D 208 -15.12 -18.63 2.17
CA GLN D 208 -16.46 -18.17 1.83
C GLN D 208 -16.93 -18.67 0.47
N MET D 209 -16.00 -18.78 -0.48
CA MET D 209 -16.32 -19.26 -1.81
C MET D 209 -16.66 -20.76 -1.77
N SER D 210 -16.17 -21.43 -0.72
CA SER D 210 -16.40 -22.86 -0.56
C SER D 210 -17.57 -23.15 0.37
N GLY D 211 -18.19 -22.08 0.87
CA GLY D 211 -19.33 -22.23 1.74
C GLY D 211 -19.03 -22.41 3.22
N LEU D 212 -17.84 -22.06 3.66
CA LEU D 212 -17.48 -22.19 5.07
C LEU D 212 -17.24 -20.82 5.69
N VAL D 213 -17.84 -20.55 6.84
CA VAL D 213 -17.63 -19.27 7.51
C VAL D 213 -16.21 -19.27 8.07
N PRO D 214 -15.37 -18.34 7.62
CA PRO D 214 -13.99 -18.30 8.12
C PRO D 214 -13.76 -17.65 9.46
N ILE D 215 -13.06 -18.37 10.35
CA ILE D 215 -12.68 -17.83 11.64
C ILE D 215 -11.25 -17.39 11.39
N VAL D 216 -11.01 -16.08 11.37
CA VAL D 216 -9.68 -15.54 11.12
C VAL D 216 -8.96 -15.39 12.45
N GLU D 217 -7.91 -16.18 12.63
CA GLU D 217 -7.15 -16.16 13.88
C GLU D 217 -5.74 -15.60 13.80
N PRO D 218 -5.56 -14.32 14.11
CA PRO D 218 -4.23 -13.68 14.08
C PRO D 218 -3.77 -13.62 15.54
N GLU D 219 -3.12 -14.68 15.99
CA GLU D 219 -2.69 -14.73 17.38
C GLU D 219 -1.34 -14.10 17.69
N VAL D 220 -1.38 -13.05 18.50
CA VAL D 220 -0.17 -12.40 18.95
C VAL D 220 0.11 -13.21 20.22
N MET D 221 1.10 -14.09 20.13
CA MET D 221 1.43 -14.96 21.23
C MET D 221 1.81 -14.31 22.56
N ILE D 222 1.40 -14.98 23.63
CA ILE D 222 1.64 -14.52 24.99
C ILE D 222 3.10 -14.72 25.42
N ASP D 223 3.85 -15.53 24.67
CA ASP D 223 5.25 -15.80 24.97
C ASP D 223 6.10 -14.54 25.04
N GLY D 224 6.90 -14.41 26.09
CA GLY D 224 7.75 -13.24 26.21
C GLY D 224 7.63 -12.48 27.52
N LYS D 225 8.58 -11.58 27.73
CA LYS D 225 8.64 -10.77 28.95
C LYS D 225 7.98 -9.41 28.81
N HIS D 226 7.31 -9.18 27.68
CA HIS D 226 6.66 -7.88 27.46
C HIS D 226 5.50 -7.64 28.44
N ASP D 227 5.18 -6.37 28.66
CA ASP D 227 4.08 -6.02 29.53
C ASP D 227 2.81 -5.86 28.70
N ILE D 228 1.69 -5.61 29.38
CA ILE D 228 0.40 -5.47 28.73
C ILE D 228 0.35 -4.32 27.70
N ASP D 229 1.15 -3.29 27.92
CA ASP D 229 1.14 -2.16 26.99
C ASP D 229 1.82 -2.52 25.68
N THR D 230 2.84 -3.36 25.75
CA THR D 230 3.54 -3.79 24.55
C THR D 230 2.57 -4.69 23.78
N CYS D 231 1.93 -5.61 24.48
CA CYS D 231 0.98 -6.50 23.84
C CYS D 231 -0.09 -5.66 23.16
N GLN D 232 -0.59 -4.64 23.85
CA GLN D 232 -1.61 -3.76 23.29
C GLN D 232 -1.14 -3.08 22.00
N ARG D 233 0.09 -2.58 22.00
CA ARG D 233 0.64 -1.92 20.83
C ARG D 233 0.76 -2.86 19.64
N VAL D 234 1.41 -4.01 19.86
CA VAL D 234 1.59 -4.98 18.79
C VAL D 234 0.27 -5.57 18.29
N SER D 235 -0.64 -5.86 19.21
CA SER D 235 -1.93 -6.43 18.81
C SER D 235 -2.68 -5.48 17.89
N GLU D 236 -2.68 -4.20 18.24
CA GLU D 236 -3.38 -3.22 17.42
C GLU D 236 -2.74 -3.12 16.02
N HIS D 237 -1.41 -3.11 16.01
CA HIS D 237 -0.64 -3.01 14.76
C HIS D 237 -0.86 -4.26 13.88
N VAL D 238 -0.86 -5.43 14.50
CA VAL D 238 -1.07 -6.67 13.77
C VAL D 238 -2.51 -6.76 13.26
N TRP D 239 -3.48 -6.46 14.13
CA TRP D 239 -4.88 -6.57 13.75
C TRP D 239 -5.34 -5.59 12.67
N ARG D 240 -4.89 -4.35 12.73
CA ARG D 240 -5.33 -3.40 11.72
C ARG D 240 -4.86 -3.77 10.32
N GLU D 241 -3.74 -4.50 10.22
CA GLU D 241 -3.25 -4.89 8.90
C GLU D 241 -4.06 -6.09 8.38
N VAL D 242 -4.58 -6.89 9.29
CA VAL D 242 -5.40 -8.02 8.93
C VAL D 242 -6.69 -7.44 8.30
N VAL D 243 -7.20 -6.37 8.93
CA VAL D 243 -8.39 -5.70 8.43
C VAL D 243 -8.13 -5.09 7.06
N ALA D 244 -6.98 -4.44 6.89
CA ALA D 244 -6.62 -3.83 5.61
C ALA D 244 -6.53 -4.89 4.52
N ALA D 245 -5.99 -6.06 4.86
CA ALA D 245 -5.86 -7.15 3.89
C ALA D 245 -7.24 -7.66 3.51
N LEU D 246 -8.11 -7.81 4.51
CA LEU D 246 -9.46 -8.27 4.28
C LEU D 246 -10.23 -7.33 3.35
N GLN D 247 -10.04 -6.02 3.52
CA GLN D 247 -10.70 -5.04 2.65
C GLN D 247 -10.15 -5.15 1.22
N ARG D 248 -8.84 -5.40 1.09
CA ARG D 248 -8.22 -5.53 -0.23
C ARG D 248 -8.77 -6.72 -0.99
N HIS D 249 -9.00 -7.82 -0.28
CA HIS D 249 -9.50 -9.04 -0.89
C HIS D 249 -11.03 -9.07 -0.97
N GLY D 250 -11.67 -8.05 -0.41
CA GLY D 250 -13.12 -7.93 -0.46
C GLY D 250 -13.94 -8.99 0.24
N VAL D 251 -13.59 -9.28 1.49
CA VAL D 251 -14.29 -10.28 2.30
C VAL D 251 -15.75 -9.88 2.58
N ILE D 252 -16.59 -10.88 2.83
CA ILE D 252 -17.98 -10.57 3.19
C ILE D 252 -17.95 -10.42 4.71
N TRP D 253 -17.96 -9.18 5.19
CA TRP D 253 -17.89 -8.93 6.63
C TRP D 253 -18.97 -9.61 7.45
N GLU D 254 -20.18 -9.64 6.91
CA GLU D 254 -21.31 -10.26 7.59
C GLU D 254 -21.11 -11.76 7.71
N GLY D 255 -20.18 -12.30 6.91
CA GLY D 255 -19.92 -13.73 6.92
C GLY D 255 -18.62 -14.27 7.50
N CYS D 256 -17.97 -13.52 8.38
CA CYS D 256 -16.72 -14.00 8.99
C CYS D 256 -16.69 -13.73 10.48
N LEU D 257 -15.71 -14.31 11.15
CA LEU D 257 -15.54 -14.16 12.59
C LEU D 257 -14.06 -14.03 12.89
N LEU D 258 -13.73 -13.26 13.93
CA LEU D 258 -12.35 -13.06 14.33
C LEU D 258 -12.06 -13.86 15.59
N LYS D 259 -10.87 -14.46 15.64
CA LYS D 259 -10.43 -15.24 16.81
C LYS D 259 -9.09 -14.67 17.26
N PRO D 260 -9.13 -13.59 18.04
CA PRO D 260 -7.90 -12.96 18.54
C PRO D 260 -7.45 -13.40 19.92
N ASN D 261 -6.27 -12.93 20.30
CA ASN D 261 -5.71 -13.18 21.63
C ASN D 261 -6.25 -12.03 22.46
N MET D 262 -6.32 -12.20 23.78
CA MET D 262 -6.76 -11.11 24.63
C MET D 262 -5.51 -10.27 24.85
N VAL D 263 -5.67 -8.98 25.19
CA VAL D 263 -4.51 -8.15 25.44
C VAL D 263 -4.13 -8.37 26.90
N VAL D 264 -3.03 -9.08 27.10
CA VAL D 264 -2.56 -9.40 28.44
C VAL D 264 -1.04 -9.35 28.48
N PRO D 265 -0.47 -9.21 29.70
CA PRO D 265 1.00 -9.17 29.80
C PRO D 265 1.61 -10.48 29.35
N GLY D 266 2.91 -10.45 29.01
CA GLY D 266 3.59 -11.66 28.56
C GLY D 266 3.65 -12.75 29.63
N ALA D 267 3.73 -14.00 29.17
CA ALA D 267 3.77 -15.16 30.07
C ALA D 267 5.01 -15.22 30.96
N GLU D 268 6.11 -14.64 30.49
CA GLU D 268 7.35 -14.64 31.26
C GLU D 268 7.68 -13.25 31.78
N SER D 269 6.66 -12.42 31.98
CA SER D 269 6.90 -11.06 32.47
C SER D 269 6.79 -10.98 34.00
N GLY D 270 6.14 -11.97 34.60
CA GLY D 270 5.98 -11.97 36.04
C GLY D 270 4.92 -11.00 36.53
N LYS D 271 4.26 -10.30 35.61
CA LYS D 271 3.21 -9.34 35.98
C LYS D 271 1.81 -9.88 35.68
N THR D 272 0.83 -9.51 36.48
CA THR D 272 -0.54 -9.95 36.26
C THR D 272 -1.43 -8.74 36.04
N ALA D 273 -2.56 -8.94 35.37
CA ALA D 273 -3.47 -7.85 35.11
C ALA D 273 -4.85 -8.19 35.65
N ALA D 274 -5.51 -7.19 36.23
CA ALA D 274 -6.85 -7.38 36.76
C ALA D 274 -7.83 -7.51 35.60
N PRO D 275 -8.86 -8.38 35.74
CA PRO D 275 -9.84 -8.56 34.68
C PRO D 275 -10.30 -7.26 34.05
N GLU D 276 -10.58 -6.26 34.89
CA GLU D 276 -11.02 -4.96 34.37
C GLU D 276 -10.01 -4.39 33.39
N GLN D 277 -8.72 -4.58 33.68
CA GLN D 277 -7.65 -4.07 32.83
C GLN D 277 -7.56 -4.84 31.51
N VAL D 278 -7.66 -6.16 31.57
CA VAL D 278 -7.61 -6.96 30.36
C VAL D 278 -8.79 -6.60 29.45
N ALA D 279 -9.98 -6.49 30.03
CA ALA D 279 -11.16 -6.13 29.27
C ALA D 279 -11.00 -4.74 28.64
N HIS D 280 -10.44 -3.80 29.41
CA HIS D 280 -10.23 -2.45 28.90
C HIS D 280 -9.28 -2.43 27.69
N TYR D 281 -8.10 -3.01 27.86
CA TYR D 281 -7.10 -3.06 26.80
C TYR D 281 -7.56 -3.87 25.59
N THR D 282 -8.14 -5.05 25.85
CA THR D 282 -8.62 -5.94 24.80
C THR D 282 -9.76 -5.33 23.99
N VAL D 283 -10.74 -4.75 24.68
CA VAL D 283 -11.88 -4.16 24.00
C VAL D 283 -11.51 -2.88 23.26
N MET D 284 -10.58 -2.10 23.83
CA MET D 284 -10.13 -0.86 23.20
C MET D 284 -9.39 -1.14 21.88
N THR D 285 -8.50 -2.12 21.91
CA THR D 285 -7.73 -2.50 20.73
C THR D 285 -8.68 -2.95 19.62
N LEU D 286 -9.58 -3.87 19.94
CA LEU D 286 -10.54 -4.35 18.95
C LEU D 286 -11.31 -3.20 18.31
N ALA D 287 -11.90 -2.35 19.13
CA ALA D 287 -12.69 -1.22 18.62
C ALA D 287 -11.85 -0.29 17.75
N ARG D 288 -10.58 -0.16 18.08
CA ARG D 288 -9.70 0.72 17.33
C ARG D 288 -9.26 0.16 15.97
N THR D 289 -9.45 -1.14 15.77
CA THR D 289 -9.03 -1.81 14.54
C THR D 289 -10.12 -2.51 13.72
N MET D 290 -11.12 -3.07 14.39
CA MET D 290 -12.17 -3.82 13.70
C MET D 290 -13.37 -3.01 13.20
N PRO D 291 -13.83 -3.32 11.97
CA PRO D 291 -14.99 -2.63 11.41
C PRO D 291 -16.19 -2.97 12.29
N ALA D 292 -17.10 -2.02 12.50
CA ALA D 292 -18.26 -2.26 13.34
C ALA D 292 -19.16 -3.39 12.83
N MET D 293 -19.01 -3.77 11.56
CA MET D 293 -19.83 -4.83 10.99
C MET D 293 -19.39 -6.23 11.41
N LEU D 294 -18.12 -6.39 11.80
CA LEU D 294 -17.64 -7.70 12.22
C LEU D 294 -18.68 -8.29 13.16
N PRO D 295 -19.24 -9.45 12.82
CA PRO D 295 -20.27 -10.15 13.61
C PRO D 295 -19.84 -10.59 15.00
N GLY D 296 -18.68 -11.24 15.09
CA GLY D 296 -18.24 -11.70 16.40
C GLY D 296 -16.75 -11.88 16.59
N VAL D 297 -16.36 -11.96 17.84
CA VAL D 297 -14.97 -12.12 18.23
C VAL D 297 -14.99 -13.28 19.21
N MET D 298 -14.37 -14.38 18.81
CA MET D 298 -14.33 -15.57 19.65
C MET D 298 -12.89 -15.73 20.15
N PHE D 299 -12.64 -15.26 21.37
CA PHE D 299 -11.30 -15.31 21.96
C PHE D 299 -10.66 -16.69 22.10
N LEU D 300 -9.35 -16.74 21.86
CA LEU D 300 -8.60 -17.97 22.05
C LEU D 300 -8.09 -17.84 23.49
N SER D 301 -7.90 -18.95 24.19
CA SER D 301 -7.42 -18.87 25.58
C SER D 301 -5.90 -18.69 25.62
N GLY D 302 -5.24 -19.29 24.63
CA GLY D 302 -3.80 -19.21 24.46
C GLY D 302 -2.82 -19.00 25.61
N GLY D 303 -2.89 -19.81 26.65
CA GLY D 303 -1.96 -19.64 27.74
C GLY D 303 -2.56 -19.18 29.05
N LEU D 304 -3.74 -18.57 28.99
CA LEU D 304 -4.43 -18.11 30.19
C LEU D 304 -4.95 -19.35 30.90
N SER D 305 -5.16 -19.26 32.21
CA SER D 305 -5.66 -20.42 32.95
C SER D 305 -7.16 -20.54 32.73
N GLU D 306 -7.72 -21.68 33.12
CA GLU D 306 -9.16 -21.90 32.96
C GLU D 306 -9.98 -20.79 33.61
N VAL D 307 -9.58 -20.36 34.80
CA VAL D 307 -10.30 -19.30 35.51
C VAL D 307 -10.04 -17.95 34.89
N GLN D 308 -8.80 -17.72 34.45
CA GLN D 308 -8.47 -16.43 33.83
C GLN D 308 -9.35 -16.25 32.61
N ALA D 309 -9.42 -17.30 31.80
CA ALA D 309 -10.21 -17.32 30.57
C ALA D 309 -11.65 -16.89 30.83
N SER D 310 -12.21 -17.38 31.93
CA SER D 310 -13.59 -17.04 32.29
C SER D 310 -13.69 -15.63 32.85
N GLU D 311 -12.85 -15.30 33.81
CA GLU D 311 -12.87 -13.97 34.42
C GLU D 311 -12.66 -12.85 33.40
N TYR D 312 -11.70 -13.06 32.50
CA TYR D 312 -11.42 -12.05 31.49
C TYR D 312 -12.58 -11.84 30.55
N LEU D 313 -13.10 -12.93 29.98
CA LEU D 313 -14.24 -12.85 29.06
C LEU D 313 -15.41 -12.16 29.75
N ASN D 314 -15.64 -12.51 31.01
CA ASN D 314 -16.74 -11.91 31.78
C ASN D 314 -16.55 -10.41 31.92
N ALA D 315 -15.35 -10.00 32.28
CA ALA D 315 -15.05 -8.58 32.45
C ALA D 315 -15.19 -7.89 31.10
N ILE D 316 -14.85 -8.62 30.03
CA ILE D 316 -14.95 -8.06 28.68
C ILE D 316 -16.42 -7.79 28.31
N ASN D 317 -17.33 -8.65 28.74
CA ASN D 317 -18.76 -8.47 28.43
C ASN D 317 -19.44 -7.56 29.45
N ASN D 318 -18.62 -6.78 30.16
CA ASN D 318 -19.10 -5.84 31.15
C ASN D 318 -18.40 -4.50 30.90
N SER D 319 -17.63 -4.44 29.81
CA SER D 319 -16.92 -3.22 29.45
C SER D 319 -17.83 -2.13 28.93
N PRO D 320 -17.60 -0.89 29.36
CA PRO D 320 -18.41 0.24 28.91
C PRO D 320 -17.94 0.81 27.57
N LEU D 321 -16.85 0.25 27.04
CA LEU D 321 -16.31 0.71 25.76
C LEU D 321 -17.14 0.15 24.62
N PRO D 322 -17.08 0.81 23.44
CA PRO D 322 -17.87 0.29 22.32
C PRO D 322 -17.42 -1.12 21.90
N ARG D 323 -18.40 -1.98 21.68
CA ARG D 323 -18.19 -3.36 21.26
C ARG D 323 -19.49 -3.87 20.62
N PRO D 324 -19.78 -3.42 19.39
CA PRO D 324 -20.99 -3.82 18.67
C PRO D 324 -21.07 -5.31 18.37
N TYR D 325 -19.93 -5.95 18.26
CA TYR D 325 -19.88 -7.38 17.97
C TYR D 325 -20.03 -8.32 19.15
N PHE D 326 -20.42 -9.54 18.83
CA PHE D 326 -20.60 -10.61 19.80
C PHE D 326 -19.21 -10.96 20.33
N LEU D 327 -19.05 -10.94 21.65
CA LEU D 327 -17.78 -11.26 22.27
C LEU D 327 -17.93 -12.53 23.07
N SER D 328 -17.30 -13.60 22.60
CA SER D 328 -17.39 -14.88 23.29
C SER D 328 -16.07 -15.63 23.31
N PHE D 329 -16.14 -16.94 23.37
CA PHE D 329 -14.96 -17.79 23.43
C PHE D 329 -14.85 -18.87 22.38
N SER D 330 -13.62 -19.30 22.16
CA SER D 330 -13.31 -20.37 21.22
C SER D 330 -12.09 -20.98 21.90
N TYR D 331 -12.35 -21.61 23.04
CA TYR D 331 -11.31 -22.20 23.87
C TYR D 331 -10.99 -23.66 23.63
N ALA D 332 -9.71 -23.99 23.79
CA ALA D 332 -9.26 -25.37 23.66
C ALA D 332 -8.80 -25.75 25.08
N ARG D 333 -7.61 -25.29 25.45
CA ARG D 333 -7.06 -25.57 26.76
C ARG D 333 -7.96 -25.14 27.92
N ALA D 334 -8.51 -23.93 27.84
CA ALA D 334 -9.37 -23.41 28.90
C ALA D 334 -10.71 -24.16 29.11
N LEU D 335 -11.00 -25.14 28.26
CA LEU D 335 -12.23 -25.93 28.38
C LEU D 335 -11.90 -27.42 28.55
N GLN D 336 -10.64 -27.77 28.37
CA GLN D 336 -10.24 -29.18 28.46
C GLN D 336 -9.35 -29.61 29.62
N SER D 337 -8.55 -28.68 30.15
CA SER D 337 -7.63 -29.00 31.26
C SER D 337 -8.24 -29.90 32.32
N SER D 338 -9.23 -29.38 33.03
CA SER D 338 -9.88 -30.14 34.10
C SER D 338 -10.60 -31.40 33.62
N ALA D 339 -11.31 -31.29 32.51
CA ALA D 339 -12.05 -32.43 31.97
C ALA D 339 -11.13 -33.61 31.68
N LEU D 340 -9.94 -33.31 31.16
CA LEU D 340 -8.96 -34.34 30.84
C LEU D 340 -8.38 -35.01 32.09
N LYS D 341 -8.07 -34.21 33.10
CA LYS D 341 -7.52 -34.74 34.35
C LYS D 341 -8.53 -35.67 35.02
N ALA D 342 -9.72 -35.14 35.30
CA ALA D 342 -10.78 -35.92 35.92
C ALA D 342 -11.09 -37.20 35.15
N TRP D 343 -10.95 -37.15 33.83
CA TRP D 343 -11.22 -38.29 32.96
C TRP D 343 -10.12 -39.35 33.04
N GLY D 344 -8.88 -38.90 33.13
CA GLY D 344 -7.75 -39.82 33.24
C GLY D 344 -7.59 -40.78 32.07
N GLY D 345 -8.37 -40.59 31.01
CA GLY D 345 -8.27 -41.47 29.86
C GLY D 345 -8.94 -42.82 30.05
N LYS D 346 -9.71 -42.95 31.13
CA LYS D 346 -10.41 -44.20 31.43
C LYS D 346 -11.92 -44.05 31.30
N GLU D 347 -12.61 -45.14 30.99
CA GLU D 347 -14.06 -45.10 30.86
C GLU D 347 -14.70 -44.63 32.17
N SER D 348 -14.26 -45.21 33.28
CA SER D 348 -14.79 -44.85 34.59
C SER D 348 -14.63 -43.36 34.88
N GLY D 349 -13.78 -42.70 34.11
CA GLY D 349 -13.56 -41.27 34.31
C GLY D 349 -14.44 -40.38 33.45
N LEU D 350 -15.22 -40.97 32.55
CA LEU D 350 -16.09 -40.21 31.66
C LEU D 350 -17.08 -39.33 32.42
N ALA D 351 -17.83 -39.94 33.33
CA ALA D 351 -18.81 -39.21 34.12
C ALA D 351 -18.19 -37.99 34.79
N ALA D 352 -17.05 -38.17 35.44
CA ALA D 352 -16.38 -37.07 36.13
C ALA D 352 -15.76 -36.10 35.13
N GLY D 353 -15.20 -36.63 34.05
CA GLY D 353 -14.59 -35.79 33.03
C GLY D 353 -15.68 -34.92 32.44
N ARG D 354 -16.78 -35.56 32.05
CA ARG D 354 -17.89 -34.81 31.46
C ARG D 354 -18.45 -33.77 32.41
N ARG D 355 -18.46 -34.07 33.71
CA ARG D 355 -18.97 -33.11 34.69
C ARG D 355 -18.04 -31.89 34.72
N ALA D 356 -16.74 -32.17 34.72
CA ALA D 356 -15.73 -31.12 34.76
C ALA D 356 -15.85 -30.23 33.52
N PHE D 357 -16.02 -30.86 32.36
CA PHE D 357 -16.15 -30.14 31.09
C PHE D 357 -17.35 -29.19 31.06
N LEU D 358 -18.53 -29.72 31.40
CA LEU D 358 -19.75 -28.91 31.39
C LEU D 358 -19.66 -27.73 32.35
N HIS D 359 -18.98 -27.92 33.48
CA HIS D 359 -18.84 -26.85 34.44
C HIS D 359 -18.06 -25.69 33.82
N ARG D 360 -16.93 -26.00 33.20
CA ARG D 360 -16.10 -24.98 32.55
C ARG D 360 -16.91 -24.34 31.43
N ALA D 361 -17.69 -25.15 30.72
CA ALA D 361 -18.52 -24.66 29.64
C ALA D 361 -19.58 -23.71 30.20
N ARG D 362 -20.16 -24.08 31.34
CA ARG D 362 -21.19 -23.25 31.95
C ARG D 362 -20.61 -21.92 32.43
N MET D 363 -19.43 -21.96 33.01
CA MET D 363 -18.78 -20.75 33.50
C MET D 363 -18.53 -19.76 32.36
N ASN D 364 -18.00 -20.27 31.25
CA ASN D 364 -17.70 -19.44 30.09
C ASN D 364 -18.98 -18.96 29.43
N SER D 365 -20.02 -19.80 29.49
CA SER D 365 -21.32 -19.45 28.94
C SER D 365 -21.85 -18.23 29.70
N MET D 366 -21.68 -18.24 31.01
CA MET D 366 -22.12 -17.14 31.85
C MET D 366 -21.22 -15.92 31.69
N ALA D 367 -19.94 -16.17 31.41
CA ALA D 367 -18.99 -15.10 31.20
C ALA D 367 -19.41 -14.33 29.94
N GLN D 368 -19.84 -15.07 28.93
CA GLN D 368 -20.28 -14.47 27.68
C GLN D 368 -21.43 -13.52 28.01
N LEU D 369 -22.28 -13.95 28.94
CA LEU D 369 -23.44 -13.16 29.37
C LEU D 369 -23.10 -12.10 30.42
N GLY D 370 -21.84 -12.05 30.81
CA GLY D 370 -21.41 -11.08 31.81
C GLY D 370 -21.93 -11.37 33.21
N LYS D 371 -22.28 -12.61 33.49
CA LYS D 371 -22.80 -13.00 34.80
C LYS D 371 -21.94 -14.05 35.49
N TYR D 372 -20.69 -14.14 35.08
CA TYR D 372 -19.78 -15.11 35.69
C TYR D 372 -19.59 -14.73 37.16
N LYS D 373 -19.49 -15.73 38.02
CA LYS D 373 -19.30 -15.52 39.44
C LYS D 373 -18.08 -16.34 39.87
N ARG D 374 -17.02 -15.66 40.28
CA ARG D 374 -15.80 -16.36 40.68
C ARG D 374 -16.03 -17.37 41.80
N SER D 375 -16.96 -17.07 42.71
CA SER D 375 -17.24 -17.97 43.81
C SER D 375 -17.65 -19.35 43.28
N ASP D 376 -18.20 -19.38 42.08
CA ASP D 376 -18.64 -20.64 41.47
C ASP D 376 -17.44 -21.54 41.15
N ASP D 377 -16.26 -20.93 41.04
CA ASP D 377 -15.05 -21.72 40.77
C ASP D 377 -14.25 -21.95 42.05
N ASP D 378 -14.83 -21.57 43.18
CA ASP D 378 -14.20 -21.76 44.48
C ASP D 378 -14.50 -23.16 45.00
C1 M2P E . -22.53 20.85 5.44
C5 M2P E . -19.82 24.24 3.80
C6 M2P E . -19.28 24.53 2.40
C4 M2P E . -20.27 22.78 3.94
C3 M2P E . -20.54 22.43 5.40
C2 M2P E . -21.01 20.99 5.59
O12 M2P E . -25.14 22.33 3.38
P1 M2P E . -24.48 20.88 3.68
O13 M2P E . -25.22 20.32 4.99
O11 M2P E . -24.57 19.96 2.52
O1 M2P E . -22.96 21.18 4.11
O2 M2P E . -20.37 20.13 4.65
O3 M2P E . -19.35 22.62 6.16
O4 M2P E . -19.24 21.93 3.42
O5 M2P E . -20.95 25.10 4.06
O6 M2P E . -18.62 25.79 2.35
P6 M2P E . -17.65 26.17 1.12
O62 M2P E . -17.11 27.65 1.45
O63 M2P E . -18.58 26.29 -0.20
O61 M2P E . -16.55 25.20 0.95
C1 M2P F . 7.81 -19.95 -22.80
C5 M2P F . 5.59 -23.37 -20.51
C6 M2P F . 4.10 -23.58 -20.20
C4 M2P F . 5.85 -21.90 -20.87
C3 M2P F . 7.36 -21.64 -20.94
C2 M2P F . 7.68 -20.18 -21.29
O12 M2P F . 7.86 -19.43 -25.57
P1 M2P F . 6.40 -19.78 -25.00
O13 M2P F . 5.63 -18.37 -24.86
O11 M2P F . 5.67 -20.74 -25.85
O1 M2P F . 6.62 -20.31 -23.50
O2 M2P F . 6.64 -19.33 -20.79
O3 M2P F . 7.97 -21.95 -19.68
O4 M2P F . 5.27 -21.06 -19.88
O5 M2P F . 5.96 -24.20 -21.62
O6 M2P F . 3.88 -24.90 -19.68
P6 M2P F . 2.44 -25.27 -19.06
O62 M2P F . 2.40 -26.89 -19.03
O63 M2P F . 1.32 -24.80 -20.12
O61 M2P F . 2.23 -24.69 -17.71
C1 M2P G . 22.69 20.97 -2.51
C5 M2P G . 20.12 24.36 -0.51
C6 M2P G . 19.41 24.54 0.82
C4 M2P G . 20.36 22.88 -0.79
C3 M2P G . 20.82 22.64 -2.23
C2 M2P G . 21.17 21.18 -2.47
O12 M2P G . 25.49 20.51 -2.28
P1 M2P G . 24.80 21.08 -0.94
O13 M2P G . 24.62 19.80 0.03
O11 M2P G . 25.59 22.17 -0.31
O1 M2P G . 23.31 21.52 -1.34
O2 M2P G . 20.61 20.35 -1.45
O3 M2P G . 19.79 23.05 -3.13
O4 M2P G . 19.14 22.16 -0.57
O5 M2P G . 21.37 25.04 -0.47
O6 M2P G . 19.05 25.91 1.04
P6 M2P G . 18.00 26.28 2.22
O62 M2P G . 18.45 27.75 2.72
O63 M2P G . 18.28 25.27 3.43
O61 M2P G . 16.60 26.25 1.75
C1 M2P H . -7.40 -21.87 20.56
C5 M2P H . -4.98 -25.32 18.04
C6 M2P H . -3.61 -25.59 17.39
C4 M2P H . -5.20 -23.81 18.17
C3 M2P H . -6.52 -23.51 18.89
C2 M2P H . -6.64 -22.03 19.23
O12 M2P H . -7.74 -21.51 23.65
P1 M2P H . -6.39 -22.10 23.01
O13 M2P H . -5.44 -20.83 22.72
O11 M2P H . -5.73 -23.12 23.86
O1 M2P H . -6.80 -22.68 21.56
O2 M2P H . -5.35 -21.43 19.34
O3 M2P H . -7.60 -23.90 18.03
O4 M2P H . -5.20 -23.20 16.87
O5 M2P H . -5.03 -25.94 19.32
O6 M2P H . -3.31 -26.98 17.39
P6 M2P H . -1.94 -27.47 16.70
O62 M2P H . -2.13 -27.19 15.13
O63 M2P H . -1.89 -29.06 16.90
O61 M2P H . -0.75 -26.80 17.27
#